data_6LZ3
#
_entry.id   6LZ3
#
_cell.length_a   1.00
_cell.length_b   1.00
_cell.length_c   1.00
_cell.angle_alpha   90.00
_cell.angle_beta   90.00
_cell.angle_gamma   90.00
#
_symmetry.space_group_name_H-M   'P 1'
#
loop_
_entity.id
_entity.type
_entity.pdbx_description
1 polymer Cryptochrome2
2 non-polymer 'FLAVIN-ADENINE DINUCLEOTIDE'
#
_entity_poly.entity_id   1
_entity_poly.type   'polypeptide(L)'
_entity_poly.pdbx_seq_one_letter_code
;MRIVVWFRRDLRVEDNPALAAAARAGGEVVPAYVWSPEEEGPYYPGRVSRWWISQSLNHLDASLRRLGAGKLVTRRSADA
AVALLQLVRDTGATHVYFNHLYDPISLVRDRRLKEMLAAEGIVVQSFNSDLLYEPWEVVDDEGQPFTMFDPFWNRCLSMP
YDPPAPLLPPKRINSGDLSMCPSEDLIFEDESERGSNALLARAWTPGWQNADKALTAFLNGPLADYSVNRKKADSASTSL
LSPHLHFGELSVRKVFHLVRMKQLVWSNEGNHAAEESCTLFLRSIGLREYSRYLSFNHPSSHERPLLAHLRFFPWVVDES
YFKIWRQGRTGYPLVDAGMRELWATGWLHDRIRVVVASFFVKVLQLPARWGMKYFWDTLLDADLESDALGWQYITGSLPD
GRELDRIDNPQFEGYKFDPHGEYVRRWIPELARLPTEWIHHPWDAPVSVLQAAGIELGSNYPLPIVELDAAKGRLQAALS
EMWQLEAASRATMNNGTEEGLGDSSEVLFPQELQMEVDRQPAPAEAAANVHVHVPMPARRRGDQMVPTMTTSSLNRAGTE
VSADLVVANSEEEDTRAQVPFHAHLHLHPRAEAPPAARRTNNGARQHDVFQQRRNHRRDALLAPSASEASSSWTGREGAV
VPVWSPPAASGHSDAFAADEADVSSRSYLGRHPQSHRLMNWSQLSQSS
;
_entity_poly.pdbx_strand_id   A,B,C,D
#
loop_
_chem_comp.id
_chem_comp.type
_chem_comp.name
_chem_comp.formula
FAD non-polymer 'FLAVIN-ADENINE DINUCLEOTIDE' 'C27 H33 N9 O15 P2'
#
# COMPACT_ATOMS: atom_id res chain seq x y z
N MET A 1 -12.06 47.69 3.02
CA MET A 1 -12.31 49.10 2.76
C MET A 1 -11.61 50.02 3.75
N ARG A 2 -10.74 49.44 4.58
CA ARG A 2 -9.92 50.25 5.47
C ARG A 2 -8.44 50.18 5.07
N ILE A 3 -7.87 48.99 4.95
CA ILE A 3 -6.47 48.83 4.56
C ILE A 3 -6.43 47.95 3.32
N VAL A 4 -5.32 48.05 2.58
CA VAL A 4 -5.12 47.19 1.41
C VAL A 4 -3.84 46.38 1.59
N VAL A 5 -3.89 45.12 1.18
CA VAL A 5 -2.67 44.38 0.89
C VAL A 5 -2.57 44.20 -0.61
N TRP A 6 -1.41 44.45 -1.18
CA TRP A 6 -1.21 44.16 -2.59
C TRP A 6 -0.07 43.16 -2.71
N PHE A 7 -0.39 42.01 -3.29
CA PHE A 7 0.59 40.96 -3.47
C PHE A 7 1.53 41.33 -4.60
N ARG A 8 2.81 41.02 -4.43
CA ARG A 8 3.76 41.16 -5.53
C ARG A 8 4.37 39.82 -5.94
N ARG A 9 5.05 39.14 -5.01
CA ARG A 9 5.58 37.81 -5.27
C ARG A 9 5.44 36.93 -4.02
N ASP A 10 4.28 36.97 -3.40
CA ASP A 10 3.94 36.19 -2.21
C ASP A 10 2.57 35.55 -2.38
N LEU A 11 2.34 34.87 -3.50
CA LEU A 11 1.02 34.40 -3.88
C LEU A 11 0.62 33.19 -3.03
N ARG A 12 0.28 33.48 -1.78
CA ARG A 12 -0.12 32.46 -0.81
C ARG A 12 -0.89 33.14 0.31
N VAL A 13 -1.61 32.34 1.09
CA VAL A 13 -2.32 32.84 2.25
C VAL A 13 -1.80 32.24 3.55
N GLU A 14 -1.18 31.05 3.52
CA GLU A 14 -0.54 30.51 4.70
C GLU A 14 0.72 31.31 5.01
N ASP A 15 0.94 31.59 6.31
CA ASP A 15 2.00 32.38 6.94
C ASP A 15 2.51 33.57 6.15
N ASN A 16 1.60 34.30 5.53
CA ASN A 16 1.93 35.52 4.80
C ASN A 16 1.83 36.68 5.78
N PRO A 17 2.95 37.29 6.20
CA PRO A 17 2.87 38.30 7.27
C PRO A 17 2.51 39.69 6.79
N ALA A 18 1.57 39.79 5.87
CA ALA A 18 0.88 41.03 5.55
C ALA A 18 -0.63 40.83 5.52
N LEU A 19 -1.07 39.61 5.20
CA LEU A 19 -2.49 39.29 5.27
C LEU A 19 -2.90 38.92 6.69
N ALA A 20 -2.04 38.21 7.42
CA ALA A 20 -2.38 37.85 8.79
C ALA A 20 -2.28 39.06 9.72
N ALA A 21 -1.41 40.01 9.40
CA ALA A 21 -1.37 41.29 10.09
C ALA A 21 -2.46 42.24 9.61
N ALA A 22 -3.23 41.83 8.61
CA ALA A 22 -4.42 42.56 8.17
C ALA A 22 -5.70 42.03 8.80
N ALA A 23 -5.71 40.75 9.18
CA ALA A 23 -6.90 40.17 9.80
C ALA A 23 -7.08 40.68 11.22
N ARG A 24 -6.01 40.72 12.01
CA ARG A 24 -6.07 41.19 13.38
C ARG A 24 -6.02 42.70 13.50
N ALA A 25 -5.95 43.43 12.39
CA ALA A 25 -6.00 44.88 12.42
C ALA A 25 -7.39 45.42 12.70
N GLY A 26 -8.41 44.58 12.69
CA GLY A 26 -9.78 45.02 13.02
C GLY A 26 -10.65 45.43 11.87
N GLY A 27 -10.16 46.31 11.00
CA GLY A 27 -10.93 46.81 9.89
C GLY A 27 -11.05 45.81 8.75
N GLU A 28 -11.65 46.27 7.67
CA GLU A 28 -11.84 45.43 6.50
C GLU A 28 -10.64 45.51 5.57
N VAL A 29 -10.28 44.38 4.97
CA VAL A 29 -9.11 44.28 4.10
C VAL A 29 -9.60 43.88 2.71
N VAL A 30 -9.08 44.55 1.69
CA VAL A 30 -9.29 44.16 0.30
C VAL A 30 -7.92 43.86 -0.31
N PRO A 31 -7.76 42.75 -1.02
CA PRO A 31 -6.47 42.43 -1.63
C PRO A 31 -6.37 42.94 -3.06
N ALA A 32 -5.15 42.88 -3.61
CA ALA A 32 -4.89 43.49 -4.90
C ALA A 32 -3.65 42.87 -5.53
N TYR A 33 -3.56 43.03 -6.86
CA TYR A 33 -2.37 42.66 -7.63
C TYR A 33 -2.24 43.66 -8.78
N VAL A 34 -1.35 44.65 -8.64
CA VAL A 34 -1.11 45.58 -9.72
C VAL A 34 -0.01 45.04 -10.62
N TRP A 35 -0.33 44.93 -11.91
CA TRP A 35 0.56 44.32 -12.89
C TRP A 35 1.11 45.41 -13.80
N SER A 36 2.38 45.74 -13.64
CA SER A 36 3.07 46.74 -14.46
C SER A 36 4.41 46.15 -14.88
N PRO A 37 4.47 45.52 -16.04
CA PRO A 37 5.74 44.94 -16.51
C PRO A 37 6.59 45.94 -17.27
N GLU A 38 5.99 47.08 -17.66
CA GLU A 38 6.75 48.11 -18.35
C GLU A 38 7.69 48.85 -17.41
N GLU A 39 7.40 48.82 -16.11
CA GLU A 39 8.28 49.40 -15.10
C GLU A 39 9.57 48.62 -14.95
N GLU A 40 9.53 47.29 -15.12
CA GLU A 40 10.67 46.42 -14.84
C GLU A 40 11.77 46.49 -15.90
N GLY A 41 11.61 47.30 -16.94
CA GLY A 41 12.66 47.57 -17.89
C GLY A 41 12.96 46.43 -18.83
N PRO A 42 14.22 46.01 -18.89
CA PRO A 42 14.56 44.83 -19.70
C PRO A 42 14.07 43.53 -19.09
N TYR A 43 13.71 43.53 -17.82
CA TYR A 43 13.20 42.34 -17.13
C TYR A 43 11.69 42.29 -17.15
N TYR A 44 11.14 42.42 -18.35
CA TYR A 44 9.78 42.04 -18.65
C TYR A 44 9.70 40.57 -18.34
N PRO A 45 8.92 40.16 -17.33
CA PRO A 45 9.12 38.83 -16.73
C PRO A 45 8.67 37.67 -17.61
N GLY A 46 9.64 37.04 -18.26
CA GLY A 46 9.50 35.76 -18.93
C GLY A 46 8.48 35.64 -20.03
N ARG A 47 8.31 34.42 -20.52
CA ARG A 47 7.22 34.06 -21.40
C ARG A 47 6.48 32.83 -20.95
N VAL A 48 7.15 31.88 -20.31
CA VAL A 48 6.48 30.85 -19.52
C VAL A 48 6.42 31.23 -18.05
N SER A 49 7.27 32.15 -17.59
CA SER A 49 7.10 32.70 -16.25
C SER A 49 5.89 33.59 -16.17
N ARG A 50 5.45 34.13 -17.31
CA ARG A 50 4.18 34.84 -17.38
C ARG A 50 3.00 33.90 -17.47
N TRP A 51 3.22 32.65 -17.86
CA TRP A 51 2.15 31.65 -17.86
C TRP A 51 1.84 31.20 -16.45
N TRP A 52 2.87 31.10 -15.61
CA TRP A 52 2.71 30.61 -14.23
C TRP A 52 1.89 31.58 -13.39
N ILE A 53 1.97 32.88 -13.67
CA ILE A 53 1.27 33.86 -12.86
C ILE A 53 -0.22 33.82 -13.14
N SER A 54 -0.61 33.66 -14.41
CA SER A 54 -2.01 33.69 -14.78
C SER A 54 -2.78 32.47 -14.26
N GLN A 55 -2.09 31.37 -13.99
CA GLN A 55 -2.70 30.17 -13.44
C GLN A 55 -2.58 30.09 -11.92
N SER A 56 -1.68 30.88 -11.33
CA SER A 56 -1.55 30.97 -9.88
C SER A 56 -2.40 32.08 -9.27
N LEU A 57 -2.69 33.13 -10.03
CA LEU A 57 -3.63 34.14 -9.57
C LEU A 57 -5.04 33.58 -9.49
N ASN A 58 -5.46 32.86 -10.54
CA ASN A 58 -6.78 32.25 -10.55
C ASN A 58 -6.89 31.12 -9.54
N HIS A 59 -5.76 30.53 -9.16
CA HIS A 59 -5.74 29.60 -8.04
C HIS A 59 -5.83 30.34 -6.71
N LEU A 60 -5.35 31.58 -6.65
CA LEU A 60 -5.38 32.34 -5.41
C LEU A 60 -6.76 32.91 -5.14
N ASP A 61 -7.53 33.20 -6.20
CA ASP A 61 -8.87 33.76 -6.02
C ASP A 61 -9.81 32.77 -5.35
N ALA A 62 -9.86 31.53 -5.86
CA ALA A 62 -10.72 30.51 -5.29
C ALA A 62 -10.21 29.98 -3.96
N SER A 63 -8.99 30.34 -3.56
CA SER A 63 -8.45 29.97 -2.26
C SER A 63 -8.59 31.08 -1.24
N LEU A 64 -8.87 32.30 -1.69
CA LEU A 64 -9.05 33.44 -0.81
C LEU A 64 -10.48 33.93 -0.77
N ARG A 65 -11.35 33.48 -1.69
CA ARG A 65 -12.77 33.72 -1.54
C ARG A 65 -13.37 32.91 -0.41
N ARG A 66 -12.80 31.74 -0.11
CA ARG A 66 -13.34 30.89 0.94
C ARG A 66 -12.92 31.33 2.33
N LEU A 67 -12.02 32.31 2.44
CA LEU A 67 -11.77 33.00 3.69
C LEU A 67 -12.63 34.25 3.82
N GLY A 68 -13.45 34.55 2.82
CA GLY A 68 -14.21 35.78 2.77
C GLY A 68 -13.76 36.64 1.62
N ALA A 69 -13.61 37.95 1.86
CA ALA A 69 -12.79 38.86 1.06
C ALA A 69 -13.26 39.12 -0.36
N GLY A 70 -14.35 38.49 -0.81
CA GLY A 70 -14.98 38.86 -2.05
C GLY A 70 -14.22 38.50 -3.31
N LYS A 71 -13.10 39.17 -3.55
CA LYS A 71 -12.36 39.01 -4.81
C LYS A 71 -10.86 39.23 -4.61
N LEU A 72 -10.12 39.20 -5.72
CA LEU A 72 -8.75 39.69 -5.78
C LEU A 72 -8.65 40.61 -7.00
N VAL A 73 -8.69 41.91 -6.76
CA VAL A 73 -8.73 42.88 -7.85
C VAL A 73 -7.36 42.97 -8.51
N THR A 74 -7.36 43.18 -9.82
CA THR A 74 -6.13 43.19 -10.64
C THR A 74 -6.23 44.38 -11.59
N ARG A 75 -5.38 45.37 -11.37
CA ARG A 75 -5.33 46.53 -12.24
C ARG A 75 -4.00 46.58 -12.99
N ARG A 76 -4.00 47.35 -14.07
CA ARG A 76 -2.84 47.39 -14.96
C ARG A 76 -2.55 48.82 -15.35
N SER A 77 -1.29 49.24 -15.24
CA SER A 77 -0.85 50.55 -15.66
C SER A 77 0.62 50.46 -16.00
N ALA A 78 1.21 51.60 -16.38
CA ALA A 78 2.62 51.61 -16.75
C ALA A 78 3.52 51.45 -15.53
N ASP A 79 3.27 52.25 -14.49
CA ASP A 79 4.00 52.20 -13.24
C ASP A 79 3.07 51.79 -12.11
N ALA A 80 3.67 51.30 -11.03
CA ALA A 80 2.87 50.84 -9.89
C ALA A 80 2.26 52.00 -9.12
N ALA A 81 2.99 53.11 -9.03
CA ALA A 81 2.63 54.21 -8.15
C ALA A 81 1.40 54.98 -8.61
N VAL A 82 1.08 55.00 -9.90
CA VAL A 82 -0.10 55.70 -10.36
C VAL A 82 -1.30 54.79 -10.13
N ALA A 83 -1.12 53.50 -10.41
CA ALA A 83 -2.16 52.50 -10.23
C ALA A 83 -2.49 52.23 -8.77
N LEU A 84 -1.49 52.28 -7.89
CA LEU A 84 -1.74 52.02 -6.48
C LEU A 84 -2.39 53.23 -5.81
N LEU A 85 -2.03 54.44 -6.25
CA LEU A 85 -2.67 55.63 -5.73
C LEU A 85 -4.11 55.74 -6.23
N GLN A 86 -4.37 55.28 -7.45
CA GLN A 86 -5.73 55.23 -7.96
C GLN A 86 -6.55 54.12 -7.31
N LEU A 87 -5.89 53.21 -6.59
CA LEU A 87 -6.61 52.12 -5.93
C LEU A 87 -7.07 52.54 -4.54
N VAL A 88 -6.24 53.30 -3.82
CA VAL A 88 -6.64 53.81 -2.51
C VAL A 88 -7.61 54.98 -2.70
N ARG A 89 -7.61 55.60 -3.88
CA ARG A 89 -8.60 56.62 -4.18
C ARG A 89 -9.96 56.01 -4.49
N ASP A 90 -9.98 54.90 -5.23
CA ASP A 90 -11.21 54.27 -5.67
C ASP A 90 -11.91 53.53 -4.53
N THR A 91 -11.13 53.06 -3.55
CA THR A 91 -11.69 52.28 -2.47
C THR A 91 -11.74 53.02 -1.14
N GLY A 92 -11.03 54.14 -1.00
CA GLY A 92 -11.01 54.87 0.24
C GLY A 92 -10.31 54.14 1.36
N ALA A 93 -9.11 53.64 1.09
CA ALA A 93 -8.35 52.90 2.07
C ALA A 93 -7.41 53.84 2.84
N THR A 94 -6.98 53.38 4.01
CA THR A 94 -6.13 54.16 4.89
C THR A 94 -4.70 53.66 4.92
N HIS A 95 -4.49 52.35 4.89
CA HIS A 95 -3.15 51.79 4.95
C HIS A 95 -2.83 51.02 3.67
N VAL A 96 -1.54 50.75 3.50
CA VAL A 96 -1.04 49.83 2.49
C VAL A 96 -0.10 48.86 3.18
N TYR A 97 -0.45 47.58 3.16
CA TYR A 97 0.34 46.56 3.85
C TYR A 97 0.96 45.64 2.80
N PHE A 98 2.16 46.00 2.37
CA PHE A 98 2.96 45.16 1.50
C PHE A 98 4.18 44.65 2.24
N ASN A 99 5.06 43.97 1.52
CA ASN A 99 6.29 43.43 2.05
C ASN A 99 7.41 43.59 1.03
N HIS A 100 8.57 44.03 1.50
CA HIS A 100 9.60 44.49 0.59
C HIS A 100 10.31 43.33 -0.08
N LEU A 101 10.53 43.47 -1.39
CA LEU A 101 11.32 42.53 -2.16
C LEU A 101 12.78 42.96 -2.16
N TYR A 102 13.61 42.22 -2.91
CA TYR A 102 15.04 42.50 -2.89
C TYR A 102 15.65 42.58 -4.28
N ASP A 103 14.85 42.77 -5.33
CA ASP A 103 15.43 43.11 -6.61
C ASP A 103 16.03 44.51 -6.54
N PRO A 104 17.15 44.75 -7.22
CA PRO A 104 17.66 46.12 -7.34
C PRO A 104 16.76 47.04 -8.14
N ILE A 105 15.82 46.49 -8.92
CA ILE A 105 14.87 47.32 -9.66
C ILE A 105 13.59 47.57 -8.88
N SER A 106 13.28 46.75 -7.87
CA SER A 106 12.11 47.01 -7.02
C SER A 106 12.46 47.74 -5.75
N LEU A 107 13.70 47.57 -5.25
CA LEU A 107 14.16 48.30 -4.08
C LEU A 107 14.20 49.80 -4.32
N VAL A 108 14.64 50.24 -5.51
CA VAL A 108 14.53 51.63 -5.90
C VAL A 108 13.07 52.03 -6.12
N ARG A 109 12.24 51.10 -6.57
CA ARG A 109 10.82 51.34 -6.76
C ARG A 109 10.03 51.36 -5.46
N ASP A 110 10.46 50.59 -4.46
CA ASP A 110 9.70 50.51 -3.21
C ASP A 110 9.84 51.77 -2.39
N ARG A 111 11.07 52.30 -2.26
CA ARG A 111 11.24 53.57 -1.59
C ARG A 111 10.68 54.73 -2.41
N ARG A 112 10.60 54.57 -3.73
CA ARG A 112 9.87 55.53 -4.55
C ARG A 112 8.37 55.38 -4.38
N LEU A 113 7.90 54.16 -4.06
CA LEU A 113 6.49 53.95 -3.77
C LEU A 113 6.14 54.48 -2.39
N LYS A 114 7.03 54.28 -1.42
CA LYS A 114 6.80 54.80 -0.07
C LYS A 114 6.91 56.32 -0.03
N GLU A 115 7.61 56.89 -1.01
CA GLU A 115 7.73 58.35 -1.14
C GLU A 115 6.48 58.98 -1.74
N MET A 116 5.74 58.26 -2.58
CA MET A 116 4.53 58.86 -3.17
C MET A 116 3.35 58.74 -2.21
N LEU A 117 3.18 57.59 -1.58
CA LEU A 117 1.98 57.32 -0.78
C LEU A 117 2.00 58.09 0.54
N ALA A 118 3.16 58.19 1.18
CA ALA A 118 3.22 58.83 2.50
C ALA A 118 3.07 60.34 2.38
N ALA A 119 3.55 60.91 1.28
CA ALA A 119 3.37 62.35 1.04
C ALA A 119 1.92 62.68 0.69
N GLU A 120 1.12 61.69 0.26
CA GLU A 120 -0.28 61.95 0.01
C GLU A 120 -1.05 62.09 1.32
N GLY A 121 -0.82 61.18 2.25
CA GLY A 121 -1.56 61.20 3.50
C GLY A 121 -1.85 59.83 4.07
N ILE A 122 -1.73 58.79 3.23
CA ILE A 122 -1.90 57.43 3.71
C ILE A 122 -0.58 56.89 4.24
N VAL A 123 -0.68 55.87 5.09
CA VAL A 123 0.47 55.33 5.80
C VAL A 123 0.73 53.90 5.33
N VAL A 124 2.01 53.55 5.17
CA VAL A 124 2.39 52.24 4.68
C VAL A 124 3.22 51.54 5.75
N GLN A 125 3.41 50.23 5.59
CA GLN A 125 4.27 49.45 6.48
C GLN A 125 4.71 48.20 5.73
N SER A 126 6.02 48.01 5.65
CA SER A 126 6.56 46.84 4.96
C SER A 126 6.84 45.71 5.94
N PHE A 127 6.90 44.50 5.41
CA PHE A 127 7.15 43.31 6.22
C PHE A 127 8.19 42.46 5.52
N ASN A 128 8.53 41.33 6.15
CA ASN A 128 9.57 40.44 5.65
C ASN A 128 8.97 39.07 5.43
N SER A 129 8.77 38.69 4.16
CA SER A 129 8.13 37.43 3.83
C SER A 129 9.10 36.39 3.27
N ASP A 130 9.68 36.65 2.10
CA ASP A 130 10.45 35.62 1.41
C ASP A 130 11.93 35.68 1.76
N LEU A 131 12.22 35.65 3.06
CA LEU A 131 13.60 35.62 3.52
C LEU A 131 13.62 35.13 4.96
N LEU A 132 14.70 34.44 5.34
CA LEU A 132 14.83 33.93 6.70
C LEU A 132 15.12 35.05 7.69
N TYR A 133 16.26 35.69 7.54
CA TYR A 133 16.58 36.90 8.28
C TYR A 133 16.41 38.10 7.35
N GLU A 134 16.76 39.28 7.82
CA GLU A 134 16.79 40.39 6.89
C GLU A 134 18.23 40.70 6.51
N PRO A 135 18.53 41.17 5.29
CA PRO A 135 19.91 41.22 4.83
C PRO A 135 20.74 42.35 5.43
N TRP A 136 20.16 43.23 6.25
CA TRP A 136 20.95 44.25 6.93
C TRP A 136 21.31 43.88 8.36
N GLU A 137 20.60 42.92 8.96
CA GLU A 137 20.90 42.50 10.31
C GLU A 137 21.88 41.34 10.38
N VAL A 138 22.12 40.65 9.26
CA VAL A 138 23.22 39.70 9.21
C VAL A 138 24.49 40.44 8.85
N VAL A 139 25.46 40.44 9.76
CA VAL A 139 26.69 41.19 9.55
C VAL A 139 27.88 40.28 9.79
N ASP A 140 29.06 40.73 9.39
CA ASP A 140 30.30 40.06 9.78
C ASP A 140 30.80 40.65 11.08
N ASP A 141 32.09 40.46 11.34
CA ASP A 141 32.72 40.85 12.60
C ASP A 141 32.49 42.32 12.96
N GLU A 142 32.97 43.26 12.14
CA GLU A 142 32.89 44.66 12.56
C GLU A 142 31.56 45.34 12.18
N GLY A 143 31.32 45.60 10.90
CA GLY A 143 30.06 46.17 10.46
C GLY A 143 29.72 45.90 9.01
N GLN A 144 30.53 45.09 8.34
CA GLN A 144 30.55 45.05 6.89
C GLN A 144 29.62 43.96 6.36
N PRO A 145 29.34 43.96 5.06
CA PRO A 145 28.76 42.79 4.42
C PRO A 145 29.82 41.74 4.11
N PHE A 146 29.36 40.50 3.96
CA PHE A 146 30.22 39.40 3.54
C PHE A 146 30.48 39.51 2.05
N THR A 147 31.49 38.79 1.56
CA THR A 147 31.79 38.74 0.13
C THR A 147 31.83 37.32 -0.40
N MET A 148 31.59 36.32 0.43
CA MET A 148 31.59 34.92 0.02
C MET A 148 30.32 34.28 0.55
N PHE A 149 30.22 32.96 0.38
CA PHE A 149 29.06 32.23 0.87
C PHE A 149 29.35 31.41 2.12
N ASP A 150 30.44 30.68 2.16
CA ASP A 150 30.75 29.84 3.30
C ASP A 150 31.10 30.61 4.58
N PRO A 151 31.73 31.80 4.52
CA PRO A 151 31.69 32.67 5.71
C PRO A 151 30.31 33.23 6.02
N PHE A 152 29.44 33.39 5.02
CA PHE A 152 28.15 34.02 5.26
C PHE A 152 27.21 33.07 6.00
N TRP A 153 27.04 31.86 5.46
CA TRP A 153 26.05 30.93 5.98
C TRP A 153 26.44 30.34 7.33
N ASN A 154 27.73 30.39 7.69
CA ASN A 154 28.15 29.99 9.03
C ASN A 154 27.69 30.96 10.10
N ARG A 155 27.43 32.21 9.74
CA ARG A 155 26.76 33.17 10.62
C ARG A 155 25.26 32.94 10.62
N CYS A 156 24.71 32.45 9.51
CA CYS A 156 23.27 32.30 9.35
C CYS A 156 22.68 31.12 10.11
N LEU A 157 23.48 30.11 10.47
CA LEU A 157 22.97 29.04 11.33
C LEU A 157 23.31 29.25 12.79
N SER A 158 24.28 30.12 13.09
CA SER A 158 24.72 30.37 14.46
C SER A 158 24.34 31.78 14.90
N MET A 159 23.12 32.18 14.58
CA MET A 159 22.60 33.47 14.99
C MET A 159 22.36 33.47 16.50
N PRO A 160 22.38 34.65 17.13
CA PRO A 160 21.88 34.76 18.51
C PRO A 160 20.44 34.31 18.67
N TYR A 161 19.54 34.77 17.81
CA TYR A 161 18.13 34.41 17.90
C TYR A 161 17.70 33.66 16.66
N ASP A 162 16.80 32.70 16.86
CA ASP A 162 16.31 31.86 15.78
C ASP A 162 15.38 32.65 14.86
N PRO A 163 15.19 32.21 13.62
CA PRO A 163 14.25 32.90 12.72
C PRO A 163 12.83 32.74 13.22
N PRO A 164 11.96 33.71 12.93
CA PRO A 164 10.58 33.64 13.43
C PRO A 164 9.79 32.53 12.76
N ALA A 165 9.02 31.80 13.58
CA ALA A 165 8.30 30.62 13.15
C ALA A 165 7.15 31.00 12.23
N PRO A 166 6.61 30.03 11.45
CA PRO A 166 5.42 30.34 10.63
C PRO A 166 4.20 30.72 11.46
N LEU A 167 3.85 32.00 11.38
CA LEU A 167 2.68 32.52 12.10
C LEU A 167 1.43 32.02 11.40
N LEU A 168 0.36 31.85 12.18
CA LEU A 168 -0.88 31.19 11.79
C LEU A 168 -1.58 31.89 10.63
N PRO A 169 -2.19 31.16 9.71
CA PRO A 169 -3.02 31.79 8.69
C PRO A 169 -4.26 32.40 9.33
N PRO A 170 -4.90 33.38 8.67
CA PRO A 170 -6.06 34.04 9.27
C PRO A 170 -7.27 33.13 9.35
N LYS A 171 -8.13 33.43 10.33
CA LYS A 171 -9.35 32.65 10.49
C LYS A 171 -10.35 32.99 9.39
N ARG A 172 -10.75 34.26 9.32
CA ARG A 172 -11.61 34.76 8.27
C ARG A 172 -11.45 36.26 8.17
N ILE A 173 -11.56 36.79 6.95
CA ILE A 173 -11.45 38.21 6.68
C ILE A 173 -12.70 38.65 5.92
N ASN A 174 -12.77 39.95 5.63
CA ASN A 174 -13.98 40.51 5.03
C ASN A 174 -13.62 41.72 4.17
N SER A 175 -14.17 41.77 2.97
CA SER A 175 -13.98 42.90 2.08
C SER A 175 -15.10 43.93 2.21
N GLY A 176 -16.25 43.53 2.75
CA GLY A 176 -17.41 44.39 2.81
C GLY A 176 -18.21 44.38 1.53
N ASP A 177 -17.73 45.06 0.50
CA ASP A 177 -18.41 45.14 -0.79
C ASP A 177 -17.44 44.74 -1.89
N LEU A 178 -17.88 43.85 -2.77
CA LEU A 178 -17.05 43.32 -3.83
C LEU A 178 -17.29 43.99 -5.17
N SER A 179 -17.97 45.15 -5.18
CA SER A 179 -18.33 45.78 -6.44
C SER A 179 -18.06 47.28 -6.48
N MET A 180 -17.57 47.88 -5.40
CA MET A 180 -17.19 49.29 -5.43
C MET A 180 -15.97 49.50 -6.31
N CYS A 181 -15.04 48.55 -6.32
CA CYS A 181 -13.83 48.66 -7.11
C CYS A 181 -14.01 47.94 -8.44
N PRO A 182 -13.99 48.65 -9.57
CA PRO A 182 -14.22 48.00 -10.87
C PRO A 182 -13.01 47.26 -11.38
N SER A 183 -12.85 46.01 -10.93
CA SER A 183 -11.72 45.19 -11.36
C SER A 183 -11.86 44.80 -12.82
N GLU A 184 -10.74 44.34 -13.41
CA GLU A 184 -10.72 44.01 -14.83
C GLU A 184 -9.81 42.80 -15.03
N ASP A 185 -10.23 41.93 -15.95
CA ASP A 185 -9.34 40.87 -16.38
C ASP A 185 -8.25 41.45 -17.28
N LEU A 186 -7.15 40.71 -17.39
CA LEU A 186 -5.98 41.22 -18.07
C LEU A 186 -5.22 40.05 -18.68
N ILE A 187 -4.54 40.34 -19.79
CA ILE A 187 -3.81 39.30 -20.52
C ILE A 187 -2.43 39.14 -19.89
N PHE A 188 -1.96 37.90 -19.84
CA PHE A 188 -0.60 37.61 -19.44
C PHE A 188 0.17 36.98 -20.58
N GLU A 189 -0.38 35.92 -21.17
CA GLU A 189 0.23 35.24 -22.29
C GLU A 189 -0.31 35.79 -23.61
N ASP A 190 0.46 35.56 -24.67
CA ASP A 190 0.06 35.98 -26.00
C ASP A 190 -1.07 35.10 -26.52
N GLU A 191 -1.73 35.58 -27.57
CA GLU A 191 -2.79 34.80 -28.20
C GLU A 191 -2.25 33.76 -29.18
N SER A 192 -1.07 33.97 -29.72
CA SER A 192 -0.45 32.95 -30.57
C SER A 192 0.01 31.75 -29.75
N GLU A 193 0.43 31.97 -28.51
CA GLU A 193 0.84 30.89 -27.63
C GLU A 193 -0.20 30.66 -26.53
N ARG A 194 -1.49 30.73 -26.88
CA ARG A 194 -2.53 30.43 -25.89
C ARG A 194 -2.69 28.94 -25.70
N GLY A 195 -2.28 28.14 -26.70
CA GLY A 195 -2.43 26.71 -26.63
C GLY A 195 -1.13 25.97 -26.46
N SER A 196 -0.03 26.58 -26.90
CA SER A 196 1.28 25.95 -26.72
C SER A 196 1.81 26.12 -25.30
N ASN A 197 1.25 27.05 -24.54
CA ASN A 197 1.67 27.21 -23.16
C ASN A 197 0.93 26.26 -22.22
N ALA A 198 -0.23 25.75 -22.64
CA ALA A 198 -0.98 24.81 -21.81
C ALA A 198 -0.36 23.43 -21.78
N LEU A 199 0.68 23.18 -22.56
CA LEU A 199 1.42 21.92 -22.55
C LEU A 199 2.54 21.90 -21.55
N LEU A 200 2.70 22.94 -20.75
CA LEU A 200 3.60 22.86 -19.60
C LEU A 200 2.92 22.24 -18.40
N ALA A 201 1.60 21.99 -18.49
CA ALA A 201 0.85 21.38 -17.41
C ALA A 201 1.01 19.87 -17.36
N ARG A 202 1.80 19.29 -18.25
CA ARG A 202 2.07 17.86 -18.17
C ARG A 202 3.04 17.54 -17.04
N ALA A 203 3.79 18.54 -16.59
CA ALA A 203 4.73 18.35 -15.50
C ALA A 203 4.56 19.32 -14.34
N TRP A 204 3.92 20.48 -14.56
CA TRP A 204 3.86 21.54 -13.57
C TRP A 204 2.41 21.98 -13.39
N THR A 205 1.94 21.96 -12.15
CA THR A 205 0.71 22.63 -11.81
C THR A 205 0.99 23.69 -10.78
N PRO A 206 0.67 24.95 -11.03
CA PRO A 206 1.00 26.01 -10.07
C PRO A 206 -0.04 26.13 -8.97
N GLY A 207 0.16 27.08 -8.07
CA GLY A 207 -0.74 27.27 -6.96
C GLY A 207 -0.08 26.98 -5.63
N TRP A 208 -0.60 27.61 -4.57
CA TRP A 208 0.00 27.42 -3.27
C TRP A 208 -0.44 26.12 -2.63
N GLN A 209 -1.60 25.59 -3.01
CA GLN A 209 -2.06 24.32 -2.45
C GLN A 209 -1.19 23.16 -2.93
N ASN A 210 -0.69 23.25 -4.16
CA ASN A 210 0.20 22.24 -4.69
C ASN A 210 1.63 22.42 -4.23
N ALA A 211 1.93 23.52 -3.52
CA ALA A 211 3.28 23.75 -3.03
C ALA A 211 3.56 22.90 -1.80
N ASP A 212 2.59 22.80 -0.89
CA ASP A 212 2.80 21.98 0.30
C ASP A 212 2.53 20.51 0.03
N LYS A 213 1.75 20.19 -1.02
CA LYS A 213 1.68 18.80 -1.45
C LYS A 213 2.99 18.36 -2.08
N ALA A 214 3.68 19.27 -2.75
CA ALA A 214 5.00 18.95 -3.31
C ALA A 214 6.07 18.94 -2.24
N LEU A 215 5.88 19.71 -1.18
CA LEU A 215 6.87 19.74 -0.10
C LEU A 215 6.81 18.47 0.73
N THR A 216 5.59 18.09 1.15
CA THR A 216 5.43 16.91 2.01
C THR A 216 5.72 15.62 1.28
N ALA A 217 5.56 15.60 -0.05
CA ALA A 217 5.94 14.41 -0.81
C ALA A 217 7.44 14.29 -0.95
N PHE A 218 8.18 15.36 -0.69
CA PHE A 218 9.63 15.32 -0.72
C PHE A 218 10.22 14.95 0.63
N LEU A 219 9.58 15.40 1.71
CA LEU A 219 10.07 15.12 3.05
C LEU A 219 9.97 13.63 3.38
N ASN A 220 8.86 13.00 3.01
CA ASN A 220 8.71 11.57 3.17
C ASN A 220 9.51 10.77 2.16
N GLY A 221 9.83 11.36 1.01
CA GLY A 221 10.44 10.64 -0.08
C GLY A 221 11.94 10.87 -0.22
N PRO A 222 12.33 11.71 -1.16
CA PRO A 222 13.75 11.79 -1.56
C PRO A 222 14.65 12.56 -0.60
N LEU A 223 14.14 13.09 0.52
CA LEU A 223 15.00 13.81 1.44
C LEU A 223 15.91 12.87 2.23
N ALA A 224 15.52 11.60 2.34
CA ALA A 224 16.33 10.64 3.09
C ALA A 224 17.62 10.28 2.35
N ASP A 225 17.67 10.52 1.05
CA ASP A 225 18.86 10.26 0.26
C ASP A 225 19.18 11.43 -0.66
N TYR A 226 19.00 12.66 -0.17
CA TYR A 226 19.39 13.84 -0.92
C TYR A 226 20.90 14.02 -0.95
N SER A 227 21.63 13.46 0.00
CA SER A 227 23.07 13.67 0.07
C SER A 227 23.82 12.90 -1.01
N VAL A 228 23.22 11.87 -1.59
CA VAL A 228 23.86 11.10 -2.64
C VAL A 228 23.19 11.25 -4.00
N ASN A 229 21.89 11.54 -4.04
CA ASN A 229 21.18 11.76 -5.29
C ASN A 229 21.08 13.24 -5.62
N ARG A 230 22.04 14.04 -5.17
CA ARG A 230 22.01 15.47 -5.42
C ARG A 230 22.49 15.79 -6.84
N LYS A 231 23.48 15.06 -7.32
CA LYS A 231 24.08 15.39 -8.60
C LYS A 231 23.44 14.63 -9.76
N LYS A 232 22.82 13.49 -9.49
CA LYS A 232 22.28 12.64 -10.55
C LYS A 232 21.03 13.25 -11.13
N ALA A 233 21.02 13.44 -12.45
CA ALA A 233 19.95 14.15 -13.13
C ALA A 233 18.91 13.23 -13.76
N ASP A 234 19.18 11.93 -13.79
CA ASP A 234 18.28 10.99 -14.46
C ASP A 234 17.03 10.72 -13.63
N SER A 235 17.18 10.61 -12.32
CA SER A 235 16.04 10.44 -11.44
C SER A 235 15.57 11.79 -10.92
N ALA A 236 14.25 11.93 -10.77
CA ALA A 236 13.68 13.20 -10.34
C ALA A 236 13.57 13.30 -8.81
N SER A 237 14.67 13.00 -8.14
CA SER A 237 14.78 13.14 -6.69
C SER A 237 15.54 14.38 -6.29
N THR A 238 15.04 15.57 -6.61
CA THR A 238 15.75 16.80 -6.27
C THR A 238 14.79 17.91 -5.86
N SER A 239 13.58 17.54 -5.44
CA SER A 239 12.58 18.43 -4.80
C SER A 239 12.19 19.61 -5.70
N LEU A 240 11.46 19.28 -6.76
CA LEU A 240 11.12 20.26 -7.79
C LEU A 240 10.13 21.29 -7.27
N LEU A 241 10.58 22.20 -6.41
CA LEU A 241 9.69 23.21 -5.85
C LEU A 241 10.25 24.62 -5.94
N SER A 242 11.29 24.85 -6.75
CA SER A 242 11.76 26.21 -6.94
C SER A 242 10.82 27.14 -7.69
N PRO A 243 9.94 26.72 -8.62
CA PRO A 243 8.91 27.67 -9.08
C PRO A 243 7.89 28.02 -8.03
N HIS A 244 7.62 27.12 -7.08
CA HIS A 244 6.78 27.49 -5.95
C HIS A 244 7.52 28.46 -5.03
N LEU A 245 8.82 28.26 -4.87
CA LEU A 245 9.59 29.03 -3.90
C LEU A 245 10.02 30.37 -4.48
N HIS A 246 9.87 30.59 -5.78
CA HIS A 246 10.23 31.87 -6.36
C HIS A 246 9.05 32.83 -6.33
N PHE A 247 7.86 32.35 -6.62
CA PHE A 247 6.66 33.18 -6.63
C PHE A 247 5.99 33.28 -5.28
N GLY A 248 6.65 32.83 -4.23
CA GLY A 248 6.10 32.97 -2.90
C GLY A 248 4.89 32.12 -2.62
N GLU A 249 4.75 30.99 -3.30
CA GLU A 249 3.69 30.05 -2.97
C GLU A 249 4.07 29.12 -1.84
N LEU A 250 5.32 29.17 -1.40
CA LEU A 250 5.82 28.33 -0.32
C LEU A 250 6.80 29.18 0.46
N SER A 251 6.58 29.34 1.76
CA SER A 251 7.45 30.20 2.54
C SER A 251 8.75 29.51 2.89
N VAL A 252 9.84 30.27 2.86
CA VAL A 252 11.14 29.75 3.23
C VAL A 252 11.21 29.47 4.72
N ARG A 253 10.43 30.19 5.51
CA ARG A 253 10.45 29.98 6.96
C ARG A 253 9.69 28.73 7.36
N LYS A 254 8.86 28.17 6.47
CA LYS A 254 8.21 26.90 6.76
C LYS A 254 9.10 25.72 6.37
N VAL A 255 9.81 25.84 5.25
CA VAL A 255 10.73 24.79 4.83
C VAL A 255 11.91 24.71 5.79
N PHE A 256 12.32 25.82 6.38
CA PHE A 256 13.37 25.78 7.38
C PHE A 256 12.88 25.14 8.67
N HIS A 257 11.59 25.25 8.97
CA HIS A 257 11.05 24.67 10.19
C HIS A 257 10.89 23.16 10.05
N LEU A 258 10.18 22.72 9.01
CA LEU A 258 9.81 21.32 8.84
C LEU A 258 11.01 20.43 8.56
N VAL A 259 12.06 20.94 7.93
CA VAL A 259 13.27 20.16 7.74
C VAL A 259 14.02 20.04 9.06
N ARG A 260 14.10 21.13 9.82
CA ARG A 260 14.77 21.11 11.12
C ARG A 260 13.96 20.33 12.15
N MET A 261 12.63 20.34 12.04
CA MET A 261 11.80 19.61 12.99
C MET A 261 11.94 18.10 12.81
N LYS A 262 12.12 17.63 11.59
CA LYS A 262 12.30 16.20 11.35
C LYS A 262 13.77 15.83 11.15
N GLN A 263 14.68 16.78 11.24
CA GLN A 263 16.08 16.43 11.42
C GLN A 263 16.30 15.84 12.80
N LEU A 264 15.55 16.33 13.79
CA LEU A 264 15.61 15.79 15.14
C LEU A 264 15.06 14.37 15.21
N VAL A 265 14.03 14.08 14.41
CA VAL A 265 13.43 12.75 14.39
C VAL A 265 14.42 11.71 13.86
N TRP A 266 15.13 12.04 12.80
CA TRP A 266 16.15 11.14 12.27
C TRP A 266 17.44 11.16 13.08
N SER A 267 17.64 12.17 13.92
CA SER A 267 18.90 12.27 14.65
C SER A 267 18.98 11.25 15.77
N ASN A 268 17.84 10.93 16.40
CA ASN A 268 17.80 9.92 17.44
C ASN A 268 17.16 8.63 16.95
N GLU A 269 17.42 8.25 15.70
CA GLU A 269 17.07 6.95 15.15
C GLU A 269 18.26 6.26 14.50
N GLY A 270 19.44 6.85 14.58
CA GLY A 270 20.64 6.26 14.02
C GLY A 270 20.83 6.47 12.54
N ASN A 271 19.98 7.25 11.88
CA ASN A 271 20.07 7.46 10.44
C ASN A 271 21.08 8.58 10.16
N HIS A 272 22.34 8.18 9.97
CA HIS A 272 23.40 9.15 9.76
C HIS A 272 23.38 9.72 8.34
N ALA A 273 22.77 9.01 7.40
CA ALA A 273 22.65 9.54 6.05
C ALA A 273 21.52 10.57 5.96
N ALA A 274 20.38 10.27 6.58
CA ALA A 274 19.23 11.15 6.47
C ALA A 274 19.37 12.40 7.33
N GLU A 275 20.29 12.41 8.29
CA GLU A 275 20.56 13.65 9.03
C GLU A 275 21.63 14.48 8.34
N GLU A 276 22.47 13.86 7.52
CA GLU A 276 23.44 14.63 6.73
C GLU A 276 22.76 15.32 5.56
N SER A 277 21.76 14.69 4.97
CA SER A 277 21.03 15.26 3.84
C SER A 277 20.04 16.34 4.26
N CYS A 278 19.96 16.68 5.54
CA CYS A 278 19.16 17.81 5.99
C CYS A 278 20.00 19.06 6.21
N THR A 279 21.28 18.90 6.55
CA THR A 279 22.18 20.03 6.59
C THR A 279 22.64 20.44 5.20
N LEU A 280 22.47 19.59 4.20
CA LEU A 280 22.85 19.87 2.84
C LEU A 280 21.68 20.35 2.00
N PHE A 281 20.44 20.13 2.46
CA PHE A 281 19.27 20.73 1.86
C PHE A 281 19.04 22.15 2.34
N LEU A 282 19.36 22.43 3.60
CA LEU A 282 19.25 23.80 4.09
C LEU A 282 20.38 24.67 3.57
N ARG A 283 21.50 24.07 3.18
CA ARG A 283 22.56 24.83 2.53
C ARG A 283 22.10 25.37 1.19
N SER A 284 21.39 24.54 0.42
CA SER A 284 20.86 24.98 -0.87
C SER A 284 19.76 26.03 -0.70
N ILE A 285 18.97 25.92 0.37
CA ILE A 285 18.01 26.97 0.71
C ILE A 285 18.75 28.26 1.05
N GLY A 286 19.91 28.14 1.71
CA GLY A 286 20.73 29.30 1.99
C GLY A 286 21.37 29.94 0.77
N LEU A 287 21.52 29.18 -0.31
CA LEU A 287 21.99 29.78 -1.57
C LEU A 287 20.94 30.70 -2.17
N ARG A 288 19.66 30.41 -1.93
CA ARG A 288 18.61 31.34 -2.33
C ARG A 288 18.64 32.60 -1.49
N GLU A 289 18.92 32.44 -0.19
CA GLU A 289 18.95 33.59 0.72
C GLU A 289 20.19 34.44 0.48
N TYR A 290 21.28 33.83 0.01
CA TYR A 290 22.52 34.56 -0.21
C TYR A 290 22.43 35.44 -1.45
N SER A 291 21.70 34.96 -2.48
CA SER A 291 21.57 35.74 -3.70
C SER A 291 20.71 36.98 -3.49
N ARG A 292 19.70 36.90 -2.62
CA ARG A 292 18.91 38.07 -2.29
C ARG A 292 19.72 39.06 -1.46
N TYR A 293 20.60 38.55 -0.61
CA TYR A 293 21.45 39.38 0.22
C TYR A 293 22.58 40.01 -0.59
N LEU A 294 22.92 39.43 -1.74
CA LEU A 294 24.03 39.92 -2.53
C LEU A 294 23.63 41.11 -3.39
N SER A 295 22.42 41.07 -3.96
CA SER A 295 21.98 42.16 -4.82
C SER A 295 21.50 43.37 -4.03
N PHE A 296 21.23 43.19 -2.74
CA PHE A 296 20.84 44.32 -1.90
C PHE A 296 22.05 45.02 -1.33
N ASN A 297 23.06 44.26 -0.93
CA ASN A 297 24.23 44.79 -0.25
C ASN A 297 25.32 45.12 -1.27
N HIS A 298 26.57 45.29 -0.78
CA HIS A 298 27.75 45.92 -1.39
C HIS A 298 27.99 45.72 -2.90
N PRO A 299 27.92 44.49 -3.50
CA PRO A 299 28.13 44.43 -4.95
C PRO A 299 26.95 45.01 -5.71
N SER A 300 25.75 44.60 -5.29
CA SER A 300 24.43 45.11 -5.68
C SER A 300 24.06 44.88 -7.15
N SER A 301 24.99 44.40 -7.99
CA SER A 301 24.85 44.37 -9.44
C SER A 301 24.36 45.72 -9.97
N HIS A 302 25.23 46.72 -9.76
CA HIS A 302 24.89 48.12 -9.51
C HIS A 302 23.85 48.79 -10.40
N GLU A 303 23.87 48.57 -11.72
CA GLU A 303 22.83 49.11 -12.58
C GLU A 303 22.04 48.07 -13.36
N ARG A 304 22.63 46.89 -13.65
CA ARG A 304 22.07 45.79 -14.44
C ARG A 304 22.63 44.47 -13.92
N PRO A 305 21.89 43.36 -13.98
CA PRO A 305 22.48 42.03 -13.73
C PRO A 305 23.09 41.40 -14.98
N LEU A 306 23.56 40.15 -14.79
CA LEU A 306 24.63 39.50 -15.56
C LEU A 306 25.91 40.31 -15.54
N LEU A 307 26.42 40.65 -14.36
CA LEU A 307 27.66 41.42 -14.29
C LEU A 307 28.64 41.00 -13.16
N ALA A 308 29.74 40.23 -13.44
CA ALA A 308 30.96 40.13 -12.60
C ALA A 308 32.29 39.80 -13.35
N HIS A 309 33.14 40.81 -13.73
CA HIS A 309 34.51 40.80 -14.32
C HIS A 309 34.71 40.60 -15.88
N LEU A 310 33.73 40.66 -16.79
CA LEU A 310 33.96 40.52 -18.30
C LEU A 310 33.28 41.63 -19.13
N ARG A 311 32.95 41.24 -20.38
CA ARG A 311 32.24 41.87 -21.52
C ARG A 311 33.15 42.66 -22.47
N PHE A 312 34.34 42.13 -22.73
CA PHE A 312 35.09 42.38 -23.96
C PHE A 312 35.19 41.22 -24.95
N PHE A 313 35.19 39.96 -24.50
CA PHE A 313 35.80 38.81 -25.20
C PHE A 313 35.26 38.60 -26.61
N PRO A 314 36.13 38.29 -27.58
CA PRO A 314 35.72 38.33 -29.01
C PRO A 314 34.78 37.21 -29.40
N TRP A 315 33.50 37.43 -29.11
CA TRP A 315 32.48 36.45 -29.41
C TRP A 315 32.17 36.41 -30.91
N VAL A 316 31.67 35.28 -31.36
CA VAL A 316 31.14 35.17 -32.71
C VAL A 316 29.74 35.76 -32.72
N VAL A 317 29.41 36.53 -33.76
CA VAL A 317 28.17 37.29 -33.78
C VAL A 317 27.19 36.49 -34.65
N ASP A 318 27.46 35.20 -34.80
CA ASP A 318 26.69 34.31 -35.67
C ASP A 318 25.32 34.03 -35.04
N GLU A 319 24.25 34.49 -35.70
CA GLU A 319 22.90 34.20 -35.24
C GLU A 319 22.50 32.74 -35.48
N SER A 320 23.03 32.12 -36.54
CA SER A 320 22.65 30.74 -36.84
C SER A 320 23.22 29.76 -35.83
N TYR A 321 24.35 30.09 -35.20
CA TYR A 321 24.81 29.31 -34.05
C TYR A 321 23.85 29.44 -32.88
N PHE A 322 23.22 30.61 -32.73
CA PHE A 322 22.18 30.75 -31.71
C PHE A 322 20.89 30.06 -32.16
N LYS A 323 20.75 29.78 -33.45
CA LYS A 323 19.61 28.97 -33.89
C LYS A 323 19.88 27.49 -33.73
N ILE A 324 21.15 27.09 -33.68
CA ILE A 324 21.47 25.68 -33.50
C ILE A 324 21.39 25.30 -32.03
N TRP A 325 21.99 26.10 -31.16
CA TRP A 325 22.02 25.78 -29.74
C TRP A 325 20.64 25.90 -29.09
N ARG A 326 19.80 26.80 -29.59
CA ARG A 326 18.42 26.88 -29.11
C ARG A 326 17.62 25.67 -29.55
N GLN A 327 17.82 25.21 -30.77
CA GLN A 327 17.11 24.04 -31.29
C GLN A 327 17.72 22.74 -30.78
N GLY A 328 19.03 22.62 -30.82
CA GLY A 328 19.69 21.43 -30.36
C GLY A 328 20.26 20.58 -31.48
N ARG A 329 20.75 21.22 -32.55
CA ARG A 329 21.45 20.47 -33.58
C ARG A 329 22.94 20.51 -33.31
N THR A 330 23.36 20.16 -32.09
CA THR A 330 24.70 20.50 -31.65
C THR A 330 25.65 19.31 -31.60
N GLY A 331 25.16 18.08 -31.64
CA GLY A 331 26.05 16.94 -31.66
C GLY A 331 26.54 16.48 -30.30
N TYR A 332 26.89 17.40 -29.41
CA TYR A 332 27.25 17.05 -28.05
C TYR A 332 25.99 16.62 -27.33
N PRO A 333 25.86 15.35 -26.94
CA PRO A 333 24.56 14.82 -26.55
C PRO A 333 24.09 15.24 -25.17
N LEU A 334 25.00 15.49 -24.25
CA LEU A 334 24.59 15.89 -22.90
C LEU A 334 24.05 17.31 -22.87
N VAL A 335 24.62 18.21 -23.68
CA VAL A 335 24.09 19.57 -23.77
C VAL A 335 22.91 19.62 -24.73
N ASP A 336 22.60 18.53 -25.42
CA ASP A 336 21.48 18.42 -26.34
C ASP A 336 20.23 17.88 -25.67
N ALA A 337 20.40 16.91 -24.76
CA ALA A 337 19.27 16.47 -23.95
C ALA A 337 18.85 17.53 -22.96
N GLY A 338 19.81 18.33 -22.47
CA GLY A 338 19.45 19.43 -21.58
C GLY A 338 18.75 20.55 -22.32
N MET A 339 19.08 20.74 -23.60
CA MET A 339 18.43 21.77 -24.38
C MET A 339 17.06 21.36 -24.85
N ARG A 340 16.74 20.07 -24.81
CA ARG A 340 15.41 19.60 -25.14
C ARG A 340 14.49 19.54 -23.92
N GLU A 341 15.04 19.34 -22.73
CA GLU A 341 14.23 19.36 -21.52
C GLU A 341 13.78 20.76 -21.16
N LEU A 342 14.63 21.75 -21.44
CA LEU A 342 14.30 23.13 -21.15
C LEU A 342 13.15 23.62 -22.02
N TRP A 343 13.07 23.13 -23.25
CA TRP A 343 11.97 23.54 -24.12
C TRP A 343 10.71 22.74 -23.84
N ALA A 344 10.84 21.50 -23.38
CA ALA A 344 9.67 20.64 -23.20
C ALA A 344 9.02 20.86 -21.85
N THR A 345 9.81 21.18 -20.83
CA THR A 345 9.28 21.31 -19.47
C THR A 345 9.37 22.73 -18.92
N GLY A 346 10.26 23.56 -19.44
CA GLY A 346 10.52 24.82 -18.78
C GLY A 346 11.29 24.62 -17.50
N TRP A 347 12.16 23.61 -17.46
CA TRP A 347 12.84 23.20 -16.24
C TRP A 347 14.13 22.51 -16.59
N LEU A 348 15.17 22.77 -15.81
CA LEU A 348 16.41 22.00 -15.90
C LEU A 348 16.94 21.70 -14.51
N HIS A 349 17.66 20.59 -14.41
CA HIS A 349 18.40 20.27 -13.20
C HIS A 349 19.55 21.27 -13.04
N ASP A 350 20.03 21.43 -11.79
CA ASP A 350 21.03 22.45 -11.52
C ASP A 350 22.38 22.10 -12.13
N ARG A 351 22.75 20.82 -12.12
CA ARG A 351 23.97 20.39 -12.79
C ARG A 351 23.83 20.32 -14.30
N ILE A 352 22.61 20.43 -14.84
CA ILE A 352 22.45 20.46 -16.28
C ILE A 352 22.39 21.91 -16.77
N ARG A 353 21.98 22.84 -15.91
CA ARG A 353 22.25 24.26 -16.18
C ARG A 353 23.74 24.57 -16.13
N VAL A 354 24.51 23.74 -15.44
CA VAL A 354 25.97 23.85 -15.39
C VAL A 354 26.58 23.58 -16.77
N VAL A 355 26.17 22.48 -17.43
CA VAL A 355 26.85 22.06 -18.64
C VAL A 355 26.22 22.65 -19.91
N VAL A 356 24.96 23.06 -19.87
CA VAL A 356 24.35 23.70 -21.04
C VAL A 356 24.87 25.12 -21.20
N ALA A 357 24.99 25.84 -20.09
CA ALA A 357 25.37 27.25 -20.17
C ALA A 357 26.88 27.43 -20.30
N SER A 358 27.67 26.53 -19.71
CA SER A 358 29.12 26.68 -19.84
C SER A 358 29.60 26.26 -21.21
N PHE A 359 28.85 25.40 -21.89
CA PHE A 359 29.14 25.09 -23.29
C PHE A 359 28.82 26.28 -24.19
N PHE A 360 27.89 27.14 -23.77
CA PHE A 360 27.44 28.26 -24.58
C PHE A 360 28.50 29.34 -24.70
N VAL A 361 29.35 29.49 -23.69
CA VAL A 361 30.34 30.56 -23.64
C VAL A 361 31.74 30.05 -23.94
N LYS A 362 32.11 28.92 -23.35
CA LYS A 362 33.49 28.45 -23.42
C LYS A 362 33.79 27.64 -24.68
N VAL A 363 32.76 27.18 -25.38
CA VAL A 363 32.96 26.37 -26.57
C VAL A 363 32.35 27.08 -27.76
N LEU A 364 31.07 27.43 -27.65
CA LEU A 364 30.40 28.13 -28.76
C LEU A 364 30.85 29.58 -28.87
N GLN A 365 31.34 30.17 -27.77
CA GLN A 365 31.91 31.54 -27.74
C GLN A 365 30.90 32.60 -28.17
N LEU A 366 29.71 32.55 -27.59
CA LEU A 366 28.69 33.52 -27.88
C LEU A 366 28.59 34.53 -26.74
N PRO A 367 28.03 35.72 -26.97
CA PRO A 367 27.91 36.68 -25.87
C PRO A 367 26.91 36.19 -24.83
N ALA A 368 27.26 36.39 -23.56
CA ALA A 368 26.48 35.84 -22.46
C ALA A 368 25.12 36.52 -22.30
N ARG A 369 24.92 37.71 -22.86
CA ARG A 369 23.61 38.33 -22.79
C ARG A 369 22.62 37.68 -23.72
N TRP A 370 23.08 36.87 -24.68
CA TRP A 370 22.18 36.08 -25.50
C TRP A 370 21.74 34.84 -24.73
N GLY A 371 22.60 34.38 -23.81
CA GLY A 371 22.26 33.26 -22.97
C GLY A 371 21.29 33.60 -21.85
N MET A 372 21.41 34.79 -21.26
CA MET A 372 20.42 35.20 -20.26
C MET A 372 19.07 35.46 -20.89
N LYS A 373 19.04 36.19 -22.00
CA LYS A 373 17.78 36.60 -22.60
C LYS A 373 17.03 35.40 -23.17
N TYR A 374 17.73 34.30 -23.46
CA TYR A 374 17.04 33.08 -23.79
C TYR A 374 16.59 32.33 -22.55
N PHE A 375 17.43 32.29 -21.51
CA PHE A 375 17.05 31.64 -20.26
C PHE A 375 15.93 32.40 -19.56
N TRP A 376 15.92 33.73 -19.70
CA TRP A 376 14.89 34.53 -19.08
C TRP A 376 13.52 34.28 -19.70
N ASP A 377 13.49 33.97 -21.00
CA ASP A 377 12.21 33.90 -21.69
C ASP A 377 11.54 32.55 -21.46
N THR A 378 12.31 31.46 -21.50
CA THR A 378 11.77 30.11 -21.31
C THR A 378 12.45 29.44 -20.13
N LEU A 379 11.91 29.70 -18.94
CA LEU A 379 12.26 29.07 -17.67
C LEU A 379 11.22 29.50 -16.66
N LEU A 380 11.03 28.70 -15.61
CA LEU A 380 10.02 29.04 -14.63
C LEU A 380 10.64 29.77 -13.43
N ASP A 381 11.81 29.31 -12.99
CA ASP A 381 12.50 29.88 -11.83
C ASP A 381 13.53 30.96 -12.23
N ALA A 382 12.98 31.92 -12.98
CA ALA A 382 13.73 33.00 -13.60
C ALA A 382 13.55 34.27 -12.79
N ASP A 383 14.37 34.43 -11.75
CA ASP A 383 14.36 35.63 -10.94
C ASP A 383 15.49 36.54 -11.36
N LEU A 384 15.68 37.59 -10.58
CA LEU A 384 16.69 38.58 -10.94
C LEU A 384 17.99 38.36 -10.20
N GLU A 385 17.96 37.65 -9.07
CA GLU A 385 19.18 37.39 -8.29
C GLU A 385 19.84 36.07 -8.67
N SER A 386 19.09 34.97 -8.61
CA SER A 386 19.71 33.66 -8.77
C SER A 386 20.08 33.39 -10.22
N ASP A 387 19.35 33.97 -11.18
CA ASP A 387 19.78 33.92 -12.56
C ASP A 387 21.05 34.75 -12.75
N ALA A 388 21.18 35.83 -11.98
CA ALA A 388 22.41 36.60 -11.99
C ALA A 388 23.48 35.98 -11.12
N LEU A 389 23.12 35.31 -10.02
CA LEU A 389 24.12 34.65 -9.19
C LEU A 389 24.67 33.41 -9.87
N GLY A 390 23.81 32.68 -10.59
CA GLY A 390 24.22 31.40 -11.15
C GLY A 390 25.08 31.56 -12.38
N TRP A 391 24.70 32.47 -13.28
CA TRP A 391 25.50 32.77 -14.46
C TRP A 391 26.85 33.33 -14.08
N GLN A 392 26.89 34.11 -13.00
CA GLN A 392 28.13 34.55 -12.39
C GLN A 392 28.97 33.37 -11.90
N TYR A 393 28.34 32.34 -11.35
CA TYR A 393 29.10 31.23 -10.76
C TYR A 393 29.59 30.23 -11.80
N ILE A 394 28.73 29.83 -12.73
CA ILE A 394 29.11 28.75 -13.65
C ILE A 394 30.10 29.22 -14.70
N THR A 395 30.01 30.48 -15.13
CA THR A 395 30.86 31.03 -16.16
C THR A 395 31.98 31.81 -15.48
N GLY A 396 31.87 31.95 -14.17
CA GLY A 396 33.06 31.74 -13.35
C GLY A 396 33.57 32.67 -12.26
N SER A 397 32.79 33.65 -11.82
CA SER A 397 33.39 34.86 -11.28
C SER A 397 33.37 34.97 -9.77
N LEU A 398 32.46 34.29 -9.11
CA LEU A 398 32.62 34.26 -7.67
C LEU A 398 33.88 33.48 -7.33
N PRO A 399 34.64 33.87 -6.33
CA PRO A 399 35.64 32.97 -5.72
C PRO A 399 35.00 31.79 -4.97
N ASP A 400 34.16 31.04 -5.69
CA ASP A 400 33.37 29.92 -5.20
C ASP A 400 33.68 28.68 -6.02
N GLY A 401 33.75 28.82 -7.34
CA GLY A 401 34.16 27.72 -8.20
C GLY A 401 33.88 27.99 -9.66
N ARG A 402 34.13 26.95 -10.46
CA ARG A 402 33.81 26.84 -11.89
C ARG A 402 34.47 27.96 -12.71
N GLU A 403 35.80 27.98 -12.63
CA GLU A 403 36.62 29.00 -13.27
C GLU A 403 36.62 28.85 -14.79
N LEU A 404 37.25 29.83 -15.46
CA LEU A 404 37.46 29.74 -16.90
C LEU A 404 38.70 28.93 -17.22
N ASP A 405 39.16 29.07 -18.48
CA ASP A 405 40.18 28.26 -19.16
C ASP A 405 39.98 26.77 -18.92
N ARG A 406 38.72 26.34 -18.93
CA ARG A 406 38.35 24.98 -18.57
C ARG A 406 37.03 24.64 -19.26
N ILE A 407 37.11 23.86 -20.34
CA ILE A 407 35.89 23.43 -21.03
C ILE A 407 35.23 22.28 -20.27
N ASP A 408 34.01 21.94 -20.70
CA ASP A 408 33.21 20.96 -19.96
C ASP A 408 33.79 19.54 -20.09
N ASN A 409 34.17 19.13 -21.32
CA ASN A 409 34.70 17.79 -21.65
C ASN A 409 33.76 16.68 -21.18
N PRO A 410 32.66 16.40 -21.91
CA PRO A 410 31.61 15.52 -21.38
C PRO A 410 31.96 14.04 -21.23
N GLN A 411 33.23 13.68 -21.46
CA GLN A 411 33.66 12.31 -21.20
C GLN A 411 33.59 11.98 -19.71
N PHE A 412 33.98 12.92 -18.85
CA PHE A 412 33.87 12.74 -17.41
C PHE A 412 33.01 13.82 -16.75
N GLU A 413 32.43 14.74 -17.53
CA GLU A 413 31.35 15.60 -17.06
C GLU A 413 30.00 14.92 -17.10
N GLY A 414 29.95 13.66 -17.53
CA GLY A 414 28.70 12.93 -17.61
C GLY A 414 28.64 11.77 -16.64
N TYR A 415 29.79 11.21 -16.30
CA TYR A 415 29.85 10.06 -15.38
C TYR A 415 29.69 10.46 -13.92
N LYS A 416 29.43 11.73 -13.63
CA LYS A 416 29.04 12.19 -12.31
C LYS A 416 27.58 12.60 -12.25
N PHE A 417 27.02 13.05 -13.36
CA PHE A 417 25.66 13.58 -13.40
C PHE A 417 24.68 12.62 -14.07
N ASP A 418 25.18 11.58 -14.72
CA ASP A 418 24.36 10.66 -15.51
C ASP A 418 25.13 9.36 -15.75
N PRO A 419 25.16 8.45 -14.78
CA PRO A 419 26.10 7.32 -14.88
C PRO A 419 25.68 6.26 -15.90
N HIS A 420 24.40 5.95 -16.00
CA HIS A 420 23.93 4.90 -16.89
C HIS A 420 23.41 5.42 -18.22
N GLY A 421 23.26 6.74 -18.37
CA GLY A 421 22.71 7.24 -19.60
C GLY A 421 21.20 7.22 -19.68
N GLU A 422 20.52 7.24 -18.53
CA GLU A 422 19.06 7.24 -18.54
C GLU A 422 18.51 8.63 -18.85
N TYR A 423 19.37 9.66 -18.85
CA TYR A 423 18.92 11.01 -19.14
C TYR A 423 19.10 11.35 -20.61
N VAL A 424 20.11 10.79 -21.25
CA VAL A 424 20.31 11.02 -22.68
C VAL A 424 19.30 10.22 -23.49
N ARG A 425 19.11 8.94 -23.16
CA ARG A 425 18.18 8.10 -23.91
C ARG A 425 16.72 8.47 -23.66
N ARG A 426 16.44 9.24 -22.62
CA ARG A 426 15.08 9.71 -22.39
C ARG A 426 14.72 10.82 -23.37
N TRP A 427 15.67 11.70 -23.67
CA TRP A 427 15.36 12.92 -24.40
C TRP A 427 15.83 12.95 -25.85
N ILE A 428 16.84 12.16 -26.21
CA ILE A 428 17.11 11.95 -27.63
C ILE A 428 17.02 10.45 -27.92
N PRO A 429 15.82 9.93 -28.20
CA PRO A 429 15.64 8.49 -28.42
C PRO A 429 16.17 7.98 -29.75
N GLU A 430 16.69 8.87 -30.61
CA GLU A 430 17.43 8.44 -31.80
C GLU A 430 18.82 7.95 -31.47
N LEU A 431 19.20 7.95 -30.20
CA LEU A 431 20.51 7.51 -29.74
C LEU A 431 20.38 6.40 -28.70
N ALA A 432 19.24 5.73 -28.64
CA ALA A 432 18.82 4.82 -27.59
C ALA A 432 19.49 3.47 -27.64
N ARG A 433 20.51 3.18 -28.46
CA ARG A 433 21.10 1.85 -28.46
C ARG A 433 22.62 1.93 -28.33
N LEU A 434 23.14 3.07 -27.92
CA LEU A 434 24.59 3.11 -27.76
C LEU A 434 24.99 2.61 -26.38
N PRO A 435 25.97 1.71 -26.30
CA PRO A 435 26.16 0.93 -25.06
C PRO A 435 26.91 1.66 -23.96
N THR A 436 26.44 2.86 -23.60
CA THR A 436 26.71 3.68 -22.41
C THR A 436 28.17 4.09 -22.22
N GLU A 437 29.05 3.70 -23.14
CA GLU A 437 30.40 4.23 -23.19
C GLU A 437 30.52 5.38 -24.18
N TRP A 438 29.76 5.33 -25.27
CA TRP A 438 29.77 6.37 -26.28
C TRP A 438 28.42 7.07 -26.35
N ILE A 439 27.63 6.98 -25.30
CA ILE A 439 26.39 7.74 -25.23
C ILE A 439 26.67 9.20 -24.91
N HIS A 440 27.82 9.51 -24.32
CA HIS A 440 28.19 10.89 -24.04
C HIS A 440 29.13 11.47 -25.10
N HIS A 441 29.72 10.64 -25.94
CA HIS A 441 30.51 11.13 -27.06
C HIS A 441 30.39 10.20 -28.26
N PRO A 442 29.39 10.39 -29.12
CA PRO A 442 29.26 9.52 -30.29
C PRO A 442 30.30 9.77 -31.37
N TRP A 443 30.90 10.96 -31.42
CA TRP A 443 31.89 11.22 -32.46
C TRP A 443 33.23 10.59 -32.14
N ASP A 444 33.47 10.21 -30.88
CA ASP A 444 34.65 9.47 -30.49
C ASP A 444 34.48 7.97 -30.64
N ALA A 445 33.41 7.51 -31.26
CA ALA A 445 33.14 6.08 -31.35
C ALA A 445 33.68 5.52 -32.66
N PRO A 446 34.08 4.25 -32.68
CA PRO A 446 34.41 3.60 -33.95
C PRO A 446 33.18 3.40 -34.81
N VAL A 447 33.42 3.12 -36.09
CA VAL A 447 32.34 3.06 -37.06
C VAL A 447 31.51 1.79 -36.89
N SER A 448 32.12 0.73 -36.38
CA SER A 448 31.41 -0.55 -36.25
C SER A 448 30.36 -0.52 -35.16
N VAL A 449 30.67 0.04 -34.00
CA VAL A 449 29.68 0.16 -32.92
C VAL A 449 28.68 1.27 -33.16
N LEU A 450 28.88 2.11 -34.17
CA LEU A 450 27.90 3.12 -34.53
C LEU A 450 26.92 2.62 -35.57
N GLN A 451 27.40 1.83 -36.54
CA GLN A 451 26.50 1.28 -37.54
C GLN A 451 25.68 0.12 -36.97
N ALA A 452 26.18 -0.52 -35.91
CA ALA A 452 25.39 -1.55 -35.23
C ALA A 452 24.29 -0.94 -34.39
N ALA A 453 24.50 0.26 -33.85
CA ALA A 453 23.49 0.95 -33.08
C ALA A 453 22.51 1.74 -33.93
N GLY A 454 22.72 1.79 -35.24
CA GLY A 454 21.80 2.47 -36.13
C GLY A 454 21.99 3.96 -36.25
N ILE A 455 23.09 4.50 -35.73
CA ILE A 455 23.36 5.94 -35.80
C ILE A 455 24.38 6.15 -36.91
N GLU A 456 23.97 6.86 -37.95
CA GLU A 456 24.88 7.33 -39.00
C GLU A 456 25.02 8.83 -38.81
N LEU A 457 26.22 9.28 -38.44
CA LEU A 457 26.46 10.66 -38.07
C LEU A 457 26.38 11.56 -39.29
N GLY A 458 25.38 12.44 -39.32
CA GLY A 458 25.21 13.35 -40.43
C GLY A 458 23.79 13.36 -40.94
N SER A 459 23.11 12.22 -40.83
CA SER A 459 21.73 12.08 -41.26
C SER A 459 20.81 11.79 -40.08
N ASN A 460 21.13 10.81 -39.25
CA ASN A 460 20.30 10.53 -38.09
C ASN A 460 20.62 11.47 -36.94
N TYR A 461 21.90 11.62 -36.61
CA TYR A 461 22.34 12.49 -35.54
C TYR A 461 23.43 13.41 -36.06
N PRO A 462 23.32 14.73 -35.89
CA PRO A 462 24.24 15.64 -36.55
C PRO A 462 25.64 15.61 -35.94
N LEU A 463 26.60 16.10 -36.72
CA LEU A 463 27.99 16.18 -36.27
C LEU A 463 28.14 17.30 -35.25
N PRO A 464 29.19 17.27 -34.43
CA PRO A 464 29.51 18.44 -33.60
C PRO A 464 29.89 19.64 -34.45
N ILE A 465 29.23 20.76 -34.19
CA ILE A 465 29.46 21.97 -34.98
C ILE A 465 30.83 22.56 -34.68
N VAL A 466 31.30 22.38 -33.46
CA VAL A 466 32.60 22.85 -33.02
C VAL A 466 33.29 21.69 -32.32
N GLU A 467 34.49 21.36 -32.76
CA GLU A 467 35.20 20.24 -32.17
C GLU A 467 35.70 20.59 -30.76
N LEU A 468 35.97 19.55 -29.98
CA LEU A 468 36.36 19.75 -28.59
C LEU A 468 37.79 20.22 -28.48
N ASP A 469 38.69 19.66 -29.28
CA ASP A 469 40.08 20.08 -29.29
C ASP A 469 40.28 21.42 -29.97
N ALA A 470 39.32 21.84 -30.80
CA ALA A 470 39.38 23.17 -31.42
C ALA A 470 39.14 24.26 -30.37
N ALA A 471 37.99 24.22 -29.70
CA ALA A 471 37.64 25.23 -28.71
C ALA A 471 38.41 25.07 -27.40
N LYS A 472 39.17 23.98 -27.23
CA LYS A 472 40.08 23.90 -26.10
C LYS A 472 41.28 24.84 -26.28
N GLY A 473 41.58 25.19 -27.52
CA GLY A 473 42.65 26.15 -27.80
C GLY A 473 42.12 27.44 -28.39
N ARG A 474 40.98 27.39 -29.08
CA ARG A 474 40.38 28.59 -29.64
C ARG A 474 39.81 29.49 -28.55
N LEU A 475 39.45 28.94 -27.39
CA LEU A 475 39.14 29.76 -26.23
C LEU A 475 40.38 30.51 -25.75
N GLN A 476 41.52 29.82 -25.67
CA GLN A 476 42.74 30.44 -25.14
C GLN A 476 43.36 31.42 -26.13
N ALA A 477 42.94 31.39 -27.39
CA ALA A 477 43.24 32.49 -28.30
C ALA A 477 42.36 33.70 -28.02
N ALA A 478 41.17 33.49 -27.45
CA ALA A 478 40.26 34.58 -27.12
C ALA A 478 40.33 35.01 -25.66
N LEU A 479 40.74 34.11 -24.75
CA LEU A 479 40.83 34.43 -23.33
C LEU A 479 42.11 35.17 -23.00
N SER A 480 43.11 35.10 -23.87
CA SER A 480 44.30 35.92 -23.73
C SER A 480 44.05 37.39 -24.03
N GLU A 481 42.92 37.73 -24.66
CA GLU A 481 42.51 39.12 -24.83
C GLU A 481 42.00 39.74 -23.54
N MET A 482 41.65 38.93 -22.54
CA MET A 482 41.33 39.45 -21.21
C MET A 482 42.59 39.82 -20.45
N TRP A 483 43.61 38.98 -20.58
CA TRP A 483 44.78 38.96 -19.72
C TRP A 483 45.89 39.88 -20.22
N GLN A 484 45.62 40.61 -21.32
CA GLN A 484 46.45 41.74 -21.71
C GLN A 484 45.85 43.06 -21.26
N LEU A 485 44.54 43.10 -20.98
CA LEU A 485 43.87 44.34 -20.64
C LEU A 485 43.58 44.49 -19.14
N GLU A 486 43.22 43.39 -18.47
CA GLU A 486 42.92 43.44 -17.04
C GLU A 486 44.19 43.33 -16.21
N MET B 1 26.92 23.53 33.70
CA MET B 1 27.59 23.97 34.92
C MET B 1 27.38 25.45 35.20
N ARG B 2 26.52 26.09 34.43
CA ARG B 2 26.15 27.48 34.69
C ARG B 2 24.70 27.60 35.14
N ILE B 3 23.75 27.06 34.38
CA ILE B 3 22.33 27.11 34.73
C ILE B 3 21.81 25.68 34.76
N VAL B 4 20.69 25.49 35.48
CA VAL B 4 20.04 24.19 35.51
C VAL B 4 18.61 24.31 35.01
N VAL B 5 18.18 23.33 34.24
CA VAL B 5 16.77 23.09 34.04
C VAL B 5 16.37 21.82 34.78
N TRP B 6 15.28 21.88 35.54
CA TRP B 6 14.78 20.67 36.17
C TRP B 6 13.37 20.42 35.66
N PHE B 7 13.21 19.26 35.02
CA PHE B 7 11.92 18.88 34.47
C PHE B 7 10.99 18.47 35.60
N ARG B 8 9.72 18.84 35.48
CA ARG B 8 8.71 18.34 36.41
C ARG B 8 7.65 17.52 35.69
N ARG B 9 6.93 18.12 34.74
CA ARG B 9 5.96 17.39 33.93
C ARG B 9 5.99 17.89 32.50
N ASP B 10 7.19 18.04 31.95
CA ASP B 10 7.42 18.48 30.58
C ASP B 10 8.47 17.59 29.92
N LEU B 11 8.27 16.27 30.00
CA LEU B 11 9.30 15.30 29.61
C LEU B 11 9.41 15.23 28.08
N ARG B 12 10.00 16.28 27.51
CA ARG B 12 10.19 16.40 26.07
C ARG B 12 11.31 17.40 25.82
N VAL B 13 11.84 17.37 24.59
CA VAL B 13 12.83 18.34 24.17
C VAL B 13 12.36 19.23 23.03
N GLU B 14 11.39 18.79 22.24
CA GLU B 14 10.80 19.65 21.22
C GLU B 14 9.95 20.70 21.91
N ASP B 15 10.03 21.95 21.41
CA ASP B 15 9.40 23.20 21.85
C ASP B 15 9.19 23.35 23.36
N ASN B 16 10.19 22.93 24.14
CA ASN B 16 10.17 23.09 25.58
C ASN B 16 10.80 24.44 25.92
N PRO B 17 10.02 25.43 26.34
CA PRO B 17 10.58 26.78 26.50
C PRO B 17 11.30 27.01 27.83
N ALA B 18 12.08 26.03 28.28
CA ALA B 18 13.07 26.19 29.32
C ALA B 18 14.40 25.60 28.90
N LEU B 19 14.37 24.57 28.03
CA LEU B 19 15.59 24.01 27.48
C LEU B 19 16.08 24.83 26.29
N ALA B 20 15.16 25.31 25.46
CA ALA B 20 15.56 26.12 24.32
C ALA B 20 16.01 27.51 24.75
N ALA B 21 15.46 28.01 25.85
CA ALA B 21 15.96 29.24 26.46
C ALA B 21 17.21 29.00 27.29
N ALA B 22 17.64 27.75 27.42
CA ALA B 22 18.93 27.41 28.03
C ALA B 22 20.03 27.23 27.00
N ALA B 23 19.68 26.86 25.77
CA ALA B 23 20.69 26.69 24.73
C ALA B 23 21.25 28.02 24.28
N ARG B 24 20.39 29.01 24.05
CA ARG B 24 20.82 30.33 23.60
C ARG B 24 21.28 31.23 24.74
N ALA B 25 21.29 30.72 25.97
CA ALA B 25 21.82 31.49 27.09
C ALA B 25 23.33 31.55 27.11
N GLY B 26 24.01 30.78 26.26
CA GLY B 26 25.47 30.85 26.17
C GLY B 26 26.24 29.87 27.01
N GLY B 27 25.93 29.79 28.30
CA GLY B 27 26.65 28.91 29.20
C GLY B 27 26.26 27.46 29.05
N GLU B 28 26.80 26.64 29.95
CA GLU B 28 26.52 25.20 29.92
C GLU B 28 25.27 24.90 30.74
N VAL B 29 24.48 23.95 30.27
CA VAL B 29 23.23 23.56 30.92
C VAL B 29 23.33 22.10 31.32
N VAL B 30 22.91 21.80 32.54
CA VAL B 30 22.76 20.42 33.01
C VAL B 30 21.29 20.21 33.38
N PRO B 31 20.66 19.12 32.95
CA PRO B 31 19.26 18.89 33.28
C PRO B 31 19.13 18.04 34.54
N ALA B 32 17.88 17.95 35.03
CA ALA B 32 17.63 17.32 36.31
C ALA B 32 16.18 16.88 36.42
N TYR B 33 15.94 15.94 37.34
CA TYR B 33 14.58 15.51 37.72
C TYR B 33 14.62 15.14 39.19
N VAL B 34 14.15 16.04 40.04
CA VAL B 34 14.06 15.74 41.47
C VAL B 34 12.72 15.09 41.76
N TRP B 35 12.76 13.91 42.37
CA TRP B 35 11.58 13.09 42.63
C TRP B 35 11.30 13.10 44.12
N SER B 36 10.24 13.81 44.52
CA SER B 36 9.81 13.89 45.91
C SER B 36 8.30 13.67 45.93
N PRO B 37 7.85 12.43 46.13
CA PRO B 37 6.41 12.17 46.17
C PRO B 37 5.83 12.33 47.57
N GLU B 38 6.69 12.43 48.58
CA GLU B 38 6.23 12.64 49.94
C GLU B 38 5.74 14.07 50.15
N GLU B 39 6.20 15.00 49.31
CA GLU B 39 5.73 16.38 49.35
C GLU B 39 4.29 16.51 48.88
N GLU B 40 3.86 15.68 47.91
CA GLU B 40 2.57 15.81 47.26
C GLU B 40 1.40 15.34 48.14
N GLY B 41 1.66 14.88 49.37
CA GLY B 41 0.62 14.61 50.33
C GLY B 41 -0.18 13.35 50.03
N PRO B 42 -1.50 13.48 49.95
CA PRO B 42 -2.34 12.34 49.56
C PRO B 42 -2.22 11.99 48.08
N TYR B 43 -1.69 12.90 47.26
CA TYR B 43 -1.49 12.68 45.84
C TYR B 43 -0.10 12.16 45.53
N TYR B 44 0.26 11.10 46.24
CA TYR B 44 1.37 10.23 45.87
C TYR B 44 0.99 9.70 44.50
N PRO B 45 1.74 10.05 43.45
CA PRO B 45 1.21 9.90 42.09
C PRO B 45 1.12 8.46 41.60
N GLY B 46 -0.10 7.93 41.65
CA GLY B 46 -0.49 6.69 41.00
C GLY B 46 0.25 5.43 41.37
N ARG B 47 -0.08 4.35 40.66
CA ARG B 47 0.70 3.12 40.69
C ARG B 47 1.05 2.61 39.31
N VAL B 48 0.21 2.84 38.31
CA VAL B 48 0.62 2.73 36.91
C VAL B 48 1.02 4.08 36.34
N SER B 49 0.61 5.19 36.96
CA SER B 49 1.14 6.49 36.59
C SER B 49 2.59 6.63 37.02
N ARG B 50 3.00 5.86 38.03
CA ARG B 50 4.39 5.77 38.41
C ARG B 50 5.18 4.84 37.50
N TRP B 51 4.50 3.95 36.77
CA TRP B 51 5.16 3.11 35.79
C TRP B 51 5.52 3.90 34.55
N TRP B 52 4.67 4.85 34.17
CA TRP B 52 4.87 5.63 32.95
C TRP B 52 6.08 6.55 33.08
N ILE B 53 6.39 7.03 34.29
CA ILE B 53 7.49 7.96 34.46
C ILE B 53 8.83 7.24 34.32
N SER B 54 8.93 6.03 34.86
CA SER B 54 10.19 5.29 34.84
C SER B 54 10.59 4.85 33.45
N GLN B 55 9.62 4.72 32.54
CA GLN B 55 9.89 4.34 31.16
C GLN B 55 9.98 5.55 30.23
N SER B 56 9.50 6.70 30.67
CA SER B 56 9.64 7.95 29.92
C SER B 56 10.88 8.73 30.29
N LEU B 57 11.38 8.59 31.51
CA LEU B 57 12.66 9.18 31.87
C LEU B 57 13.80 8.50 31.12
N ASN B 58 13.79 7.17 31.09
CA ASN B 58 14.81 6.42 30.38
C ASN B 58 14.71 6.61 28.87
N HIS B 59 13.51 6.97 28.38
CA HIS B 59 13.37 7.39 27.00
C HIS B 59 13.90 8.80 26.79
N LEU B 60 13.86 9.64 27.83
CA LEU B 60 14.33 11.01 27.70
C LEU B 60 15.86 11.08 27.74
N ASP B 61 16.51 10.15 28.44
CA ASP B 61 17.96 10.16 28.54
C ASP B 61 18.61 9.87 27.19
N ALA B 62 18.18 8.82 26.51
CA ALA B 62 18.73 8.48 25.20
C ALA B 62 18.30 9.43 24.10
N SER B 63 17.34 10.31 24.37
CA SER B 63 16.91 11.33 23.43
C SER B 63 17.56 12.67 23.69
N LEU B 64 18.15 12.85 24.86
CA LEU B 64 18.83 14.08 25.21
C LEU B 64 20.34 13.92 25.31
N ARG B 65 20.85 12.69 25.34
CA ARG B 65 22.29 12.47 25.18
C ARG B 65 22.75 12.78 23.77
N ARG B 66 21.88 12.59 22.77
CA ARG B 66 22.26 12.81 21.39
C ARG B 66 22.24 14.29 21.00
N LEU B 67 21.74 15.15 21.88
CA LEU B 67 21.92 16.59 21.75
C LEU B 67 23.16 17.07 22.49
N GLY B 68 23.85 16.17 23.18
CA GLY B 68 24.97 16.52 24.04
C GLY B 68 24.65 16.19 25.47
N ALA B 69 24.98 17.10 26.39
CA ALA B 69 24.39 17.20 27.73
C ALA B 69 24.70 16.05 28.68
N GLY B 70 25.43 15.03 28.24
CA GLY B 70 25.95 14.03 29.15
C GLY B 70 24.93 13.07 29.73
N LYS B 71 24.06 13.58 30.60
CA LYS B 71 23.13 12.74 31.35
C LYS B 71 21.84 13.47 31.68
N LEU B 72 20.96 12.82 32.44
CA LEU B 72 19.84 13.45 33.12
C LEU B 72 19.86 12.98 34.57
N VAL B 73 20.37 13.83 35.46
CA VAL B 73 20.56 13.44 36.85
C VAL B 73 19.21 13.39 37.56
N THR B 74 19.07 12.45 38.49
CA THR B 74 17.80 12.20 39.20
C THR B 74 18.14 12.03 40.68
N ARG B 75 17.71 12.98 41.48
CA ARG B 75 17.90 12.89 42.92
C ARG B 75 16.57 12.74 43.64
N ARG B 76 16.65 12.28 44.88
CA ARG B 76 15.45 11.95 45.64
C ARG B 76 15.59 12.48 47.06
N SER B 77 14.57 13.18 47.54
CA SER B 77 14.53 13.65 48.91
C SER B 77 13.07 13.81 49.31
N ALA B 78 12.83 14.28 50.54
CA ALA B 78 11.47 14.43 51.03
C ALA B 78 10.78 15.61 50.34
N ASP B 79 11.43 16.76 50.33
CA ASP B 79 10.93 17.97 49.69
C ASP B 79 11.83 18.36 48.53
N ALA B 80 11.28 19.16 47.62
CA ALA B 80 12.04 19.57 46.45
C ALA B 80 13.11 20.59 46.81
N ALA B 81 12.82 21.47 47.77
CA ALA B 81 13.66 22.63 48.06
C ALA B 81 14.98 22.27 48.71
N VAL B 82 15.08 21.15 49.42
CA VAL B 82 16.35 20.76 50.03
C VAL B 82 17.20 20.11 48.95
N ALA B 83 16.56 19.27 48.14
CA ALA B 83 17.23 18.57 47.05
C ALA B 83 17.67 19.49 45.92
N LEU B 84 16.89 20.53 45.63
CA LEU B 84 17.27 21.45 44.55
C LEU B 84 18.37 22.39 45.00
N LEU B 85 18.36 22.79 46.28
CA LEU B 85 19.44 23.62 46.81
C LEU B 85 20.73 22.82 46.92
N GLN B 86 20.63 21.53 47.22
CA GLN B 86 21.81 20.67 47.23
C GLN B 86 22.30 20.36 45.82
N LEU B 87 21.51 20.66 44.80
CA LEU B 87 21.91 20.41 43.42
C LEU B 87 22.70 21.58 42.87
N VAL B 88 22.28 22.81 43.19
CA VAL B 88 23.04 23.98 42.76
C VAL B 88 24.30 24.14 43.62
N ARG B 89 24.31 23.51 44.80
CA ARG B 89 25.52 23.50 45.60
C ARG B 89 26.54 22.50 45.06
N ASP B 90 26.08 21.33 44.61
CA ASP B 90 26.95 20.26 44.14
C ASP B 90 27.53 20.57 42.76
N THR B 91 26.81 21.36 41.96
CA THR B 91 27.24 21.64 40.60
C THR B 91 27.74 23.07 40.41
N GLY B 92 27.46 23.97 41.34
CA GLY B 92 27.89 25.36 41.20
C GLY B 92 27.17 26.09 40.09
N ALA B 93 25.84 26.00 40.08
CA ALA B 93 25.04 26.64 39.05
C ALA B 93 24.59 28.03 39.52
N THR B 94 24.21 28.85 38.55
CA THR B 94 23.82 30.23 38.81
C THR B 94 22.33 30.45 38.66
N HIS B 95 21.70 29.81 37.68
CA HIS B 95 20.28 30.00 37.45
C HIS B 95 19.53 28.69 37.64
N VAL B 96 18.20 28.81 37.76
CA VAL B 96 17.28 27.69 37.72
C VAL B 96 16.20 28.04 36.71
N TYR B 97 16.09 27.24 35.65
CA TYR B 97 15.14 27.52 34.58
C TYR B 97 14.08 26.41 34.58
N PHE B 98 13.02 26.63 35.33
CA PHE B 98 11.86 25.75 35.33
C PHE B 98 10.68 26.47 34.71
N ASN B 99 9.53 25.81 34.76
CA ASN B 99 8.28 26.34 34.24
C ASN B 99 7.13 25.98 35.16
N HIS B 100 6.27 26.94 35.45
CA HIS B 100 5.31 26.78 36.53
C HIS B 100 4.16 25.86 36.14
N LEU B 101 3.81 24.97 37.05
CA LEU B 101 2.64 24.10 36.91
C LEU B 101 1.42 24.79 37.51
N TYR B 102 0.30 24.08 37.52
CA TYR B 102 -0.94 24.69 37.99
C TYR B 102 -1.70 23.81 38.97
N ASP B 103 -1.06 22.83 39.58
CA ASP B 103 -1.69 22.17 40.71
C ASP B 103 -1.77 23.13 41.90
N PRO B 104 -2.84 23.05 42.69
CA PRO B 104 -2.88 23.84 43.92
C PRO B 104 -1.88 23.38 44.95
N ILE B 105 -1.29 22.19 44.81
CA ILE B 105 -0.25 21.72 45.72
C ILE B 105 1.14 22.07 45.22
N SER B 106 1.33 22.36 43.93
CA SER B 106 2.63 22.79 43.44
C SER B 106 2.74 24.30 43.32
N LEU B 107 1.62 24.99 43.14
CA LEU B 107 1.61 26.44 43.11
C LEU B 107 2.02 27.04 44.44
N VAL B 108 1.57 26.46 45.56
CA VAL B 108 2.07 26.84 46.88
C VAL B 108 3.52 26.40 47.05
N ARG B 109 3.93 25.30 46.43
CA ARG B 109 5.30 24.83 46.47
C ARG B 109 6.24 25.62 45.59
N ASP B 110 5.75 26.16 44.46
CA ASP B 110 6.62 26.87 43.54
C ASP B 110 7.03 28.23 44.09
N ARG B 111 6.08 28.99 44.65
CA ARG B 111 6.44 30.24 45.30
C ARG B 111 7.22 30.00 46.59
N ARG B 112 7.04 28.85 47.22
CA ARG B 112 7.90 28.45 48.33
C ARG B 112 9.27 28.03 47.82
N LEU B 113 9.36 27.50 46.60
CA LEU B 113 10.65 27.19 46.00
C LEU B 113 11.37 28.46 45.54
N LYS B 114 10.63 29.41 44.99
CA LYS B 114 11.22 30.67 44.57
C LYS B 114 11.61 31.52 45.77
N GLU B 115 11.01 31.27 46.93
CA GLU B 115 11.35 31.95 48.17
C GLU B 115 12.63 31.40 48.79
N MET B 116 12.96 30.12 48.58
CA MET B 116 14.18 29.59 49.16
C MET B 116 15.40 29.92 48.31
N LEU B 117 15.28 29.78 46.99
CA LEU B 117 16.42 29.89 46.11
C LEU B 117 16.87 31.35 45.94
N ALA B 118 15.91 32.28 45.85
CA ALA B 118 16.27 33.67 45.61
C ALA B 118 16.89 34.31 46.85
N ALA B 119 16.46 33.88 48.04
CA ALA B 119 17.07 34.37 49.26
C ALA B 119 18.47 33.80 49.48
N GLU B 120 18.82 32.71 48.80
CA GLU B 120 20.18 32.19 48.89
C GLU B 120 21.15 33.07 48.10
N GLY B 121 20.78 33.42 46.87
CA GLY B 121 21.66 34.20 46.03
C GLY B 121 21.57 33.85 44.56
N ILE B 122 20.99 32.69 44.25
CA ILE B 122 20.78 32.30 42.86
C ILE B 122 19.44 32.87 42.36
N VAL B 123 19.33 32.99 41.05
CA VAL B 123 18.20 33.63 40.41
C VAL B 123 17.42 32.60 39.60
N VAL B 124 16.09 32.71 39.65
CA VAL B 124 15.21 31.76 38.97
C VAL B 124 14.39 32.52 37.95
N GLN B 125 13.75 31.77 37.03
CA GLN B 125 12.84 32.35 36.05
C GLN B 125 11.89 31.26 35.58
N SER B 126 10.59 31.49 35.72
CA SER B 126 9.60 30.52 35.30
C SER B 126 9.13 30.80 33.87
N PHE B 127 8.59 29.77 33.23
CA PHE B 127 8.09 29.88 31.87
C PHE B 127 6.73 29.21 31.80
N ASN B 128 6.14 29.24 30.61
CA ASN B 128 4.80 28.71 30.38
C ASN B 128 4.88 27.64 29.31
N SER B 129 4.74 26.37 29.72
CA SER B 129 4.87 25.26 28.79
C SER B 129 3.54 24.58 28.47
N ASP B 130 2.90 23.96 29.47
CA ASP B 130 1.74 23.12 29.20
C ASP B 130 0.44 23.91 29.31
N LEU B 131 0.36 25.02 28.59
CA LEU B 131 -0.87 25.80 28.53
C LEU B 131 -0.83 26.70 27.31
N LEU B 132 -2.00 26.99 26.75
CA LEU B 132 -2.08 27.85 25.57
C LEU B 132 -1.82 29.30 25.94
N TYR B 133 -2.70 29.88 26.74
CA TYR B 133 -2.48 31.18 27.31
C TYR B 133 -2.08 31.02 28.78
N GLU B 134 -1.95 32.11 29.50
CA GLU B 134 -1.75 31.95 30.93
C GLU B 134 -3.05 32.26 31.66
N PRO B 135 -3.35 31.61 32.79
CA PRO B 135 -4.71 31.73 33.36
C PRO B 135 -5.01 33.03 34.05
N TRP B 136 -4.06 33.96 34.16
CA TRP B 136 -4.35 35.27 34.72
C TRP B 136 -4.58 36.33 33.65
N GLU B 137 -4.15 36.10 32.42
CA GLU B 137 -4.35 37.06 31.35
C GLU B 137 -5.63 36.81 30.56
N VAL B 138 -6.27 35.65 30.72
CA VAL B 138 -7.61 35.45 30.20
C VAL B 138 -8.61 35.95 31.23
N VAL B 139 -9.36 36.98 30.88
CA VAL B 139 -10.30 37.60 31.81
C VAL B 139 -11.67 37.69 31.17
N ASP B 140 -12.69 37.98 31.97
CA ASP B 140 -14.00 38.32 31.44
C ASP B 140 -14.06 39.83 31.23
N ASP B 141 -15.28 40.35 31.17
CA ASP B 141 -15.56 41.75 30.87
C ASP B 141 -14.79 42.73 31.78
N GLU B 142 -15.06 42.70 33.08
CA GLU B 142 -14.45 43.73 33.93
C GLU B 142 -13.06 43.37 34.45
N GLY B 143 -12.95 42.40 35.37
CA GLY B 143 -11.65 41.94 35.84
C GLY B 143 -11.65 40.53 36.40
N GLN B 144 -12.77 39.85 36.30
CA GLN B 144 -13.02 38.68 37.12
C GLN B 144 -12.61 37.40 36.40
N PRO B 145 -12.55 36.28 37.12
CA PRO B 145 -12.50 34.98 36.44
C PRO B 145 -13.88 34.53 35.99
N PHE B 146 -13.88 33.63 35.01
CA PHE B 146 -15.10 32.99 34.55
C PHE B 146 -15.54 31.94 35.57
N THR B 147 -16.79 31.50 35.45
CA THR B 147 -17.31 30.43 36.30
C THR B 147 -17.90 29.29 35.50
N MET B 148 -17.87 29.37 34.17
CA MET B 148 -18.40 28.32 33.31
C MET B 148 -17.35 28.00 32.25
N PHE B 149 -17.71 27.16 31.30
CA PHE B 149 -16.80 26.80 30.21
C PHE B 149 -17.14 27.47 28.90
N ASP B 150 -18.40 27.47 28.50
CA ASP B 150 -18.78 28.04 27.21
C ASP B 150 -18.65 29.56 27.16
N PRO B 151 -18.86 30.34 28.24
CA PRO B 151 -18.35 31.71 28.22
C PRO B 151 -16.84 31.82 28.23
N PHE B 152 -16.13 30.83 28.80
CA PHE B 152 -14.67 30.94 28.90
C PHE B 152 -14.00 30.73 27.56
N TRP B 153 -14.33 29.64 26.88
CA TRP B 153 -13.62 29.26 25.66
C TRP B 153 -13.98 30.15 24.48
N ASN B 154 -15.10 30.87 24.54
CA ASN B 154 -15.43 31.86 23.52
C ASN B 154 -14.51 33.08 23.58
N ARG B 155 -13.91 33.35 24.74
CA ARG B 155 -12.84 34.33 24.86
C ARG B 155 -11.51 33.74 24.39
N CYS B 156 -11.33 32.44 24.56
CA CYS B 156 -10.07 31.78 24.28
C CYS B 156 -9.79 31.59 22.79
N LEU B 157 -10.81 31.61 21.93
CA LEU B 157 -10.55 31.58 20.49
C LEU B 157 -10.57 32.97 19.86
N SER B 158 -11.13 33.96 20.55
CA SER B 158 -11.27 35.31 20.03
C SER B 158 -10.38 36.27 20.81
N MET B 159 -9.15 35.84 21.10
CA MET B 159 -8.19 36.67 21.78
C MET B 159 -7.72 37.79 20.86
N PRO B 160 -7.26 38.91 21.43
CA PRO B 160 -6.54 39.91 20.62
C PRO B 160 -5.33 39.35 19.91
N TYR B 161 -4.46 38.61 20.60
CA TYR B 161 -3.25 38.07 20.02
C TYR B 161 -3.29 36.55 20.07
N ASP B 162 -2.74 35.93 19.02
CA ASP B 162 -2.73 34.48 18.90
C ASP B 162 -1.74 33.87 19.89
N PRO B 163 -1.91 32.59 20.24
CA PRO B 163 -0.95 31.93 21.14
C PRO B 163 0.41 31.79 20.47
N PRO B 164 1.49 31.80 21.24
CA PRO B 164 2.83 31.73 20.64
C PRO B 164 3.09 30.37 20.01
N ALA B 165 3.69 30.39 18.82
CA ALA B 165 3.91 29.23 18.00
C ALA B 165 4.97 28.33 18.63
N PRO B 166 5.04 27.03 18.22
CA PRO B 166 6.12 26.17 18.72
C PRO B 166 7.50 26.65 18.32
N LEU B 167 8.25 27.13 19.31
CA LEU B 167 9.61 27.60 19.09
C LEU B 167 10.51 26.40 18.87
N LEU B 168 11.56 26.58 18.10
CA LEU B 168 12.44 25.55 17.57
C LEU B 168 13.14 24.76 18.68
N PRO B 169 13.33 23.46 18.52
CA PRO B 169 14.16 22.72 19.46
C PRO B 169 15.61 23.14 19.34
N PRO B 170 16.41 22.92 20.39
CA PRO B 170 17.81 23.37 20.35
C PRO B 170 18.65 22.59 19.35
N LYS B 171 19.71 23.24 18.87
CA LYS B 171 20.61 22.60 17.94
C LYS B 171 21.49 21.59 18.67
N ARG B 172 22.27 22.05 19.64
CA ARG B 172 23.06 21.19 20.49
C ARG B 172 23.40 21.95 21.77
N ILE B 173 23.48 21.20 22.87
CA ILE B 173 23.80 21.75 24.18
C ILE B 173 24.99 20.99 24.74
N ASN B 174 25.44 21.40 25.93
CA ASN B 174 26.66 20.83 26.50
C ASN B 174 26.59 20.89 28.02
N SER B 175 26.93 19.78 28.66
CA SER B 175 26.99 19.71 30.11
C SER B 175 28.39 19.99 30.65
N GLY B 176 29.42 19.86 29.80
CA GLY B 176 30.79 19.99 30.24
C GLY B 176 31.34 18.70 30.83
N ASP B 177 30.95 18.39 32.06
CA ASP B 177 31.41 17.20 32.75
C ASP B 177 30.20 16.42 33.25
N LEU B 178 30.18 15.12 32.99
CA LEU B 178 29.07 14.25 33.33
C LEU B 178 29.31 13.45 34.61
N SER B 179 30.31 13.83 35.40
CA SER B 179 30.67 13.04 36.57
C SER B 179 30.89 13.86 37.83
N MET B 180 30.82 15.19 37.76
CA MET B 180 30.91 16.01 38.97
C MET B 180 29.71 15.80 39.88
N CYS B 181 28.53 15.60 39.29
CA CYS B 181 27.32 15.41 40.06
C CYS B 181 27.03 13.91 40.24
N PRO B 182 27.09 13.39 41.47
CA PRO B 182 26.88 11.95 41.67
C PRO B 182 25.42 11.54 41.59
N SER B 183 24.93 11.29 40.37
CA SER B 183 23.55 10.89 40.17
C SER B 183 23.33 9.48 40.70
N GLU B 184 22.05 9.14 40.89
CA GLU B 184 21.69 7.85 41.45
C GLU B 184 20.42 7.34 40.79
N ASP B 185 20.38 6.03 40.55
CA ASP B 185 19.13 5.42 40.13
C ASP B 185 18.18 5.35 41.31
N LEU B 186 16.89 5.22 40.99
CA LEU B 186 15.85 5.31 42.01
C LEU B 186 14.67 4.46 41.58
N ILE B 187 13.96 3.94 42.56
CA ILE B 187 12.83 3.05 42.31
C ILE B 187 11.59 3.90 42.07
N PHE B 188 10.74 3.46 41.14
CA PHE B 188 9.45 4.06 40.92
C PHE B 188 8.34 3.06 41.24
N GLU B 189 8.42 1.87 40.64
CA GLU B 189 7.44 0.83 40.87
C GLU B 189 7.92 -0.12 41.97
N ASP B 190 6.97 -0.84 42.54
CA ASP B 190 7.28 -1.80 43.59
C ASP B 190 7.96 -3.03 42.99
N GLU B 191 8.56 -3.83 43.86
CA GLU B 191 9.20 -5.06 43.42
C GLU B 191 8.22 -6.21 43.26
N SER B 192 7.08 -6.16 43.96
CA SER B 192 6.05 -7.17 43.76
C SER B 192 5.34 -6.99 42.42
N GLU B 193 5.22 -5.76 41.95
CA GLU B 193 4.63 -5.49 40.65
C GLU B 193 5.69 -5.06 39.64
N ARG B 194 6.86 -5.70 39.65
CA ARG B 194 7.88 -5.40 38.66
C ARG B 194 7.55 -6.07 37.33
N GLY B 195 6.77 -7.14 37.36
CA GLY B 195 6.45 -7.88 36.17
C GLY B 195 5.01 -7.71 35.72
N SER B 196 4.13 -7.39 36.66
CA SER B 196 2.73 -7.17 36.31
C SER B 196 2.51 -5.79 35.69
N ASN B 197 3.45 -4.86 35.89
CA ASN B 197 3.33 -3.55 35.27
C ASN B 197 3.85 -3.53 33.85
N ALA B 198 4.70 -4.49 33.48
CA ALA B 198 5.22 -4.55 32.12
C ALA B 198 4.19 -5.05 31.11
N LEU B 199 3.01 -5.47 31.56
CA LEU B 199 1.93 -5.88 30.70
C LEU B 199 1.02 -4.74 30.30
N LEU B 200 1.34 -3.51 30.69
CA LEU B 200 0.66 -2.37 30.12
C LEU B 200 1.27 -1.94 28.80
N ALA B 201 2.40 -2.54 28.41
CA ALA B 201 3.07 -2.24 27.17
C ALA B 201 2.42 -2.93 25.97
N ARG B 202 1.36 -3.70 26.18
CA ARG B 202 0.65 -4.29 25.04
C ARG B 202 -0.17 -3.23 24.31
N ALA B 203 -0.48 -2.12 24.97
CA ALA B 203 -1.25 -1.05 24.36
C ALA B 203 -0.58 0.31 24.42
N TRP B 204 0.35 0.52 25.35
CA TRP B 204 0.92 1.84 25.60
C TRP B 204 2.43 1.77 25.58
N THR B 205 3.06 2.59 24.76
CA THR B 205 4.49 2.82 24.85
C THR B 205 4.72 4.29 25.15
N PRO B 206 5.39 4.63 26.24
CA PRO B 206 5.59 6.04 26.57
C PRO B 206 6.78 6.65 25.85
N GLY B 207 7.04 7.92 26.09
CA GLY B 207 8.12 8.62 25.44
C GLY B 207 7.61 9.74 24.55
N TRP B 208 8.47 10.74 24.34
CA TRP B 208 8.04 11.88 23.53
C TRP B 208 8.12 11.58 22.04
N GLN B 209 8.97 10.64 21.64
CA GLN B 209 9.07 10.29 20.23
C GLN B 209 7.81 9.57 19.75
N ASN B 210 7.18 8.80 20.63
CA ASN B 210 5.93 8.13 20.30
C ASN B 210 4.73 9.05 20.44
N ALA B 211 4.92 10.27 20.96
CA ALA B 211 3.82 11.20 21.08
C ALA B 211 3.47 11.83 19.75
N ASP B 212 4.48 12.20 18.97
CA ASP B 212 4.20 12.79 17.66
C ASP B 212 3.93 11.73 16.61
N LYS B 213 4.37 10.50 16.81
CA LYS B 213 3.92 9.41 15.96
C LYS B 213 2.45 9.10 16.21
N ALA B 214 2.01 9.25 17.47
CA ALA B 214 0.60 9.05 17.77
C ALA B 214 -0.24 10.23 17.33
N LEU B 215 0.35 11.43 17.28
CA LEU B 215 -0.39 12.60 16.86
C LEU B 215 -0.61 12.60 15.35
N THR B 216 0.45 12.34 14.59
CA THR B 216 0.35 12.38 13.13
C THR B 216 -0.47 11.22 12.59
N ALA B 217 -0.53 10.10 13.32
CA ALA B 217 -1.38 9.00 12.89
C ALA B 217 -2.85 9.30 13.15
N PHE B 218 -3.14 10.30 13.99
CA PHE B 218 -4.52 10.70 14.22
C PHE B 218 -4.98 11.77 13.25
N LEU B 219 -4.06 12.67 12.86
CA LEU B 219 -4.41 13.74 11.95
C LEU B 219 -4.75 13.21 10.56
N ASN B 220 -3.98 12.24 10.08
CA ASN B 220 -4.29 11.59 8.82
C ASN B 220 -5.46 10.61 8.93
N GLY B 221 -5.74 10.10 10.13
CA GLY B 221 -6.72 9.06 10.30
C GLY B 221 -8.05 9.54 10.83
N PRO B 222 -8.28 9.34 12.13
CA PRO B 222 -9.64 9.53 12.67
C PRO B 222 -10.08 10.96 12.89
N LEU B 223 -9.26 11.97 12.56
CA LEU B 223 -9.68 13.35 12.76
C LEU B 223 -10.71 13.77 11.71
N ALA B 224 -10.75 13.08 10.57
CA ALA B 224 -11.70 13.44 9.53
C ALA B 224 -13.13 13.07 9.91
N ASP B 225 -13.31 12.17 10.86
CA ASP B 225 -14.63 11.78 11.34
C ASP B 225 -14.68 11.76 12.86
N TYR B 226 -14.03 12.73 13.50
CA TYR B 226 -14.12 12.87 14.95
C TYR B 226 -15.47 13.40 15.40
N SER B 227 -16.18 14.10 14.52
CA SER B 227 -17.45 14.72 14.91
C SER B 227 -18.57 13.70 15.07
N VAL B 228 -18.44 12.51 14.48
CA VAL B 228 -19.46 11.47 14.60
C VAL B 228 -18.99 10.27 15.39
N ASN B 229 -17.70 9.97 15.41
CA ASN B 229 -17.15 8.86 16.19
C ASN B 229 -16.62 9.33 17.53
N ARG B 230 -17.19 10.40 18.08
CA ARG B 230 -16.72 10.93 19.36
C ARG B 230 -17.28 10.13 20.52
N LYS B 231 -18.52 9.67 20.39
CA LYS B 231 -19.19 9.01 21.52
C LYS B 231 -19.01 7.50 21.48
N LYS B 232 -18.77 6.93 20.30
CA LYS B 232 -18.71 5.48 20.15
C LYS B 232 -17.42 4.93 20.75
N ALA B 233 -17.55 3.98 21.67
CA ALA B 233 -16.43 3.46 22.43
C ALA B 233 -15.87 2.16 21.88
N ASP B 234 -16.55 1.55 20.92
CA ASP B 234 -16.13 0.25 20.40
C ASP B 234 -14.93 0.37 19.48
N SER B 235 -14.90 1.41 18.65
CA SER B 235 -13.75 1.67 17.80
C SER B 235 -12.78 2.63 18.47
N ALA B 236 -11.49 2.40 18.25
CA ALA B 236 -10.47 3.22 18.91
C ALA B 236 -10.11 4.45 18.07
N SER B 237 -11.13 5.18 17.65
CA SER B 237 -10.96 6.44 16.92
C SER B 237 -11.20 7.65 17.82
N THR B 238 -10.38 7.84 18.85
CA THR B 238 -10.59 8.97 19.75
C THR B 238 -9.28 9.57 20.22
N SER B 239 -8.19 9.32 19.47
CA SER B 239 -6.88 9.98 19.61
C SER B 239 -6.26 9.76 20.99
N LEU B 240 -5.85 8.51 21.22
CA LEU B 240 -5.38 8.09 22.54
C LEU B 240 -4.03 8.71 22.87
N LEU B 241 -4.01 10.01 23.17
CA LEU B 241 -2.77 10.70 23.48
C LEU B 241 -2.84 11.53 24.75
N SER B 242 -3.86 11.34 25.58
CA SER B 242 -3.89 12.03 26.86
C SER B 242 -2.81 11.62 27.88
N PRO B 243 -2.27 10.38 27.91
CA PRO B 243 -1.08 10.18 28.75
C PRO B 243 0.16 10.87 28.23
N HIS B 244 0.25 11.09 26.92
CA HIS B 244 1.34 11.91 26.40
C HIS B 244 1.11 13.37 26.75
N LEU B 245 -0.15 13.81 26.74
CA LEU B 245 -0.45 15.22 26.93
C LEU B 245 -0.50 15.60 28.41
N HIS B 246 -0.49 14.61 29.31
CA HIS B 246 -0.50 14.92 30.74
C HIS B 246 0.92 15.08 31.26
N PHE B 247 1.83 14.22 30.82
CA PHE B 247 3.21 14.26 31.27
C PHE B 247 4.08 15.18 30.45
N GLY B 248 3.48 15.99 29.58
CA GLY B 248 4.24 16.95 28.82
C GLY B 248 5.14 16.36 27.76
N GLU B 249 4.79 15.18 27.24
CA GLU B 249 5.52 14.63 26.11
C GLU B 249 5.03 15.17 24.78
N LEU B 250 3.94 15.94 24.80
CA LEU B 250 3.38 16.53 23.59
C LEU B 250 2.86 17.89 23.99
N SER B 251 3.32 18.94 23.31
CA SER B 251 2.93 20.29 23.70
C SER B 251 1.54 20.61 23.19
N VAL B 252 0.77 21.33 24.02
CA VAL B 252 -0.55 21.76 23.61
C VAL B 252 -0.48 22.82 22.54
N ARG B 253 0.61 23.60 22.50
CA ARG B 253 0.75 24.64 21.50
C ARG B 253 1.10 24.08 20.13
N LYS B 254 1.55 22.83 20.06
CA LYS B 254 1.78 22.19 18.76
C LYS B 254 0.51 21.54 18.23
N VAL B 255 -0.29 20.94 19.10
CA VAL B 255 -1.56 20.36 18.67
C VAL B 255 -2.54 21.45 18.26
N PHE B 256 -2.46 22.62 18.89
CA PHE B 256 -3.29 23.73 18.45
C PHE B 256 -2.85 24.27 17.11
N HIS B 257 -1.56 24.16 16.78
CA HIS B 257 -1.07 24.66 15.51
C HIS B 257 -1.44 23.73 14.37
N LEU B 258 -1.07 22.45 14.50
CA LEU B 258 -1.23 21.47 13.42
C LEU B 258 -2.68 21.16 13.10
N VAL B 259 -3.59 21.26 14.08
CA VAL B 259 -5.00 21.09 13.79
C VAL B 259 -5.53 22.32 13.04
N ARG B 260 -5.12 23.51 13.49
CA ARG B 260 -5.56 24.74 12.84
C ARG B 260 -4.91 24.90 11.47
N MET B 261 -3.67 24.40 11.30
CA MET B 261 -3.00 24.52 10.01
C MET B 261 -3.64 23.65 8.94
N LYS B 262 -4.17 22.49 9.32
CA LYS B 262 -4.84 21.62 8.37
C LYS B 262 -6.36 21.73 8.46
N GLN B 263 -6.88 22.59 9.33
CA GLN B 263 -8.27 22.99 9.19
C GLN B 263 -8.45 23.85 7.96
N LEU B 264 -7.44 24.66 7.63
CA LEU B 264 -7.47 25.47 6.43
C LEU B 264 -7.40 24.62 5.17
N VAL B 265 -6.68 23.51 5.22
CA VAL B 265 -6.55 22.62 4.06
C VAL B 265 -7.90 21.98 3.73
N TRP B 266 -8.62 21.52 4.75
CA TRP B 266 -9.94 20.95 4.52
C TRP B 266 -11.01 22.01 4.30
N SER B 267 -10.74 23.27 4.66
CA SER B 267 -11.76 24.31 4.53
C SER B 267 -12.00 24.69 3.08
N ASN B 268 -10.96 24.66 2.27
CA ASN B 268 -11.08 24.97 0.85
C ASN B 268 -10.99 23.71 -0.01
N GLU B 269 -11.55 22.60 0.47
CA GLU B 269 -11.74 21.39 -0.31
C GLU B 269 -13.17 20.87 -0.25
N GLY B 270 -14.07 21.62 0.39
CA GLY B 270 -15.46 21.25 0.47
C GLY B 270 -15.81 20.23 1.52
N ASN B 271 -14.85 19.85 2.37
CA ASN B 271 -15.09 18.84 3.41
C ASN B 271 -15.72 19.52 4.63
N HIS B 272 -17.05 19.54 4.66
CA HIS B 272 -17.74 20.21 5.74
C HIS B 272 -17.76 19.38 7.01
N ALA B 273 -17.56 18.06 6.89
CA ALA B 273 -17.49 17.23 8.08
C ALA B 273 -16.12 17.32 8.74
N ALA B 274 -15.06 17.30 7.94
CA ALA B 274 -13.71 17.32 8.48
C ALA B 274 -13.29 18.68 8.99
N GLU B 275 -14.00 19.74 8.60
CA GLU B 275 -13.73 21.05 9.21
C GLU B 275 -14.56 21.28 10.46
N GLU B 276 -15.68 20.57 10.61
CA GLU B 276 -16.44 20.64 11.85
C GLU B 276 -15.77 19.85 12.96
N SER B 277 -15.13 18.73 12.62
CA SER B 277 -14.44 17.90 13.60
C SER B 277 -13.10 18.48 14.03
N CYS B 278 -12.71 19.65 13.53
CA CYS B 278 -11.53 20.33 14.02
C CYS B 278 -11.87 21.42 15.03
N THR B 279 -13.05 22.00 14.94
CA THR B 279 -13.53 22.92 15.98
C THR B 279 -14.03 22.17 17.20
N LEU B 280 -14.30 20.87 17.07
CA LEU B 280 -14.78 20.05 18.16
C LEU B 280 -13.65 19.25 18.81
N PHE B 281 -12.52 19.12 18.14
CA PHE B 281 -11.31 18.58 18.76
C PHE B 281 -10.56 19.63 19.56
N LEU B 282 -10.57 20.87 19.11
CA LEU B 282 -9.94 21.95 19.88
C LEU B 282 -10.78 22.33 21.09
N ARG B 283 -12.09 22.06 21.04
CA ARG B 283 -12.92 22.27 22.22
C ARG B 283 -12.52 21.33 23.34
N SER B 284 -12.25 20.07 23.00
CA SER B 284 -11.82 19.11 24.00
C SER B 284 -10.43 19.43 24.53
N ILE B 285 -9.56 19.98 23.68
CA ILE B 285 -8.27 20.48 24.14
C ILE B 285 -8.48 21.66 25.09
N GLY B 286 -9.49 22.48 24.83
CA GLY B 286 -9.83 23.57 25.73
C GLY B 286 -10.40 23.12 27.06
N LEU B 287 -10.97 21.92 27.13
CA LEU B 287 -11.39 21.38 28.41
C LEU B 287 -10.20 21.04 29.30
N ARG B 288 -9.07 20.69 28.70
CA ARG B 288 -7.86 20.51 29.48
C ARG B 288 -7.34 21.84 29.99
N GLU B 289 -7.45 22.88 29.16
CA GLU B 289 -6.97 24.20 29.54
C GLU B 289 -7.87 24.84 30.58
N TYR B 290 -9.16 24.50 30.57
CA TYR B 290 -10.10 25.09 31.51
C TYR B 290 -9.93 24.51 32.90
N SER B 291 -9.57 23.23 33.00
CA SER B 291 -9.38 22.61 34.31
C SER B 291 -8.14 23.16 35.01
N ARG B 292 -7.09 23.48 34.24
CA ARG B 292 -5.91 24.10 34.84
C ARG B 292 -6.21 25.53 35.28
N TYR B 293 -7.07 26.22 34.54
CA TYR B 293 -7.45 27.58 34.87
C TYR B 293 -8.43 27.61 36.05
N LEU B 294 -9.11 26.51 36.32
CA LEU B 294 -10.11 26.49 37.38
C LEU B 294 -9.47 26.27 38.74
N SER B 295 -8.46 25.42 38.82
CA SER B 295 -7.81 25.15 40.11
C SER B 295 -6.86 26.26 40.51
N PHE B 296 -6.46 27.12 39.57
CA PHE B 296 -5.58 28.23 39.90
C PHE B 296 -6.40 29.44 40.36
N ASN B 297 -7.53 29.68 39.71
CA ASN B 297 -8.34 30.87 39.93
C ASN B 297 -9.41 30.58 40.98
N HIS B 298 -10.43 31.44 41.07
CA HIS B 298 -11.43 31.65 42.13
C HIS B 298 -11.94 30.42 42.90
N PRO B 299 -12.38 29.29 42.27
CA PRO B 299 -12.82 28.17 43.11
C PRO B 299 -11.65 27.48 43.79
N SER B 300 -10.60 27.23 43.01
CA SER B 300 -9.27 26.76 43.39
C SER B 300 -9.22 25.36 43.99
N SER B 301 -10.37 24.74 44.28
CA SER B 301 -10.48 23.52 45.08
C SER B 301 -9.66 23.64 46.37
N HIS B 302 -10.12 24.59 47.19
CA HIS B 302 -9.30 25.42 48.09
C HIS B 302 -8.24 24.72 48.95
N GLU B 303 -8.54 23.56 49.55
CA GLU B 303 -7.53 22.82 50.30
C GLU B 303 -7.26 21.41 49.78
N ARG B 304 -8.24 20.76 49.13
CA ARG B 304 -8.20 19.39 48.61
C ARG B 304 -9.08 19.31 47.36
N PRO B 305 -8.77 18.46 46.39
CA PRO B 305 -9.72 18.15 45.30
C PRO B 305 -10.68 17.03 45.64
N LEU B 306 -11.50 16.68 44.62
CA LEU B 306 -12.83 16.06 44.76
C LEU B 306 -13.76 16.89 45.62
N LEU B 307 -13.94 18.18 45.30
CA LEU B 307 -14.82 19.03 46.09
C LEU B 307 -15.69 20.01 45.27
N ALA B 308 -17.02 19.74 45.03
CA ALA B 308 -18.05 20.75 44.68
C ALA B 308 -19.52 20.39 45.10
N HIS B 309 -20.03 20.88 46.27
CA HIS B 309 -21.41 20.83 46.86
C HIS B 309 -21.91 19.55 47.65
N LEU B 310 -21.11 18.54 48.05
CA LEU B 310 -21.61 17.34 48.87
C LEU B 310 -20.74 17.05 50.10
N ARG B 311 -20.76 15.73 50.47
CA ARG B 311 -20.06 14.93 51.51
C ARG B 311 -20.79 14.88 52.85
N PHE B 312 -22.12 14.76 52.79
CA PHE B 312 -22.93 14.15 53.84
C PHE B 312 -23.56 12.80 53.52
N PHE B 313 -23.91 12.50 52.25
CA PHE B 313 -24.95 11.55 51.87
C PHE B 313 -24.75 10.14 52.43
N PRO B 314 -25.81 9.48 52.91
CA PRO B 314 -25.64 8.25 53.71
C PRO B 314 -25.18 7.05 52.87
N TRP B 315 -23.88 7.00 52.64
CA TRP B 315 -23.29 5.93 51.86
C TRP B 315 -23.25 4.62 52.64
N VAL B 316 -23.23 3.51 51.92
CA VAL B 316 -22.99 2.21 52.54
C VAL B 316 -21.48 2.07 52.75
N VAL B 317 -21.09 1.53 53.90
CA VAL B 317 -19.68 1.52 54.29
C VAL B 317 -19.16 0.11 53.99
N ASP B 318 -19.87 -0.60 53.10
CA ASP B 318 -19.57 -1.99 52.76
C ASP B 318 -18.29 -2.06 51.93
N GLU B 319 -17.25 -2.69 52.48
CA GLU B 319 -16.02 -2.89 51.73
C GLU B 319 -16.17 -3.96 50.65
N SER B 320 -17.03 -4.96 50.87
CA SER B 320 -17.17 -6.03 49.89
C SER B 320 -17.87 -5.56 48.63
N TYR B 321 -18.72 -4.52 48.73
CA TYR B 321 -19.21 -3.87 47.52
C TYR B 321 -18.10 -3.17 46.77
N PHE B 322 -17.11 -2.65 47.48
CA PHE B 322 -15.94 -2.09 46.81
C PHE B 322 -15.03 -3.20 46.31
N LYS B 323 -15.18 -4.43 46.80
CA LYS B 323 -14.47 -5.54 46.22
C LYS B 323 -15.18 -6.10 45.00
N ILE B 324 -16.49 -5.87 44.89
CA ILE B 324 -17.22 -6.35 43.72
C ILE B 324 -17.04 -5.41 42.54
N TRP B 325 -17.21 -4.10 42.78
CA TRP B 325 -17.11 -3.12 41.70
C TRP B 325 -15.70 -2.99 41.17
N ARG B 326 -14.69 -3.18 42.02
CA ARG B 326 -13.31 -3.19 41.56
C ARG B 326 -13.03 -4.42 40.70
N GLN B 327 -13.55 -5.58 41.09
CA GLN B 327 -13.36 -6.81 40.34
C GLN B 327 -14.27 -6.88 39.12
N GLY B 328 -15.54 -6.55 39.29
CA GLY B 328 -16.48 -6.60 38.20
C GLY B 328 -17.45 -7.75 38.29
N ARG B 329 -17.87 -8.11 39.50
CA ARG B 329 -18.92 -9.10 39.64
C ARG B 329 -20.26 -8.40 39.79
N THR B 330 -20.58 -7.49 38.88
CA THR B 330 -21.65 -6.53 39.12
C THR B 330 -22.92 -6.80 38.34
N GLY B 331 -22.87 -7.62 37.29
CA GLY B 331 -24.07 -7.94 36.56
C GLY B 331 -24.48 -6.95 35.49
N TYR B 332 -24.36 -5.65 35.77
CA TYR B 332 -24.59 -4.64 34.77
C TYR B 332 -23.46 -4.68 33.77
N PRO B 333 -23.70 -5.06 32.52
CA PRO B 333 -22.59 -5.44 31.63
C PRO B 333 -21.80 -4.27 31.07
N LEU B 334 -22.43 -3.11 30.90
CA LEU B 334 -21.70 -1.97 30.36
C LEU B 334 -20.73 -1.39 31.36
N VAL B 335 -21.09 -1.38 32.65
CA VAL B 335 -20.15 -0.93 33.67
C VAL B 335 -19.20 -2.03 34.08
N ASP B 336 -19.38 -3.24 33.55
CA ASP B 336 -18.51 -4.38 33.79
C ASP B 336 -17.42 -4.51 32.75
N ALA B 337 -17.75 -4.24 31.49
CA ALA B 337 -16.73 -4.18 30.45
C ALA B 337 -15.82 -2.97 30.65
N GLY B 338 -16.38 -1.87 31.16
CA GLY B 338 -15.55 -0.72 31.45
C GLY B 338 -14.64 -0.95 32.64
N MET B 339 -15.09 -1.76 33.59
CA MET B 339 -14.26 -2.05 34.75
C MET B 339 -13.19 -3.08 34.45
N ARG B 340 -13.32 -3.81 33.34
CA ARG B 340 -12.27 -4.72 32.92
C ARG B 340 -11.26 -4.08 32.00
N GLU B 341 -11.64 -3.06 31.25
CA GLU B 341 -10.70 -2.35 30.39
C GLU B 341 -9.76 -1.48 31.22
N LEU B 342 -10.28 -0.92 32.33
CA LEU B 342 -9.45 -0.07 33.19
C LEU B 342 -8.37 -0.88 33.88
N TRP B 343 -8.64 -2.14 34.19
CA TRP B 343 -7.62 -2.97 34.82
C TRP B 343 -6.66 -3.55 33.79
N ALA B 344 -7.12 -3.78 32.57
CA ALA B 344 -6.30 -4.45 31.57
C ALA B 344 -5.39 -3.47 30.84
N THR B 345 -5.87 -2.25 30.64
CA THR B 345 -5.13 -1.26 29.86
C THR B 345 -4.66 -0.06 30.67
N GLY B 346 -5.30 0.23 31.79
CA GLY B 346 -5.03 1.49 32.46
C GLY B 346 -5.61 2.66 31.68
N TRP B 347 -6.74 2.43 31.02
CA TRP B 347 -7.31 3.41 30.11
C TRP B 347 -8.81 3.17 30.00
N LEU B 348 -9.58 4.26 29.94
CA LEU B 348 -10.99 4.19 29.62
C LEU B 348 -11.36 5.30 28.65
N HIS B 349 -12.39 5.04 27.85
CA HIS B 349 -13.00 6.08 27.03
C HIS B 349 -13.70 7.08 27.93
N ASP B 350 -13.90 8.29 27.42
CA ASP B 350 -14.46 9.36 28.25
C ASP B 350 -15.93 9.13 28.57
N ARG B 351 -16.69 8.59 27.62
CA ARG B 351 -18.07 8.22 27.90
C ARG B 351 -18.20 6.93 28.70
N ILE B 352 -17.11 6.17 28.88
CA ILE B 352 -17.18 4.98 29.72
C ILE B 352 -16.72 5.32 31.13
N ARG B 353 -15.91 6.36 31.30
CA ARG B 353 -15.72 6.96 32.62
C ARG B 353 -17.00 7.63 33.11
N VAL B 354 -17.89 8.00 32.19
CA VAL B 354 -19.20 8.55 32.52
C VAL B 354 -20.07 7.50 33.22
N VAL B 355 -20.16 6.30 32.66
CA VAL B 355 -21.11 5.32 33.17
C VAL B 355 -20.54 4.42 34.25
N VAL B 356 -19.21 4.26 34.33
CA VAL B 356 -18.61 3.46 35.40
C VAL B 356 -18.66 4.23 36.72
N ALA B 357 -18.36 5.53 36.66
CA ALA B 357 -18.27 6.31 37.88
C ALA B 357 -19.63 6.77 38.37
N SER B 358 -20.58 7.03 37.47
CA SER B 358 -21.89 7.46 37.93
C SER B 358 -22.70 6.30 38.48
N PHE B 359 -22.39 5.08 38.06
CA PHE B 359 -22.97 3.90 38.70
C PHE B 359 -22.42 3.69 40.10
N PHE B 360 -21.21 4.18 40.36
CA PHE B 360 -20.54 3.96 41.64
C PHE B 360 -21.19 4.77 42.76
N VAL B 361 -21.78 5.91 42.45
CA VAL B 361 -22.35 6.81 43.45
C VAL B 361 -23.86 6.76 43.47
N LYS B 362 -24.50 6.76 42.29
CA LYS B 362 -25.94 6.89 42.22
C LYS B 362 -26.68 5.57 42.37
N VAL B 363 -25.98 4.45 42.22
CA VAL B 363 -26.63 3.15 42.31
C VAL B 363 -26.00 2.37 43.46
N LEU B 364 -24.67 2.23 43.44
CA LEU B 364 -24.00 1.52 44.52
C LEU B 364 -23.95 2.31 45.82
N GLN B 365 -24.05 3.65 45.73
CA GLN B 365 -24.12 4.55 46.89
C GLN B 365 -22.90 4.43 47.80
N LEU B 366 -21.73 4.50 47.21
CA LEU B 366 -20.49 4.43 47.97
C LEU B 366 -19.90 5.84 48.07
N PRO B 367 -19.02 6.09 49.06
CA PRO B 367 -18.41 7.43 49.14
C PRO B 367 -17.49 7.68 47.97
N ALA B 368 -17.53 8.91 47.45
CA ALA B 368 -16.83 9.27 46.22
C ALA B 368 -15.31 9.31 46.42
N ARG B 369 -14.83 9.41 47.66
CA ARG B 369 -13.39 9.38 47.86
C ARG B 369 -12.82 7.98 47.71
N TRP B 370 -13.67 6.95 47.72
CA TRP B 370 -13.21 5.61 47.41
C TRP B 370 -13.10 5.45 45.90
N GLY B 371 -13.91 6.21 45.16
CA GLY B 371 -13.82 6.19 43.70
C GLY B 371 -12.64 6.95 43.15
N MET B 372 -12.26 8.07 43.77
CA MET B 372 -11.06 8.77 43.33
C MET B 372 -9.80 7.99 43.66
N LYS B 373 -9.72 7.46 44.88
CA LYS B 373 -8.50 6.79 45.32
C LYS B 373 -8.28 5.49 44.58
N TYR B 374 -9.33 4.93 44.00
CA TYR B 374 -9.15 3.80 43.10
C TYR B 374 -8.80 4.26 41.69
N PHE B 375 -9.43 5.34 41.21
CA PHE B 375 -9.09 5.88 39.89
C PHE B 375 -7.69 6.48 39.89
N TRP B 376 -7.26 7.04 41.02
CA TRP B 376 -5.93 7.64 41.11
C TRP B 376 -4.84 6.58 41.02
N ASP B 377 -5.12 5.38 41.52
CA ASP B 377 -4.06 4.39 41.64
C ASP B 377 -3.85 3.65 40.32
N THR B 378 -4.92 3.30 39.62
CA THR B 378 -4.84 2.59 38.34
C THR B 378 -5.50 3.41 37.25
N LEU B 379 -4.73 4.32 36.66
CA LEU B 379 -5.08 5.11 35.48
C LEU B 379 -3.81 5.82 35.04
N LEU B 380 -3.73 6.17 33.76
CA LEU B 380 -2.53 6.82 33.27
C LEU B 380 -2.67 8.33 33.26
N ASP B 381 -3.84 8.83 32.86
CA ASP B 381 -4.12 10.26 32.76
C ASP B 381 -4.78 10.82 34.02
N ALA B 382 -4.08 10.55 35.13
CA ALA B 382 -4.51 10.84 36.48
C ALA B 382 -3.81 12.09 36.98
N ASP B 383 -4.35 13.26 36.65
CA ASP B 383 -3.82 14.51 37.13
C ASP B 383 -4.64 15.01 38.30
N LEU B 384 -4.36 16.24 38.71
CA LEU B 384 -5.02 16.77 39.89
C LEU B 384 -6.19 17.66 39.51
N GLU B 385 -6.22 18.19 38.28
CA GLU B 385 -7.32 19.05 37.85
C GLU B 385 -8.43 18.28 37.15
N SER B 386 -8.08 17.53 36.11
CA SER B 386 -9.11 16.92 35.28
C SER B 386 -9.77 15.74 35.98
N ASP B 387 -9.05 15.05 36.87
CA ASP B 387 -9.69 14.05 37.71
C ASP B 387 -10.62 14.72 38.70
N ALA B 388 -10.27 15.94 39.14
CA ALA B 388 -11.16 16.72 39.97
C ALA B 388 -12.24 17.42 39.17
N LEU B 389 -11.94 17.84 37.94
CA LEU B 389 -12.97 18.49 37.11
C LEU B 389 -13.99 17.48 36.62
N GLY B 390 -13.54 16.26 36.31
CA GLY B 390 -14.43 15.28 35.70
C GLY B 390 -15.38 14.64 36.70
N TRP B 391 -14.86 14.27 37.88
CA TRP B 391 -15.69 13.75 38.96
C TRP B 391 -16.70 14.76 39.41
N GLN B 392 -16.31 16.04 39.41
CA GLN B 392 -17.22 17.14 39.62
C GLN B 392 -18.32 17.20 38.56
N TYR B 393 -17.98 16.90 37.31
CA TYR B 393 -18.97 17.03 36.23
C TYR B 393 -19.91 15.85 36.13
N ILE B 394 -19.39 14.62 36.21
CA ILE B 394 -20.24 13.46 35.96
C ILE B 394 -21.17 13.17 37.12
N THR B 395 -20.75 13.45 38.34
CA THR B 395 -21.51 13.18 39.54
C THR B 395 -22.19 14.48 39.97
N GLY B 396 -21.85 15.57 39.29
CA GLY B 396 -22.90 16.48 38.85
C GLY B 396 -22.89 17.98 39.07
N SER B 397 -21.78 18.60 39.43
CA SER B 397 -21.85 19.84 40.18
C SER B 397 -21.57 21.10 39.37
N LEU B 398 -20.84 20.98 38.29
CA LEU B 398 -20.77 22.17 37.46
C LEU B 398 -22.15 22.43 36.88
N PRO B 399 -22.57 23.68 36.74
CA PRO B 399 -23.71 24.01 35.86
C PRO B 399 -23.38 23.80 34.37
N ASP B 400 -22.97 22.57 34.03
CA ASP B 400 -22.51 22.13 32.72
C ASP B 400 -23.34 20.94 32.27
N GLY B 401 -23.56 19.98 33.17
CA GLY B 401 -24.44 18.87 32.88
C GLY B 401 -24.32 17.75 33.89
N ARG B 402 -25.03 16.65 33.58
CA ARG B 402 -24.98 15.36 34.28
C ARG B 402 -25.34 15.48 35.75
N GLU B 403 -26.56 15.98 35.97
CA GLU B 403 -27.09 16.26 37.30
C GLU B 403 -27.39 14.97 38.07
N LEU B 404 -27.74 15.14 39.34
CA LEU B 404 -28.20 14.02 40.16
C LEU B 404 -29.68 13.73 39.92
N ASP B 405 -30.25 12.94 40.86
CA ASP B 405 -31.58 12.30 40.80
C ASP B 405 -31.85 11.66 39.44
N ARG B 406 -30.81 11.04 38.87
CA ARG B 406 -30.86 10.50 37.51
C ARG B 406 -29.85 9.36 37.42
N ILE B 407 -30.35 8.12 37.44
CA ILE B 407 -29.46 6.96 37.28
C ILE B 407 -29.10 6.78 35.81
N ASP B 408 -28.15 5.88 35.57
CA ASP B 408 -27.61 5.70 34.22
C ASP B 408 -28.63 5.05 33.27
N ASN B 409 -29.32 3.99 33.73
CA ASN B 409 -30.30 3.20 32.97
C ASN B 409 -29.73 2.70 31.65
N PRO B 410 -28.90 1.63 31.65
CA PRO B 410 -28.12 1.27 30.46
C PRO B 410 -28.92 0.73 29.26
N GLN B 411 -30.25 0.76 29.33
CA GLN B 411 -31.07 0.41 28.18
C GLN B 411 -30.88 1.40 27.04
N PHE B 412 -30.80 2.68 27.36
CA PHE B 412 -30.52 3.71 26.36
C PHE B 412 -29.27 4.53 26.66
N GLU B 413 -28.55 4.19 27.73
CA GLU B 413 -27.20 4.67 27.95
C GLU B 413 -26.16 3.85 27.19
N GLY B 414 -26.60 2.86 26.44
CA GLY B 414 -25.69 2.02 25.68
C GLY B 414 -25.86 2.17 24.19
N TYR B 415 -27.06 2.52 23.74
CA TYR B 415 -27.35 2.68 22.32
C TYR B 415 -26.84 4.00 21.75
N LYS B 416 -26.14 4.81 22.53
CA LYS B 416 -25.43 5.97 22.05
C LYS B 416 -23.92 5.77 22.08
N PHE B 417 -23.42 4.94 22.99
CA PHE B 417 -21.99 4.74 23.17
C PHE B 417 -21.50 3.42 22.63
N ASP B 418 -22.40 2.51 22.27
CA ASP B 418 -22.06 1.16 21.86
C ASP B 418 -23.24 0.54 21.11
N PRO B 419 -23.42 0.85 19.83
CA PRO B 419 -24.69 0.48 19.17
C PRO B 419 -24.80 -1.00 18.85
N HIS B 420 -23.72 -1.65 18.43
CA HIS B 420 -23.77 -3.04 18.03
C HIS B 420 -23.33 -4.01 19.13
N GLY B 421 -22.77 -3.50 20.22
CA GLY B 421 -22.28 -4.39 21.24
C GLY B 421 -20.90 -4.94 20.99
N GLU B 422 -20.08 -4.22 20.21
CA GLU B 422 -18.72 -4.68 19.97
C GLU B 422 -17.81 -4.39 21.13
N TYR B 423 -18.27 -3.60 22.10
CA TYR B 423 -17.45 -3.27 23.26
C TYR B 423 -17.73 -4.21 24.42
N VAL B 424 -18.96 -4.70 24.54
CA VAL B 424 -19.28 -5.65 25.59
C VAL B 424 -18.73 -7.03 25.25
N ARG B 425 -18.92 -7.48 24.02
CA ARG B 425 -18.45 -8.80 23.61
C ARG B 425 -16.93 -8.88 23.49
N ARG B 426 -16.25 -7.74 23.44
CA ARG B 426 -14.80 -7.74 23.43
C ARG B 426 -14.24 -8.06 24.81
N TRP B 427 -14.89 -7.56 25.87
CA TRP B 427 -14.32 -7.60 27.20
C TRP B 427 -14.97 -8.59 28.15
N ILE B 428 -16.22 -8.97 27.92
CA ILE B 428 -16.77 -10.13 28.63
C ILE B 428 -17.22 -11.16 27.60
N PRO B 429 -16.32 -12.02 27.14
CA PRO B 429 -16.66 -12.99 26.10
C PRO B 429 -17.53 -14.15 26.56
N GLU B 430 -17.86 -14.22 27.86
CA GLU B 430 -18.85 -15.15 28.35
C GLU B 430 -20.28 -14.72 28.02
N LEU B 431 -20.44 -13.58 27.35
CA LEU B 431 -21.72 -13.02 26.96
C LEU B 431 -21.81 -12.80 25.47
N ALA B 432 -20.95 -13.47 24.70
CA ALA B 432 -20.70 -13.23 23.28
C ALA B 432 -21.78 -13.75 22.36
N ARG B 433 -22.94 -14.23 22.80
CA ARG B 433 -23.94 -14.73 21.86
C ARG B 433 -25.31 -14.10 22.11
N LEU B 434 -25.35 -13.03 22.88
CA LEU B 434 -26.67 -12.43 23.08
C LEU B 434 -26.99 -11.46 21.95
N PRO B 435 -28.18 -11.54 21.37
CA PRO B 435 -28.43 -10.91 20.07
C PRO B 435 -28.71 -9.41 20.13
N THR B 436 -27.82 -8.66 20.79
CA THR B 436 -27.62 -7.20 20.80
C THR B 436 -28.82 -6.38 21.28
N GLU B 437 -29.91 -7.04 21.66
CA GLU B 437 -31.00 -6.38 22.36
C GLU B 437 -30.88 -6.53 23.86
N TRP B 438 -30.37 -7.67 24.32
CA TRP B 438 -30.19 -7.93 25.74
C TRP B 438 -28.71 -8.06 26.10
N ILE B 439 -27.84 -7.51 25.25
CA ILE B 439 -26.42 -7.46 25.59
C ILE B 439 -26.15 -6.36 26.61
N HIS B 440 -27.03 -5.37 26.73
CA HIS B 440 -26.88 -4.32 27.73
C HIS B 440 -27.73 -4.56 28.96
N HIS B 441 -28.69 -5.49 28.91
CA HIS B 441 -29.43 -5.87 30.10
C HIS B 441 -29.82 -7.34 30.04
N PRO B 442 -28.95 -8.25 30.50
CA PRO B 442 -29.30 -9.67 30.48
C PRO B 442 -30.36 -10.07 31.49
N TRP B 443 -30.53 -9.32 32.57
CA TRP B 443 -31.53 -9.69 33.58
C TRP B 443 -32.93 -9.33 33.13
N ASP B 444 -33.08 -8.46 32.13
CA ASP B 444 -34.37 -8.16 31.53
C ASP B 444 -34.73 -9.10 30.40
N ALA B 445 -33.97 -10.17 30.22
CA ALA B 445 -34.21 -11.06 29.09
C ALA B 445 -35.10 -12.23 29.51
N PRO B 446 -35.89 -12.77 28.58
CA PRO B 446 -36.62 -14.01 28.87
C PRO B 446 -35.66 -15.19 28.99
N VAL B 447 -36.18 -16.28 29.56
CA VAL B 447 -35.34 -17.43 29.89
C VAL B 447 -34.97 -18.21 28.63
N SER B 448 -35.80 -18.15 27.59
CA SER B 448 -35.54 -18.94 26.39
C SER B 448 -34.38 -18.38 25.58
N VAL B 449 -34.30 -17.06 25.41
CA VAL B 449 -33.18 -16.46 24.69
C VAL B 449 -31.92 -16.39 25.52
N LEU B 450 -31.99 -16.69 26.81
CA LEU B 450 -30.79 -16.76 27.65
C LEU B 450 -30.20 -18.17 27.67
N GLN B 451 -31.06 -19.20 27.71
CA GLN B 451 -30.56 -20.57 27.68
C GLN B 451 -30.10 -20.96 26.29
N ALA B 452 -30.60 -20.29 25.25
CA ALA B 452 -30.11 -20.52 23.91
C ALA B 452 -28.74 -19.90 23.70
N ALA B 453 -28.47 -18.78 24.37
CA ALA B 453 -27.17 -18.12 24.27
C ALA B 453 -26.14 -18.71 25.22
N GLY B 454 -26.52 -19.66 26.06
CA GLY B 454 -25.58 -20.31 26.95
C GLY B 454 -25.28 -19.57 28.23
N ILE B 455 -26.05 -18.54 28.56
CA ILE B 455 -25.85 -17.77 29.79
C ILE B 455 -26.89 -18.22 30.79
N GLU B 456 -26.44 -18.81 31.89
CA GLU B 456 -27.29 -19.11 33.03
C GLU B 456 -26.89 -18.15 34.14
N LEU B 457 -27.81 -17.25 34.49
CA LEU B 457 -27.52 -16.16 35.41
C LEU B 457 -27.34 -16.70 36.82
N GLY B 458 -26.13 -16.59 37.35
CA GLY B 458 -25.84 -17.05 38.69
C GLY B 458 -24.59 -17.90 38.73
N SER B 459 -24.33 -18.61 37.64
CA SER B 459 -23.14 -19.46 37.53
C SER B 459 -22.19 -18.96 36.46
N ASN B 460 -22.69 -18.70 35.25
CA ASN B 460 -21.83 -18.18 34.20
C ASN B 460 -21.64 -16.68 34.33
N TYR B 461 -22.73 -15.95 34.50
CA TYR B 461 -22.69 -14.50 34.63
C TYR B 461 -23.48 -14.10 35.86
N PRO B 462 -22.91 -13.31 36.78
CA PRO B 462 -23.59 -13.07 38.07
C PRO B 462 -24.80 -12.17 37.94
N LEU B 463 -25.65 -12.23 38.96
CA LEU B 463 -26.85 -11.40 39.01
C LEU B 463 -26.46 -9.97 39.33
N PRO B 464 -27.32 -8.99 39.02
CA PRO B 464 -27.11 -7.63 39.51
C PRO B 464 -27.21 -7.57 41.03
N ILE B 465 -26.18 -6.99 41.65
CA ILE B 465 -26.11 -6.93 43.10
C ILE B 465 -27.14 -5.95 43.65
N VAL B 466 -27.45 -4.92 42.88
CA VAL B 466 -28.44 -3.92 43.23
C VAL B 466 -29.36 -3.75 42.02
N GLU B 467 -30.66 -3.89 42.24
CA GLU B 467 -31.59 -3.76 41.14
C GLU B 467 -31.72 -2.32 40.68
N LEU B 468 -32.19 -2.14 39.45
CA LEU B 468 -32.27 -0.80 38.88
C LEU B 468 -33.45 -0.01 39.44
N ASP B 469 -34.59 -0.67 39.62
CA ASP B 469 -35.74 -0.01 40.22
C ASP B 469 -35.60 0.19 41.73
N ALA B 470 -34.69 -0.55 42.36
CA ALA B 470 -34.40 -0.34 43.78
C ALA B 470 -33.67 0.98 43.98
N ALA B 471 -32.50 1.12 43.36
CA ALA B 471 -31.69 2.33 43.51
C ALA B 471 -32.26 3.53 42.76
N LYS B 472 -33.30 3.34 41.95
CA LYS B 472 -34.00 4.49 41.39
C LYS B 472 -34.83 5.21 42.45
N GLY B 473 -35.19 4.50 43.52
CA GLY B 473 -35.91 5.09 44.63
C GLY B 473 -35.08 5.14 45.88
N ARG B 474 -34.15 4.20 46.04
CA ARG B 474 -33.27 4.18 47.21
C ARG B 474 -32.28 5.33 47.19
N LEU B 475 -31.95 5.85 46.01
CA LEU B 475 -31.22 7.11 45.94
C LEU B 475 -32.05 8.27 46.47
N GLN B 476 -33.32 8.34 46.07
CA GLN B 476 -34.17 9.46 46.48
C GLN B 476 -34.58 9.37 47.94
N ALA B 477 -34.39 8.21 48.58
CA ALA B 477 -34.44 8.16 50.04
C ALA B 477 -33.19 8.73 50.67
N ALA B 478 -32.05 8.70 49.96
CA ALA B 478 -30.80 9.24 50.46
C ALA B 478 -30.50 10.64 49.96
N LEU B 479 -31.03 11.03 48.80
CA LEU B 479 -30.80 12.36 48.23
C LEU B 479 -31.69 13.41 48.86
N SER B 480 -32.78 12.99 49.50
CA SER B 480 -33.60 13.91 50.29
C SER B 480 -32.93 14.35 51.58
N GLU B 481 -31.86 13.67 52.00
CA GLU B 481 -31.05 14.11 53.13
C GLU B 481 -30.17 15.30 52.78
N MET B 482 -29.95 15.56 51.48
CA MET B 482 -29.28 16.79 51.06
C MET B 482 -30.21 17.99 51.14
N TRP B 483 -31.46 17.78 50.75
CA TRP B 483 -32.42 18.82 50.43
C TRP B 483 -33.23 19.24 51.65
N GLN B 484 -32.91 18.67 52.82
CA GLN B 484 -33.37 19.19 54.10
C GLN B 484 -32.30 20.04 54.77
N LEU B 485 -31.04 19.87 54.39
CA LEU B 485 -29.94 20.58 55.06
C LEU B 485 -29.41 21.75 54.25
N GLU B 486 -29.32 21.61 52.93
CA GLU B 486 -28.80 22.68 52.07
C GLU B 486 -29.89 23.68 51.73
N MET C 1 -34.61 -30.37 -17.61
CA MET C 1 -35.75 -31.25 -17.78
C MET C 1 -35.37 -32.57 -18.44
N ARG C 2 -34.07 -32.82 -18.58
CA ARG C 2 -33.59 -34.11 -19.07
C ARG C 2 -32.84 -34.87 -17.98
N ILE C 3 -31.83 -34.26 -17.36
CA ILE C 3 -31.08 -34.91 -16.30
C ILE C 3 -31.13 -34.01 -15.06
N VAL C 4 -30.88 -34.62 -13.90
CA VAL C 4 -30.83 -33.86 -12.66
C VAL C 4 -29.47 -34.04 -12.00
N VAL C 5 -28.94 -32.96 -11.45
CA VAL C 5 -27.88 -33.06 -10.46
C VAL C 5 -28.48 -32.69 -9.10
N TRP C 6 -28.20 -33.49 -8.08
CA TRP C 6 -28.62 -33.12 -6.74
C TRP C 6 -27.37 -33.01 -5.87
N PHE C 7 -27.16 -31.81 -5.33
CA PHE C 7 -26.02 -31.56 -4.48
C PHE C 7 -26.24 -32.20 -3.14
N ARG C 8 -25.17 -32.75 -2.56
CA ARG C 8 -25.22 -33.24 -1.19
C ARG C 8 -24.24 -32.49 -0.29
N ARG C 9 -22.95 -32.54 -0.59
CA ARG C 9 -21.95 -31.78 0.14
C ARG C 9 -20.88 -31.26 -0.81
N ASP C 10 -21.30 -30.70 -1.93
CA ASP C 10 -20.45 -30.11 -2.95
C ASP C 10 -20.99 -28.76 -3.39
N LEU C 11 -21.29 -27.89 -2.43
CA LEU C 11 -22.02 -26.65 -2.68
C LEU C 11 -21.10 -25.63 -3.37
N ARG C 12 -20.84 -25.89 -4.65
CA ARG C 12 -20.00 -25.04 -5.48
C ARG C 12 -20.31 -25.31 -6.94
N VAL C 13 -19.88 -24.40 -7.81
CA VAL C 13 -20.02 -24.58 -9.24
C VAL C 13 -18.69 -24.67 -9.97
N GLU C 14 -17.62 -24.12 -9.40
CA GLU C 14 -16.29 -24.30 -9.97
C GLU C 14 -15.85 -25.74 -9.74
N ASP C 15 -15.22 -26.32 -10.77
CA ASP C 15 -14.70 -27.70 -10.93
C ASP C 15 -15.51 -28.79 -10.23
N ASN C 16 -16.84 -28.69 -10.30
CA ASN C 16 -17.74 -29.70 -9.76
C ASN C 16 -18.00 -30.72 -10.84
N PRO C 17 -17.46 -31.94 -10.76
CA PRO C 17 -17.58 -32.88 -11.88
C PRO C 17 -18.88 -33.66 -11.92
N ALA C 18 -19.99 -32.98 -11.64
CA ALA C 18 -21.32 -33.47 -11.95
C ALA C 18 -22.14 -32.41 -12.65
N LEU C 19 -21.85 -31.14 -12.37
CA LEU C 19 -22.49 -30.04 -13.08
C LEU C 19 -21.81 -29.77 -14.42
N ALA C 20 -20.48 -29.88 -14.48
CA ALA C 20 -19.78 -29.66 -15.72
C ALA C 20 -19.97 -30.83 -16.68
N ALA C 21 -20.18 -32.03 -16.15
CA ALA C 21 -20.58 -33.17 -16.96
C ALA C 21 -22.07 -33.15 -17.28
N ALA C 22 -22.81 -32.20 -16.75
CA ALA C 22 -24.20 -31.97 -17.13
C ALA C 22 -24.35 -30.90 -18.20
N ALA C 23 -23.39 -29.97 -18.28
CA ALA C 23 -23.45 -28.92 -19.30
C ALA C 23 -23.16 -29.47 -20.68
N ARG C 24 -22.13 -30.30 -20.81
CA ARG C 24 -21.75 -30.88 -22.10
C ARG C 24 -22.57 -32.11 -22.45
N ALA C 25 -23.54 -32.50 -21.62
CA ALA C 25 -24.43 -33.60 -21.93
C ALA C 25 -25.47 -33.24 -22.97
N GLY C 26 -25.60 -31.97 -23.32
CA GLY C 26 -26.53 -31.55 -24.37
C GLY C 26 -27.91 -31.13 -23.93
N GLY C 27 -28.56 -31.94 -23.11
CA GLY C 27 -29.91 -31.65 -22.66
C GLY C 27 -29.95 -30.59 -21.58
N GLU C 28 -31.15 -30.38 -21.05
CA GLU C 28 -31.35 -29.39 -20.00
C GLU C 28 -31.13 -30.01 -18.63
N VAL C 29 -30.53 -29.24 -17.73
CA VAL C 29 -30.19 -29.70 -16.39
C VAL C 29 -30.95 -28.84 -15.39
N VAL C 30 -31.56 -29.48 -14.39
CA VAL C 30 -32.14 -28.79 -13.25
C VAL C 30 -31.43 -29.27 -11.99
N PRO C 31 -31.02 -28.37 -11.10
CA PRO C 31 -30.34 -28.79 -9.88
C PRO C 31 -31.31 -28.97 -8.72
N ALA C 32 -30.79 -29.55 -7.64
CA ALA C 32 -31.65 -29.94 -6.52
C ALA C 32 -30.83 -30.09 -5.25
N TYR C 33 -31.54 -30.03 -4.11
CA TYR C 33 -30.97 -30.32 -2.80
C TYR C 33 -32.08 -30.94 -1.95
N VAL C 34 -32.05 -32.27 -1.81
CA VAL C 34 -33.02 -32.94 -0.96
C VAL C 34 -32.46 -33.02 0.46
N TRP C 35 -33.25 -32.50 1.41
CA TRP C 35 -32.82 -32.37 2.81
C TRP C 35 -33.61 -33.38 3.65
N SER C 36 -32.92 -34.43 4.08
CA SER C 36 -33.51 -35.46 4.92
C SER C 36 -32.55 -35.74 6.08
N PRO C 37 -32.72 -35.06 7.20
CA PRO C 37 -31.83 -35.30 8.34
C PRO C 37 -32.29 -36.45 9.23
N GLU C 38 -33.53 -36.89 9.04
CA GLU C 38 -34.04 -38.02 9.81
C GLU C 38 -33.43 -39.33 9.35
N GLU C 39 -32.93 -39.39 8.11
CA GLU C 39 -32.24 -40.55 7.61
C GLU C 39 -30.88 -40.76 8.27
N GLU C 40 -30.20 -39.67 8.64
CA GLU C 40 -28.83 -39.73 9.15
C GLU C 40 -28.72 -40.25 10.59
N GLY C 41 -29.85 -40.59 11.23
CA GLY C 41 -29.84 -41.26 12.50
C GLY C 41 -29.44 -40.37 13.66
N PRO C 42 -28.43 -40.79 14.43
CA PRO C 42 -27.92 -39.93 15.51
C PRO C 42 -27.14 -38.74 15.00
N TYR C 43 -26.71 -38.77 13.74
CA TYR C 43 -25.96 -37.67 13.12
C TYR C 43 -26.88 -36.70 12.38
N TYR C 44 -27.90 -36.26 13.10
CA TYR C 44 -28.68 -35.08 12.73
C TYR C 44 -27.66 -33.95 12.72
N PRO C 45 -27.39 -33.36 11.54
CA PRO C 45 -26.17 -32.56 11.39
C PRO C 45 -26.20 -31.22 12.13
N GLY C 46 -25.53 -31.21 13.28
CA GLY C 46 -25.19 -30.00 14.02
C GLY C 46 -26.31 -29.08 14.45
N ARG C 47 -25.93 -27.94 15.00
CA ARG C 47 -26.83 -26.84 15.26
C ARG C 47 -26.31 -25.51 14.74
N VAL C 48 -25.00 -25.30 14.72
CA VAL C 48 -24.41 -24.25 13.92
C VAL C 48 -23.91 -24.78 12.58
N SER C 49 -23.72 -26.10 12.44
CA SER C 49 -23.48 -26.68 11.12
C SER C 49 -24.73 -26.65 10.28
N ARG C 50 -25.90 -26.58 10.91
CA ARG C 50 -27.14 -26.37 10.21
C ARG C 50 -27.36 -24.90 9.85
N TRP C 51 -26.65 -23.99 10.53
CA TRP C 51 -26.71 -22.58 10.18
C TRP C 51 -25.93 -22.31 8.91
N TRP C 52 -24.80 -23.00 8.74
CA TRP C 52 -23.92 -22.79 7.60
C TRP C 52 -24.58 -23.21 6.29
N ILE C 53 -25.45 -24.21 6.33
CA ILE C 53 -26.06 -24.70 5.11
C ILE C 53 -27.10 -23.71 4.59
N SER C 54 -27.89 -23.12 5.49
CA SER C 54 -28.95 -22.21 5.11
C SER C 54 -28.44 -20.92 4.50
N GLN C 55 -27.21 -20.53 4.82
CA GLN C 55 -26.59 -19.33 4.28
C GLN C 55 -25.70 -19.63 3.08
N SER C 56 -25.32 -20.89 2.88
CA SER C 56 -24.56 -21.31 1.71
C SER C 56 -25.44 -21.78 0.57
N LEU C 57 -26.64 -22.28 0.86
CA LEU C 57 -27.60 -22.58 -0.20
C LEU C 57 -28.09 -21.31 -0.86
N ASN C 58 -28.45 -20.31 -0.06
CA ASN C 58 -28.90 -19.03 -0.60
C ASN C 58 -27.78 -18.28 -1.28
N HIS C 59 -26.53 -18.57 -0.93
CA HIS C 59 -25.40 -18.08 -1.70
C HIS C 59 -25.22 -18.84 -2.99
N LEU C 60 -25.64 -20.10 -3.04
CA LEU C 60 -25.49 -20.91 -4.24
C LEU C 60 -26.55 -20.57 -5.28
N ASP C 61 -27.73 -20.13 -4.83
CA ASP C 61 -28.81 -19.78 -5.75
C ASP C 61 -28.46 -18.58 -6.60
N ALA C 62 -28.00 -17.50 -5.97
CA ALA C 62 -27.63 -16.30 -6.69
C ALA C 62 -26.32 -16.43 -7.46
N SER C 63 -25.58 -17.52 -7.25
CA SER C 63 -24.37 -17.80 -7.99
C SER C 63 -24.61 -18.78 -9.13
N LEU C 64 -25.74 -19.47 -9.12
CA LEU C 64 -26.10 -20.41 -10.17
C LEU C 64 -27.25 -19.93 -11.03
N ARG C 65 -27.98 -18.90 -10.60
CA ARG C 65 -28.94 -18.24 -11.48
C ARG C 65 -28.24 -17.46 -12.60
N ARG C 66 -27.04 -16.97 -12.34
CA ARG C 66 -26.32 -16.18 -13.33
C ARG C 66 -25.63 -17.04 -14.38
N LEU C 67 -25.61 -18.35 -14.20
CA LEU C 67 -25.25 -19.28 -15.25
C LEU C 67 -26.45 -19.75 -16.04
N GLY C 68 -27.65 -19.30 -15.66
CA GLY C 68 -28.89 -19.78 -16.25
C GLY C 68 -29.71 -20.51 -15.20
N ALA C 69 -30.28 -21.66 -15.57
CA ALA C 69 -30.72 -22.71 -14.66
C ALA C 69 -31.90 -22.37 -13.75
N GLY C 70 -32.40 -21.14 -13.80
CA GLY C 70 -33.65 -20.81 -13.15
C GLY C 70 -33.61 -20.74 -11.63
N LYS C 71 -33.43 -21.90 -10.98
CA LYS C 71 -33.51 -21.99 -9.53
C LYS C 71 -32.62 -23.10 -8.98
N LEU C 72 -32.71 -23.32 -7.67
CA LEU C 72 -32.18 -24.52 -7.02
C LEU C 72 -33.30 -25.05 -6.11
N VAL C 73 -33.99 -26.09 -6.58
CA VAL C 73 -35.15 -26.61 -5.87
C VAL C 73 -34.69 -27.37 -4.63
N THR C 74 -35.48 -27.29 -3.56
CA THR C 74 -35.14 -27.89 -2.26
C THR C 74 -36.39 -28.58 -1.73
N ARG C 75 -36.35 -29.90 -1.68
CA ARG C 75 -37.47 -30.66 -1.14
C ARG C 75 -37.05 -31.36 0.15
N ARG C 76 -38.05 -31.76 0.92
CA ARG C 76 -37.82 -32.32 2.25
C ARG C 76 -38.70 -33.53 2.45
N SER C 77 -38.11 -34.63 2.91
CA SER C 77 -38.85 -35.83 3.24
C SER C 77 -38.05 -36.59 4.29
N ALA C 78 -38.57 -37.76 4.69
CA ALA C 78 -37.89 -38.56 5.71
C ALA C 78 -36.62 -39.20 5.16
N ASP C 79 -36.75 -39.85 4.02
CA ASP C 79 -35.62 -40.50 3.35
C ASP C 79 -35.38 -39.83 1.99
N ALA C 80 -34.16 -40.01 1.48
CA ALA C 80 -33.80 -39.38 0.21
C ALA C 80 -34.49 -40.06 -0.96
N ALA C 81 -34.67 -41.38 -0.88
CA ALA C 81 -35.11 -42.18 -2.02
C ALA C 81 -36.57 -41.95 -2.40
N VAL C 82 -37.42 -41.53 -1.47
CA VAL C 82 -38.81 -41.28 -1.81
C VAL C 82 -38.88 -39.89 -2.44
N ALA C 83 -38.14 -38.94 -1.87
CA ALA C 83 -38.09 -37.58 -2.36
C ALA C 83 -37.39 -37.45 -3.70
N LEU C 84 -36.36 -38.25 -3.95
CA LEU C 84 -35.65 -38.15 -5.22
C LEU C 84 -36.43 -38.83 -6.34
N LEU C 85 -37.16 -39.91 -6.01
CA LEU C 85 -38.02 -40.54 -7.00
C LEU C 85 -39.22 -39.66 -7.32
N GLN C 86 -39.72 -38.92 -6.34
CA GLN C 86 -40.78 -37.96 -6.59
C GLN C 86 -40.29 -36.73 -7.34
N LEU C 87 -38.98 -36.55 -7.45
CA LEU C 87 -38.43 -35.40 -8.16
C LEU C 87 -38.27 -35.71 -9.64
N VAL C 88 -37.84 -36.93 -9.97
CA VAL C 88 -37.75 -37.34 -11.37
C VAL C 88 -39.14 -37.63 -11.92
N ARG C 89 -40.11 -37.89 -11.04
CA ARG C 89 -41.49 -38.03 -11.49
C ARG C 89 -42.13 -36.68 -11.80
N ASP C 90 -41.85 -35.67 -10.98
CA ASP C 90 -42.44 -34.34 -11.10
C ASP C 90 -41.85 -33.57 -12.27
N THR C 91 -40.59 -33.86 -12.62
CA THR C 91 -39.92 -33.12 -13.67
C THR C 91 -39.73 -33.90 -14.95
N GLY C 92 -39.89 -35.23 -14.92
CA GLY C 92 -39.70 -36.05 -16.10
C GLY C 92 -38.25 -36.11 -16.55
N ALA C 93 -37.36 -36.40 -15.63
CA ALA C 93 -35.94 -36.47 -15.92
C ALA C 93 -35.53 -37.90 -16.26
N THR C 94 -34.39 -38.02 -16.95
CA THR C 94 -33.91 -39.32 -17.41
C THR C 94 -32.70 -39.80 -16.63
N HIS C 95 -31.80 -38.89 -16.25
CA HIS C 95 -30.60 -39.27 -15.51
C HIS C 95 -30.59 -38.64 -14.14
N VAL C 96 -29.71 -39.17 -13.28
CA VAL C 96 -29.37 -38.57 -12.00
C VAL C 96 -27.84 -38.51 -11.94
N TYR C 97 -27.30 -37.31 -11.84
CA TYR C 97 -25.85 -37.11 -11.84
C TYR C 97 -25.43 -36.59 -10.48
N PHE C 98 -25.13 -37.51 -9.56
CA PHE C 98 -24.57 -37.17 -8.28
C PHE C 98 -23.13 -37.66 -8.18
N ASN C 99 -22.56 -37.52 -7.00
CA ASN C 99 -21.19 -37.94 -6.72
C ASN C 99 -21.11 -38.55 -5.34
N HIS C 100 -20.43 -39.68 -5.23
CA HIS C 100 -20.53 -40.49 -4.02
C HIS C 100 -19.73 -39.89 -2.87
N LEU C 101 -20.34 -39.89 -1.69
CA LEU C 101 -19.68 -39.48 -0.47
C LEU C 101 -19.03 -40.69 0.19
N TYR C 102 -18.46 -40.49 1.38
CA TYR C 102 -17.73 -41.58 2.03
C TYR C 102 -18.10 -41.73 3.49
N ASP C 103 -19.24 -41.22 3.93
CA ASP C 103 -19.73 -41.58 5.25
C ASP C 103 -20.18 -43.04 5.23
N PRO C 104 -19.98 -43.77 6.33
CA PRO C 104 -20.54 -45.13 6.41
C PRO C 104 -22.05 -45.14 6.47
N ILE C 105 -22.70 -44.01 6.75
CA ILE C 105 -24.15 -43.93 6.73
C ILE C 105 -24.70 -43.50 5.38
N SER C 106 -23.89 -42.87 4.52
CA SER C 106 -24.35 -42.53 3.19
C SER C 106 -23.92 -43.54 2.15
N LEU C 107 -22.81 -44.26 2.39
CA LEU C 107 -22.37 -45.32 1.49
C LEU C 107 -23.38 -46.46 1.44
N VAL C 108 -23.96 -46.84 2.58
CA VAL C 108 -25.07 -47.78 2.58
C VAL C 108 -26.32 -47.17 1.96
N ARG C 109 -26.50 -45.85 2.09
CA ARG C 109 -27.63 -45.14 1.49
C ARG C 109 -27.46 -44.93 0.00
N ASP C 110 -26.23 -44.78 -0.50
CA ASP C 110 -26.01 -44.50 -1.90
C ASP C 110 -26.28 -45.73 -2.76
N ARG C 111 -25.77 -46.89 -2.35
CA ARG C 111 -26.09 -48.11 -3.08
C ARG C 111 -27.55 -48.51 -2.89
N ARG C 112 -28.17 -48.10 -1.79
CA ARG C 112 -29.61 -48.24 -1.63
C ARG C 112 -30.36 -47.25 -2.51
N LEU C 113 -29.76 -46.09 -2.78
CA LEU C 113 -30.35 -45.13 -3.71
C LEU C 113 -30.19 -45.58 -5.15
N LYS C 114 -29.03 -46.15 -5.48
CA LYS C 114 -28.80 -46.67 -6.82
C LYS C 114 -29.63 -47.92 -7.09
N GLU C 115 -30.04 -48.61 -6.02
CA GLU C 115 -30.91 -49.78 -6.13
C GLU C 115 -32.37 -49.40 -6.38
N MET C 116 -32.82 -48.24 -5.91
CA MET C 116 -34.21 -47.86 -6.14
C MET C 116 -34.40 -47.24 -7.51
N LEU C 117 -33.48 -46.37 -7.92
CA LEU C 117 -33.66 -45.59 -9.14
C LEU C 117 -33.44 -46.44 -10.39
N ALA C 118 -32.46 -47.34 -10.36
CA ALA C 118 -32.15 -48.12 -11.55
C ALA C 118 -33.21 -49.17 -11.81
N ALA C 119 -33.82 -49.70 -10.75
CA ALA C 119 -34.91 -50.66 -10.92
C ALA C 119 -36.19 -49.98 -11.41
N GLU C 120 -36.29 -48.66 -11.28
CA GLU C 120 -37.45 -47.95 -11.82
C GLU C 120 -37.34 -47.85 -13.34
N GLY C 121 -36.19 -47.45 -13.84
CA GLY C 121 -36.02 -47.26 -15.26
C GLY C 121 -35.09 -46.13 -15.63
N ILE C 122 -34.81 -45.24 -14.67
CA ILE C 122 -33.85 -44.18 -14.91
C ILE C 122 -32.44 -44.65 -14.58
N VAL C 123 -31.46 -43.96 -15.14
CA VAL C 123 -30.07 -44.37 -15.06
C VAL C 123 -29.28 -43.32 -14.27
N VAL C 124 -28.37 -43.80 -13.43
CA VAL C 124 -27.58 -42.92 -12.56
C VAL C 124 -26.11 -43.08 -12.92
N GLN C 125 -25.29 -42.15 -12.45
CA GLN C 125 -23.83 -42.22 -12.62
C GLN C 125 -23.18 -41.39 -11.52
N SER C 126 -22.30 -42.01 -10.75
CA SER C 126 -21.62 -41.30 -9.68
C SER C 126 -20.27 -40.78 -10.17
N PHE C 127 -19.76 -39.77 -9.46
CA PHE C 127 -18.49 -39.16 -9.78
C PHE C 127 -17.69 -38.98 -8.51
N ASN C 128 -16.49 -38.43 -8.65
CA ASN C 128 -15.54 -38.28 -7.53
C ASN C 128 -15.21 -36.81 -7.39
N SER C 129 -15.74 -36.17 -6.35
CA SER C 129 -15.54 -34.73 -6.16
C SER C 129 -14.60 -34.41 -5.01
N ASP C 130 -14.99 -34.75 -3.78
CA ASP C 130 -14.25 -34.27 -2.61
C ASP C 130 -13.20 -35.28 -2.18
N LEU C 131 -12.33 -35.68 -3.11
CA LEU C 131 -11.23 -36.57 -2.80
C LEU C 131 -10.20 -36.47 -3.91
N LEU C 132 -8.93 -36.67 -3.56
CA LEU C 132 -7.84 -36.60 -4.54
C LEU C 132 -7.85 -37.82 -5.43
N TYR C 133 -7.61 -38.99 -4.85
CA TYR C 133 -7.76 -40.25 -5.54
C TYR C 133 -9.05 -40.91 -5.07
N GLU C 134 -9.31 -42.13 -5.51
CA GLU C 134 -10.43 -42.83 -4.93
C GLU C 134 -9.92 -43.87 -3.93
N PRO C 135 -10.64 -44.18 -2.85
CA PRO C 135 -10.04 -44.97 -1.78
C PRO C 135 -9.90 -46.46 -2.07
N TRP C 136 -10.38 -46.94 -3.22
CA TRP C 136 -10.17 -48.33 -3.59
C TRP C 136 -9.01 -48.53 -4.53
N GLU C 137 -8.56 -47.47 -5.21
CA GLU C 137 -7.43 -47.59 -6.13
C GLU C 137 -6.10 -47.28 -5.47
N VAL C 138 -6.10 -46.69 -4.28
CA VAL C 138 -4.87 -46.60 -3.49
C VAL C 138 -4.72 -47.88 -2.69
N VAL C 139 -3.67 -48.63 -2.97
CA VAL C 139 -3.45 -49.92 -2.33
C VAL C 139 -2.06 -49.97 -1.75
N ASP C 140 -1.79 -50.95 -0.89
CA ASP C 140 -0.43 -51.25 -0.46
C ASP C 140 0.18 -52.25 -1.43
N ASP C 141 1.22 -52.94 -0.96
CA ASP C 141 2.01 -53.87 -1.78
C ASP C 141 1.17 -54.93 -2.48
N GLU C 142 0.48 -55.79 -1.72
CA GLU C 142 -0.20 -56.91 -2.37
C GLU C 142 -1.62 -56.56 -2.85
N GLY C 143 -2.58 -56.38 -1.95
CA GLY C 143 -3.91 -55.98 -2.32
C GLY C 143 -4.70 -55.29 -1.22
N GLN C 144 -4.04 -55.03 -0.09
CA GLN C 144 -4.75 -54.73 1.14
C GLN C 144 -4.93 -53.23 1.33
N PRO C 145 -5.77 -52.82 2.28
CA PRO C 145 -5.73 -51.43 2.74
C PRO C 145 -4.60 -51.21 3.74
N PHE C 146 -4.21 -49.94 3.87
CA PHE C 146 -3.23 -49.53 4.86
C PHE C 146 -3.90 -49.50 6.23
N THR C 147 -3.08 -49.44 7.29
CA THR C 147 -3.59 -49.33 8.65
C THR C 147 -2.98 -48.14 9.40
N MET C 148 -2.11 -47.37 8.75
CA MET C 148 -1.47 -46.22 9.37
C MET C 148 -1.59 -45.05 8.40
N PHE C 149 -0.95 -43.94 8.74
CA PHE C 149 -0.97 -42.76 7.88
C PHE C 149 0.32 -42.54 7.13
N ASP C 150 1.45 -42.64 7.79
CA ASP C 150 2.73 -42.38 7.14
C ASP C 150 3.13 -43.44 6.10
N PRO C 151 2.77 -44.73 6.23
CA PRO C 151 2.83 -45.60 5.05
C PRO C 151 1.79 -45.27 3.99
N PHE C 152 0.65 -44.68 4.36
CA PHE C 152 -0.40 -44.42 3.38
C PHE C 152 -0.04 -43.27 2.47
N TRP C 153 0.32 -42.12 3.06
CA TRP C 153 0.53 -40.90 2.30
C TRP C 153 1.80 -40.93 1.48
N ASN C 154 2.75 -41.81 1.81
CA ASN C 154 3.93 -42.01 0.98
C ASN C 154 3.61 -42.69 -0.35
N ARG C 155 2.51 -43.43 -0.41
CA ARG C 155 1.96 -43.94 -1.67
C ARG C 155 1.17 -42.85 -2.38
N CYS C 156 0.56 -41.94 -1.63
CA CYS C 156 -0.31 -40.93 -2.20
C CYS C 156 0.42 -39.80 -2.91
N LEU C 157 1.70 -39.56 -2.62
CA LEU C 157 2.46 -38.59 -3.40
C LEU C 157 3.29 -39.23 -4.50
N SER C 158 3.52 -40.54 -4.43
CA SER C 158 4.33 -41.26 -5.40
C SER C 158 3.47 -42.20 -6.23
N MET C 159 2.31 -41.72 -6.65
CA MET C 159 1.43 -42.48 -7.51
C MET C 159 2.03 -42.62 -8.90
N PRO C 160 1.65 -43.67 -9.64
CA PRO C 160 1.97 -43.71 -11.08
C PRO C 160 1.44 -42.52 -11.85
N TYR C 161 0.17 -42.17 -11.67
CA TYR C 161 -0.44 -41.07 -12.40
C TYR C 161 -0.87 -39.99 -11.43
N ASP C 162 -0.76 -38.74 -11.86
CA ASP C 162 -1.09 -37.58 -11.04
C ASP C 162 -2.61 -37.47 -10.89
N PRO C 163 -3.09 -36.79 -9.85
CA PRO C 163 -4.54 -36.59 -9.70
C PRO C 163 -5.08 -35.70 -10.80
N PRO C 164 -6.34 -35.87 -11.20
CA PRO C 164 -6.89 -35.08 -12.30
C PRO C 164 -7.05 -33.61 -11.92
N ALA C 165 -6.68 -32.74 -12.85
CA ALA C 165 -6.62 -31.31 -12.64
C ALA C 165 -8.04 -30.73 -12.52
N PRO C 166 -8.18 -29.51 -11.95
CA PRO C 166 -9.51 -28.88 -11.92
C PRO C 166 -10.07 -28.61 -13.31
N LEU C 167 -11.10 -29.36 -13.67
CA LEU C 167 -11.77 -29.20 -14.94
C LEU C 167 -12.61 -27.92 -14.91
N LEU C 168 -12.77 -27.29 -16.07
CA LEU C 168 -13.32 -25.96 -16.24
C LEU C 168 -14.77 -25.88 -15.74
N PRO C 169 -15.17 -24.75 -15.14
CA PRO C 169 -16.58 -24.55 -14.83
C PRO C 169 -17.39 -24.39 -16.10
N PRO C 170 -18.71 -24.65 -16.04
CA PRO C 170 -19.52 -24.57 -17.26
C PRO C 170 -19.67 -23.15 -17.78
N LYS C 171 -19.89 -23.04 -19.08
CA LYS C 171 -20.10 -21.74 -19.70
C LYS C 171 -21.48 -21.20 -19.35
N ARG C 172 -22.52 -21.93 -19.72
CA ARG C 172 -23.89 -21.60 -19.36
C ARG C 172 -24.74 -22.84 -19.48
N ILE C 173 -25.74 -22.95 -18.61
CA ILE C 173 -26.67 -24.06 -18.59
C ILE C 173 -28.09 -23.52 -18.67
N ASN C 174 -29.07 -24.42 -18.70
CA ASN C 174 -30.45 -24.02 -18.92
C ASN C 174 -31.38 -25.01 -18.25
N SER C 175 -32.37 -24.48 -17.52
CA SER C 175 -33.38 -25.31 -16.89
C SER C 175 -34.62 -25.46 -17.75
N GLY C 176 -34.83 -24.57 -18.71
CA GLY C 176 -36.03 -24.54 -19.51
C GLY C 176 -37.16 -23.80 -18.84
N ASP C 177 -37.80 -24.44 -17.86
CA ASP C 177 -38.92 -23.85 -17.14
C ASP C 177 -38.63 -23.92 -15.64
N LEU C 178 -38.81 -22.80 -14.96
CA LEU C 178 -38.51 -22.68 -13.54
C LEU C 178 -39.75 -22.80 -12.65
N SER C 179 -40.87 -23.29 -13.21
CA SER C 179 -42.11 -23.33 -12.45
C SER C 179 -42.86 -24.64 -12.56
N MET C 180 -42.39 -25.61 -13.34
CA MET C 180 -43.01 -26.92 -13.39
C MET C 180 -42.83 -27.66 -12.06
N CYS C 181 -41.68 -27.48 -11.41
CA CYS C 181 -41.41 -28.15 -10.16
C CYS C 181 -41.76 -27.24 -8.98
N PRO C 182 -42.75 -27.58 -8.17
CA PRO C 182 -43.15 -26.70 -7.06
C PRO C 182 -42.20 -26.76 -5.87
N SER C 183 -41.13 -25.96 -5.94
CA SER C 183 -40.15 -25.93 -4.86
C SER C 183 -40.75 -25.27 -3.62
N GLU C 184 -40.09 -25.48 -2.48
CA GLU C 184 -40.57 -24.97 -1.21
C GLU C 184 -39.41 -24.54 -0.35
N ASP C 185 -39.59 -23.45 0.37
CA ASP C 185 -38.63 -23.08 1.39
C ASP C 185 -38.76 -24.02 2.59
N LEU C 186 -37.68 -24.09 3.37
CA LEU C 186 -37.61 -25.06 4.45
C LEU C 186 -36.76 -24.49 5.57
N ILE C 187 -37.06 -24.92 6.79
CA ILE C 187 -36.35 -24.42 7.96
C ILE C 187 -35.09 -25.24 8.17
N PHE C 188 -34.02 -24.57 8.59
CA PHE C 188 -32.80 -25.24 8.99
C PHE C 188 -32.53 -25.00 10.47
N GLU C 189 -32.53 -23.75 10.87
CA GLU C 189 -32.30 -23.37 12.26
C GLU C 189 -33.63 -23.22 13.00
N ASP C 190 -33.55 -23.31 14.32
CA ASP C 190 -34.73 -23.14 15.16
C ASP C 190 -35.16 -21.68 15.19
N GLU C 191 -36.39 -21.46 15.66
CA GLU C 191 -36.89 -20.10 15.79
C GLU C 191 -36.43 -19.43 17.08
N SER C 192 -36.09 -20.21 18.11
CA SER C 192 -35.53 -19.63 19.32
C SER C 192 -34.11 -19.13 19.09
N GLU C 193 -33.36 -19.79 18.22
CA GLU C 193 -32.01 -19.36 17.88
C GLU C 193 -31.96 -18.76 16.48
N ARG C 194 -32.96 -17.98 16.11
CA ARG C 194 -32.93 -17.30 14.82
C ARG C 194 -32.03 -16.09 14.85
N GLY C 195 -31.81 -15.52 16.04
CA GLY C 195 -31.00 -14.33 16.18
C GLY C 195 -29.67 -14.58 16.84
N SER C 196 -29.57 -15.64 17.64
CA SER C 196 -28.30 -15.97 18.27
C SER C 196 -27.36 -16.68 17.31
N ASN C 197 -27.87 -17.22 16.22
CA ASN C 197 -27.01 -17.85 15.23
C ASN C 197 -26.42 -16.84 14.25
N ALA C 198 -27.05 -15.67 14.11
CA ALA C 198 -26.52 -14.64 13.22
C ALA C 198 -25.29 -13.95 13.77
N LEU C 199 -24.90 -14.25 15.00
CA LEU C 199 -23.68 -13.71 15.59
C LEU C 199 -22.46 -14.56 15.33
N LEU C 200 -22.59 -15.62 14.53
CA LEU C 200 -21.40 -16.30 14.04
C LEU C 200 -20.85 -15.63 12.80
N ALA C 201 -21.56 -14.65 12.25
CA ALA C 201 -21.10 -13.91 11.07
C ALA C 201 -20.07 -12.84 11.40
N ARG C 202 -19.68 -12.70 12.67
CA ARG C 202 -18.61 -11.77 13.01
C ARG C 202 -17.25 -12.32 12.60
N ALA C 203 -17.16 -13.64 12.40
CA ALA C 203 -15.91 -14.27 12.01
C ALA C 203 -16.03 -15.13 10.75
N TRP C 204 -17.22 -15.59 10.41
CA TRP C 204 -17.40 -16.57 9.34
C TRP C 204 -18.47 -16.08 8.38
N THR C 205 -18.12 -16.01 7.10
CA THR C 205 -19.11 -15.84 6.05
C THR C 205 -19.06 -17.04 5.13
N PRO C 206 -20.14 -17.77 4.95
CA PRO C 206 -20.10 -18.97 4.10
C PRO C 206 -20.25 -18.65 2.63
N GLY C 207 -20.24 -19.67 1.79
CA GLY C 207 -20.36 -19.48 0.37
C GLY C 207 -19.11 -19.91 -0.36
N TRP C 208 -19.27 -20.28 -1.64
CA TRP C 208 -18.12 -20.74 -2.40
C TRP C 208 -17.27 -19.59 -2.92
N GLN C 209 -17.87 -18.40 -3.08
CA GLN C 209 -17.11 -17.24 -3.54
C GLN C 209 -16.12 -16.78 -2.48
N ASN C 210 -16.49 -16.92 -1.21
CA ASN C 210 -15.59 -16.58 -0.12
C ASN C 210 -14.59 -17.67 0.17
N ALA C 211 -14.71 -18.83 -0.46
CA ALA C 211 -13.76 -19.90 -0.25
C ALA C 211 -12.46 -19.65 -0.98
N ASP C 212 -12.54 -19.16 -2.21
CA ASP C 212 -11.32 -18.88 -2.97
C ASP C 212 -10.73 -17.52 -2.59
N LYS C 213 -11.54 -16.62 -2.05
CA LYS C 213 -10.97 -15.41 -1.45
C LYS C 213 -10.20 -15.75 -0.18
N ALA C 214 -10.67 -16.75 0.56
CA ALA C 214 -9.95 -17.17 1.76
C ALA C 214 -8.74 -18.01 1.40
N LEU C 215 -8.77 -18.69 0.26
CA LEU C 215 -7.66 -19.52 -0.15
C LEU C 215 -6.50 -18.66 -0.65
N THR C 216 -6.81 -17.70 -1.53
CA THR C 216 -5.77 -16.85 -2.12
C THR C 216 -5.17 -15.89 -1.10
N ALA C 217 -5.94 -15.53 -0.07
CA ALA C 217 -5.38 -14.69 0.99
C ALA C 217 -4.44 -15.48 1.89
N PHE C 218 -4.50 -16.80 1.84
CA PHE C 218 -3.59 -17.64 2.61
C PHE C 218 -2.33 -17.96 1.83
N LEU C 219 -2.45 -18.13 0.51
CA LEU C 219 -1.29 -18.45 -0.32
C LEU C 219 -0.30 -17.31 -0.36
N ASN C 220 -0.79 -16.08 -0.49
CA ASN C 220 0.07 -14.92 -0.43
C ASN C 220 0.53 -14.59 0.98
N GLY C 221 -0.21 -15.02 1.99
CA GLY C 221 0.05 -14.63 3.36
C GLY C 221 0.77 -15.68 4.18
N PRO C 222 0.03 -16.39 5.02
CA PRO C 222 0.65 -17.23 6.05
C PRO C 222 1.23 -18.55 5.55
N LEU C 223 1.16 -18.87 4.26
CA LEU C 223 1.73 -20.13 3.78
C LEU C 223 3.24 -20.08 3.75
N ALA C 224 3.83 -18.89 3.70
CA ALA C 224 5.29 -18.77 3.66
C ALA C 224 5.93 -19.13 4.99
N ASP C 225 5.16 -19.09 6.08
CA ASP C 225 5.65 -19.47 7.40
C ASP C 225 4.67 -20.40 8.11
N TYR C 226 4.08 -21.34 7.36
CA TYR C 226 3.22 -22.34 7.97
C TYR C 226 4.03 -23.38 8.73
N SER C 227 5.30 -23.56 8.40
CA SER C 227 6.09 -24.61 9.04
C SER C 227 6.49 -24.26 10.46
N VAL C 228 6.44 -23.00 10.85
CA VAL C 228 6.77 -22.58 12.20
C VAL C 228 5.57 -22.04 12.97
N ASN C 229 4.58 -21.48 12.30
CA ASN C 229 3.37 -20.99 12.96
C ASN C 229 2.24 -22.01 12.90
N ARG C 230 2.59 -23.29 12.86
CA ARG C 230 1.58 -24.35 12.79
C ARG C 230 0.97 -24.61 14.15
N LYS C 231 1.78 -24.54 15.20
CA LYS C 231 1.32 -24.93 16.53
C LYS C 231 0.78 -23.74 17.31
N LYS C 232 1.23 -22.53 16.99
CA LYS C 232 0.88 -21.35 17.78
C LYS C 232 -0.57 -20.96 17.51
N ALA C 233 -1.37 -20.85 18.58
CA ALA C 233 -2.80 -20.63 18.48
C ALA C 233 -3.19 -19.17 18.66
N ASP C 234 -2.26 -18.31 19.08
CA ASP C 234 -2.59 -16.92 19.37
C ASP C 234 -2.78 -16.11 18.08
N SER C 235 -1.95 -16.37 17.07
CA SER C 235 -2.12 -15.71 15.79
C SER C 235 -2.95 -16.56 14.86
N ALA C 236 -3.78 -15.91 14.04
CA ALA C 236 -4.68 -16.63 13.15
C ALA C 236 -4.04 -16.93 11.79
N SER C 237 -2.84 -17.49 11.83
CA SER C 237 -2.11 -17.93 10.64
C SER C 237 -2.19 -19.44 10.45
N THR C 238 -3.38 -19.99 10.24
CA THR C 238 -3.51 -21.43 10.08
C THR C 238 -4.56 -21.80 9.04
N SER C 239 -4.90 -20.86 8.15
CA SER C 239 -5.71 -21.07 6.95
C SER C 239 -7.11 -21.58 7.27
N LEU C 240 -7.90 -20.69 7.87
CA LEU C 240 -9.22 -21.05 8.38
C LEU C 240 -10.19 -21.34 7.25
N LEU C 241 -10.04 -22.48 6.58
CA LEU C 241 -10.90 -22.84 5.47
C LEU C 241 -11.45 -24.25 5.56
N SER C 242 -11.35 -24.89 6.72
CA SER C 242 -11.97 -26.21 6.86
C SER C 242 -13.51 -26.22 6.84
N PRO C 243 -14.26 -25.18 7.26
CA PRO C 243 -15.70 -25.22 6.96
C PRO C 243 -16.03 -25.06 5.48
N HIS C 244 -15.17 -24.39 4.72
CA HIS C 244 -15.33 -24.38 3.27
C HIS C 244 -14.99 -25.74 2.69
N LEU C 245 -13.99 -26.41 3.25
CA LEU C 245 -13.50 -27.65 2.67
C LEU C 245 -14.32 -28.84 3.12
N HIS C 246 -15.20 -28.67 4.10
CA HIS C 246 -16.06 -29.77 4.54
C HIS C 246 -17.35 -29.82 3.72
N PHE C 247 -17.93 -28.67 3.46
CA PHE C 247 -19.18 -28.59 2.72
C PHE C 247 -18.98 -28.52 1.22
N GLY C 248 -17.75 -28.76 0.75
CA GLY C 248 -17.51 -28.79 -0.68
C GLY C 248 -17.60 -27.45 -1.37
N GLU C 249 -17.35 -26.36 -0.65
CA GLU C 249 -17.28 -25.05 -1.28
C GLU C 249 -15.90 -24.78 -1.86
N LEU C 250 -14.94 -25.66 -1.61
CA LEU C 250 -13.59 -25.50 -2.12
C LEU C 250 -13.09 -26.90 -2.44
N SER C 251 -12.67 -27.14 -3.67
CA SER C 251 -12.27 -28.48 -4.06
C SER C 251 -10.87 -28.78 -3.57
N VAL C 252 -10.67 -30.04 -3.13
CA VAL C 252 -9.36 -30.48 -2.68
C VAL C 252 -8.40 -30.58 -3.86
N ARG C 253 -8.91 -30.83 -5.05
CA ARG C 253 -8.05 -30.95 -6.22
C ARG C 253 -7.55 -29.59 -6.71
N LYS C 254 -8.18 -28.50 -6.27
CA LYS C 254 -7.67 -27.17 -6.60
C LYS C 254 -6.61 -26.72 -5.60
N VAL C 255 -6.81 -27.03 -4.32
CA VAL C 255 -5.81 -26.68 -3.31
C VAL C 255 -4.55 -27.51 -3.51
N PHE C 256 -4.69 -28.73 -4.00
CA PHE C 256 -3.49 -29.53 -4.32
C PHE C 256 -2.76 -28.98 -5.52
N HIS C 257 -3.47 -28.34 -6.45
CA HIS C 257 -2.83 -27.79 -7.63
C HIS C 257 -2.09 -26.50 -7.31
N LEU C 258 -2.81 -25.54 -6.71
CA LEU C 258 -2.27 -24.20 -6.49
C LEU C 258 -1.13 -24.17 -5.47
N VAL C 259 -1.11 -25.10 -4.52
CA VAL C 259 0.02 -25.18 -3.60
C VAL C 259 1.22 -25.78 -4.31
N ARG C 260 0.99 -26.82 -5.12
CA ARG C 260 2.08 -27.45 -5.87
C ARG C 260 2.57 -26.56 -7.00
N MET C 261 1.68 -25.74 -7.58
CA MET C 261 2.09 -24.84 -8.65
C MET C 261 2.99 -23.73 -8.16
N LYS C 262 2.77 -23.25 -6.95
CA LYS C 262 3.62 -22.21 -6.37
C LYS C 262 4.65 -22.76 -5.40
N GLN C 263 4.69 -24.07 -5.20
CA GLN C 263 5.86 -24.68 -4.58
C GLN C 263 7.04 -24.61 -5.52
N LEU C 264 6.79 -24.71 -6.83
CA LEU C 264 7.83 -24.59 -7.83
C LEU C 264 8.37 -23.17 -7.91
N VAL C 265 7.52 -22.17 -7.68
CA VAL C 265 7.95 -20.77 -7.73
C VAL C 265 8.91 -20.48 -6.58
N TRP C 266 8.61 -20.96 -5.38
CA TRP C 266 9.52 -20.77 -4.26
C TRP C 266 10.70 -21.71 -4.30
N SER C 267 10.65 -22.77 -5.09
CA SER C 267 11.73 -23.75 -5.09
C SER C 267 12.97 -23.21 -5.80
N ASN C 268 12.78 -22.40 -6.84
CA ASN C 268 13.88 -21.78 -7.55
C ASN C 268 14.02 -20.31 -7.21
N GLU C 269 13.78 -19.94 -5.95
CA GLU C 269 14.07 -18.61 -5.43
C GLU C 269 14.89 -18.67 -4.14
N GLY C 270 15.31 -19.87 -3.73
CA GLY C 270 16.11 -20.02 -2.55
C GLY C 270 15.36 -20.02 -1.23
N ASN C 271 14.03 -19.98 -1.26
CA ASN C 271 13.22 -19.94 -0.04
C ASN C 271 13.04 -21.36 0.49
N HIS C 272 13.96 -21.77 1.37
CA HIS C 272 13.92 -23.13 1.89
C HIS C 272 12.86 -23.29 2.97
N ALA C 273 12.42 -22.19 3.58
CA ALA C 273 11.35 -22.28 4.57
C ALA C 273 9.99 -22.38 3.88
N ALA C 274 9.77 -21.57 2.84
CA ALA C 274 8.48 -21.55 2.17
C ALA C 274 8.25 -22.76 1.29
N GLU C 275 9.30 -23.51 0.94
CA GLU C 275 9.09 -24.76 0.23
C GLU C 275 8.90 -25.93 1.19
N GLU C 276 9.38 -25.80 2.43
CA GLU C 276 9.12 -26.83 3.42
C GLU C 276 7.69 -26.75 3.94
N SER C 277 7.15 -25.53 4.05
CA SER C 277 5.79 -25.33 4.53
C SER C 277 4.74 -25.64 3.48
N CYS C 278 5.12 -26.09 2.29
CA CYS C 278 4.18 -26.58 1.29
C CYS C 278 4.06 -28.09 1.30
N THR C 279 5.11 -28.80 1.69
CA THR C 279 5.01 -30.23 1.90
C THR C 279 4.34 -30.57 3.22
N LEU C 280 4.25 -29.61 4.12
CA LEU C 280 3.62 -29.80 5.43
C LEU C 280 2.19 -29.31 5.44
N PHE C 281 1.79 -28.48 4.48
CA PHE C 281 0.40 -28.13 4.27
C PHE C 281 -0.35 -29.18 3.49
N LEU C 282 0.31 -29.83 2.53
CA LEU C 282 -0.32 -30.92 1.80
C LEU C 282 -0.42 -32.18 2.65
N ARG C 283 0.44 -32.32 3.67
CA ARG C 283 0.30 -33.43 4.60
C ARG C 283 -0.99 -33.31 5.40
N SER C 284 -1.32 -32.09 5.84
CA SER C 284 -2.55 -31.87 6.57
C SER C 284 -3.77 -32.05 5.68
N ILE C 285 -3.66 -31.69 4.40
CA ILE C 285 -4.71 -31.99 3.43
C ILE C 285 -4.87 -33.51 3.28
N GLY C 286 -3.74 -34.24 3.33
CA GLY C 286 -3.79 -35.68 3.29
C GLY C 286 -4.40 -36.33 4.51
N LEU C 287 -4.40 -35.64 5.65
CA LEU C 287 -5.10 -36.14 6.83
C LEU C 287 -6.61 -36.11 6.62
N ARG C 288 -7.10 -35.16 5.83
CA ARG C 288 -8.52 -35.17 5.47
C ARG C 288 -8.83 -36.33 4.54
N GLU C 289 -7.91 -36.62 3.61
CA GLU C 289 -8.11 -37.69 2.65
C GLU C 289 -7.99 -39.05 3.32
N TYR C 290 -7.18 -39.15 4.37
CA TYR C 290 -6.98 -40.44 5.04
C TYR C 290 -8.18 -40.82 5.88
N SER C 291 -8.86 -39.83 6.47
CA SER C 291 -10.04 -40.12 7.29
C SER C 291 -11.20 -40.61 6.44
N ARG C 292 -11.34 -40.09 5.22
CA ARG C 292 -12.36 -40.58 4.31
C ARG C 292 -12.05 -41.98 3.83
N TYR C 293 -10.76 -42.28 3.66
CA TYR C 293 -10.32 -43.60 3.24
C TYR C 293 -10.41 -44.62 4.37
N LEU C 294 -10.42 -44.15 5.61
CA LEU C 294 -10.44 -45.06 6.75
C LEU C 294 -11.84 -45.58 7.04
N SER C 295 -12.85 -44.71 6.93
CA SER C 295 -14.22 -45.13 7.22
C SER C 295 -14.82 -45.92 6.08
N PHE C 296 -14.24 -45.86 4.89
CA PHE C 296 -14.75 -46.65 3.78
C PHE C 296 -14.13 -48.05 3.78
N ASN C 297 -12.84 -48.14 4.11
CA ASN C 297 -12.10 -49.38 4.02
C ASN C 297 -12.14 -50.11 5.36
N HIS C 298 -11.23 -51.08 5.55
CA HIS C 298 -11.18 -52.16 6.54
C HIS C 298 -11.68 -51.88 7.96
N PRO C 299 -11.28 -50.77 8.67
CA PRO C 299 -11.85 -50.58 10.01
C PRO C 299 -13.31 -50.17 9.95
N SER C 300 -13.60 -49.21 9.06
CA SER C 300 -14.91 -48.73 8.63
C SER C 300 -15.74 -48.05 9.72
N SER C 301 -15.30 -48.09 10.99
CA SER C 301 -16.11 -47.71 12.15
C SER C 301 -17.49 -48.36 12.09
N HIS C 302 -17.45 -49.69 12.16
CA HIS C 302 -18.37 -50.63 11.51
C HIS C 302 -19.87 -50.35 11.62
N GLU C 303 -20.39 -49.94 12.78
CA GLU C 303 -21.81 -49.57 12.89
C GLU C 303 -22.06 -48.14 13.33
N ARG C 304 -21.13 -47.54 14.10
CA ARG C 304 -21.21 -46.20 14.69
C ARG C 304 -19.79 -45.60 14.78
N PRO C 305 -19.62 -44.28 14.67
CA PRO C 305 -18.32 -43.66 15.00
C PRO C 305 -18.20 -43.31 16.49
N LEU C 306 -17.06 -42.65 16.80
CA LEU C 306 -16.40 -42.65 18.12
C LEU C 306 -16.08 -44.05 18.59
N LEU C 307 -15.39 -44.86 17.79
CA LEU C 307 -15.04 -46.21 18.20
C LEU C 307 -13.62 -46.68 17.83
N ALA C 308 -12.61 -46.69 18.77
CA ALA C 308 -11.37 -47.51 18.69
C ALA C 308 -10.73 -47.91 20.06
N HIS C 309 -11.01 -49.13 20.62
CA HIS C 309 -10.45 -49.85 21.81
C HIS C 309 -10.99 -49.52 23.27
N LEU C 310 -12.10 -48.80 23.52
CA LEU C 310 -12.64 -48.55 24.94
C LEU C 310 -14.14 -48.85 25.08
N ARG C 311 -14.75 -48.11 26.05
CA ARG C 311 -16.14 -47.96 26.53
C ARG C 311 -16.53 -48.94 27.62
N PHE C 312 -15.60 -49.19 28.56
CA PHE C 312 -15.91 -49.61 29.92
C PHE C 312 -15.66 -48.59 31.02
N PHE C 313 -14.66 -47.69 30.88
CA PHE C 313 -13.96 -47.03 32.00
C PHE C 313 -14.88 -46.29 32.96
N PRO C 314 -14.64 -46.38 34.27
CA PRO C 314 -15.63 -45.91 35.26
C PRO C 314 -15.74 -44.39 35.33
N TRP C 315 -16.52 -43.85 34.39
CA TRP C 315 -16.72 -42.41 34.32
C TRP C 315 -17.63 -41.92 35.42
N VAL C 316 -17.49 -40.65 35.76
CA VAL C 316 -18.44 -40.01 36.67
C VAL C 316 -19.67 -39.61 35.85
N VAL C 317 -20.86 -39.81 36.41
CA VAL C 317 -22.09 -39.65 35.66
C VAL C 317 -22.65 -38.28 36.05
N ASP C 318 -21.78 -37.41 36.56
CA ASP C 318 -22.17 -36.08 37.06
C ASP C 318 -22.52 -35.17 35.90
N GLU C 319 -23.79 -34.75 35.83
CA GLU C 319 -24.21 -33.80 34.81
C GLU C 319 -23.71 -32.39 35.09
N SER C 320 -23.54 -32.02 36.37
CA SER C 320 -23.09 -30.67 36.69
C SER C 320 -21.64 -30.44 36.31
N TYR C 321 -20.83 -31.50 36.29
CA TYR C 321 -19.50 -31.39 35.69
C TYR C 321 -19.57 -31.14 34.20
N PHE C 322 -20.59 -31.68 33.54
CA PHE C 322 -20.80 -31.36 32.13
C PHE C 322 -21.42 -29.97 31.98
N LYS C 323 -21.99 -29.42 33.05
CA LYS C 323 -22.42 -28.03 33.00
C LYS C 323 -21.27 -27.06 33.28
N ILE C 324 -20.24 -27.53 33.96
CA ILE C 324 -19.08 -26.67 34.24
C ILE C 324 -18.17 -26.59 33.04
N TRP C 325 -17.84 -27.74 32.44
CA TRP C 325 -16.91 -27.78 31.32
C TRP C 325 -17.51 -27.16 30.06
N ARG C 326 -18.83 -27.26 29.88
CA ARG C 326 -19.48 -26.59 28.77
C ARG C 326 -19.47 -25.07 28.96
N GLN C 327 -19.68 -24.60 30.19
CA GLN C 327 -19.68 -23.17 30.48
C GLN C 327 -18.25 -22.62 30.60
N GLY C 328 -17.39 -23.33 31.31
CA GLY C 328 -16.03 -22.88 31.49
C GLY C 328 -15.75 -22.36 32.88
N ARG C 329 -16.37 -22.94 33.91
CA ARG C 329 -16.00 -22.59 35.27
C ARG C 329 -14.97 -23.57 35.79
N THR C 330 -13.89 -23.78 35.04
CA THR C 330 -13.04 -24.94 35.28
C THR C 330 -11.71 -24.60 35.95
N GLY C 331 -11.29 -23.34 35.96
CA GLY C 331 -10.06 -22.99 36.64
C GLY C 331 -8.79 -23.18 35.84
N TYR C 332 -8.69 -24.28 35.09
CA TYR C 332 -7.57 -24.48 34.20
C TYR C 332 -7.71 -23.51 33.03
N PRO C 333 -6.84 -22.53 32.88
CA PRO C 333 -7.13 -21.40 31.99
C PRO C 333 -6.97 -21.70 30.51
N LEU C 334 -6.09 -22.63 30.15
CA LEU C 334 -5.91 -22.94 28.73
C LEU C 334 -7.08 -23.72 28.17
N VAL C 335 -7.68 -24.61 28.96
CA VAL C 335 -8.88 -25.31 28.52
C VAL C 335 -10.13 -24.48 28.71
N ASP C 336 -10.00 -23.32 29.35
CA ASP C 336 -11.08 -22.38 29.58
C ASP C 336 -11.19 -21.34 28.48
N ALA C 337 -10.05 -20.85 27.99
CA ALA C 337 -10.07 -19.99 26.82
C ALA C 337 -10.47 -20.74 25.57
N GLY C 338 -10.12 -22.02 25.49
CA GLY C 338 -10.55 -22.83 24.35
C GLY C 338 -12.04 -23.14 24.42
N MET C 339 -12.58 -23.25 25.63
CA MET C 339 -14.00 -23.51 25.75
C MET C 339 -14.84 -22.27 25.54
N ARG C 340 -14.24 -21.08 25.58
CA ARG C 340 -14.95 -19.86 25.27
C ARG C 340 -14.86 -19.49 23.80
N GLU C 341 -13.80 -19.89 23.11
CA GLU C 341 -13.70 -19.64 21.68
C GLU C 341 -14.64 -20.52 20.89
N LEU C 342 -14.85 -21.75 21.36
CA LEU C 342 -15.75 -22.68 20.69
C LEU C 342 -17.19 -22.21 20.75
N TRP C 343 -17.56 -21.55 21.85
CA TRP C 343 -18.92 -21.03 21.94
C TRP C 343 -19.08 -19.70 21.21
N ALA C 344 -18.02 -18.91 21.13
CA ALA C 344 -18.13 -17.57 20.56
C ALA C 344 -18.00 -17.60 19.04
N THR C 345 -17.18 -18.52 18.52
CA THR C 345 -16.89 -18.56 17.09
C THR C 345 -17.42 -19.81 16.40
N GLY C 346 -17.62 -20.90 17.13
CA GLY C 346 -17.90 -22.16 16.47
C GLY C 346 -16.65 -22.71 15.81
N TRP C 347 -15.49 -22.45 16.42
CA TRP C 347 -14.21 -22.77 15.81
C TRP C 347 -13.16 -22.94 16.88
N LEU C 348 -12.28 -23.92 16.70
CA LEU C 348 -11.11 -24.07 17.54
C LEU C 348 -9.89 -24.40 16.70
N HIS C 349 -8.73 -23.99 17.19
CA HIS C 349 -7.47 -24.43 16.61
C HIS C 349 -7.27 -25.92 16.86
N ASP C 350 -6.45 -26.56 16.03
CA ASP C 350 -6.31 -28.02 16.11
C ASP C 350 -5.57 -28.45 17.37
N ARG C 351 -4.57 -27.67 17.79
CA ARG C 351 -3.89 -27.95 19.05
C ARG C 351 -4.70 -27.53 20.26
N ILE C 352 -5.79 -26.78 20.09
CA ILE C 352 -6.64 -26.43 21.22
C ILE C 352 -7.79 -27.43 21.32
N ARG C 353 -8.17 -28.07 20.22
CA ARG C 353 -9.00 -29.27 20.31
C ARG C 353 -8.24 -30.42 20.96
N VAL C 354 -6.91 -30.37 20.93
CA VAL C 354 -6.06 -31.35 21.61
C VAL C 354 -6.21 -31.25 23.12
N VAL C 355 -6.13 -30.04 23.67
CA VAL C 355 -6.09 -29.89 25.12
C VAL C 355 -7.45 -29.72 25.76
N VAL C 356 -8.47 -29.29 25.00
CA VAL C 356 -9.82 -29.19 25.57
C VAL C 356 -10.44 -30.58 25.69
N ALA C 357 -10.24 -31.43 24.68
CA ALA C 357 -10.89 -32.72 24.68
C ALA C 357 -10.13 -33.75 25.51
N SER C 358 -8.80 -33.64 25.59
CA SER C 358 -8.06 -34.62 26.39
C SER C 358 -8.21 -34.32 27.88
N PHE C 359 -8.50 -33.08 28.24
CA PHE C 359 -8.84 -32.75 29.62
C PHE C 359 -10.21 -33.31 29.99
N PHE C 360 -11.09 -33.49 28.99
CA PHE C 360 -12.45 -33.93 29.24
C PHE C 360 -12.51 -35.39 29.67
N VAL C 361 -11.57 -36.21 29.23
CA VAL C 361 -11.58 -37.64 29.49
C VAL C 361 -10.54 -38.03 30.54
N LYS C 362 -9.33 -37.49 30.45
CA LYS C 362 -8.24 -37.94 31.29
C LYS C 362 -8.21 -37.26 32.64
N VAL C 363 -8.91 -36.15 32.81
CA VAL C 363 -8.91 -35.43 34.07
C VAL C 363 -10.31 -35.38 34.63
N LEU C 364 -11.26 -34.90 33.82
CA LEU C 364 -12.65 -34.84 34.29
C LEU C 364 -13.31 -36.21 34.34
N GLN C 365 -12.80 -37.18 33.55
CA GLN C 365 -13.26 -38.57 33.55
C GLN C 365 -14.73 -38.70 33.20
N LEU C 366 -15.15 -38.07 32.12
CA LEU C 366 -16.53 -38.15 31.67
C LEU C 366 -16.60 -39.08 30.47
N PRO C 367 -17.79 -39.63 30.16
CA PRO C 367 -17.89 -40.50 28.98
C PRO C 367 -17.69 -39.72 27.70
N ALA C 368 -16.95 -40.32 26.76
CA ALA C 368 -16.54 -39.63 25.54
C ALA C 368 -17.70 -39.36 24.59
N ARG C 369 -18.82 -40.07 24.75
CA ARG C 369 -19.98 -39.77 23.91
C ARG C 369 -20.67 -38.48 24.31
N TRP C 370 -20.38 -37.97 25.51
CA TRP C 370 -20.88 -36.65 25.89
C TRP C 370 -20.01 -35.58 25.26
N GLY C 371 -18.74 -35.91 25.00
CA GLY C 371 -17.85 -34.97 24.33
C GLY C 371 -18.08 -34.87 22.84
N MET C 372 -18.44 -35.99 22.18
CA MET C 372 -18.77 -35.89 20.76
C MET C 372 -20.09 -35.16 20.55
N LYS C 373 -21.11 -35.50 21.34
CA LYS C 373 -22.43 -34.94 21.13
C LYS C 373 -22.47 -33.46 21.45
N TYR C 374 -21.52 -32.98 22.26
CA TYR C 374 -21.38 -31.55 22.42
C TYR C 374 -20.58 -30.93 21.29
N PHE C 375 -19.50 -31.60 20.85
CA PHE C 375 -18.72 -31.10 19.73
C PHE C 375 -19.51 -31.15 18.43
N TRP C 376 -20.40 -32.15 18.29
CA TRP C 376 -21.20 -32.27 17.08
C TRP C 376 -22.21 -31.13 16.98
N ASP C 377 -22.69 -30.63 18.10
CA ASP C 377 -23.79 -29.67 18.06
C ASP C 377 -23.29 -28.27 17.79
N THR C 378 -22.17 -27.87 18.41
CA THR C 378 -21.60 -26.54 18.23
C THR C 378 -20.17 -26.65 17.71
N LEU C 379 -20.06 -26.75 16.38
CA LEU C 379 -18.82 -26.71 15.62
C LEU C 379 -19.21 -26.61 14.16
N LEU C 380 -18.32 -26.07 13.33
CA LEU C 380 -18.64 -25.91 11.92
C LEU C 380 -18.10 -27.06 11.09
N ASP C 381 -16.88 -27.51 11.40
CA ASP C 381 -16.21 -28.58 10.67
C ASP C 381 -16.43 -29.95 11.31
N ALA C 382 -17.72 -30.23 11.49
CA ALA C 382 -18.23 -31.41 12.18
C ALA C 382 -18.70 -32.44 11.17
N ASP C 383 -17.76 -33.24 10.68
CA ASP C 383 -18.08 -34.33 9.76
C ASP C 383 -18.13 -35.64 10.52
N LEU C 384 -18.25 -36.72 9.76
CA LEU C 384 -18.42 -38.02 10.38
C LEU C 384 -17.10 -38.77 10.46
N GLU C 385 -16.12 -38.41 9.62
CA GLU C 385 -14.83 -39.09 9.63
C GLU C 385 -13.81 -38.39 10.53
N SER C 386 -13.58 -37.10 10.31
CA SER C 386 -12.49 -36.43 11.01
C SER C 386 -12.83 -36.18 12.47
N ASP C 387 -14.11 -36.01 12.79
CA ASP C 387 -14.52 -35.97 14.19
C ASP C 387 -14.33 -37.33 14.83
N ALA C 388 -14.52 -38.39 14.05
CA ALA C 388 -14.22 -39.73 14.53
C ALA C 388 -12.74 -40.06 14.45
N LEU C 389 -12.01 -39.53 13.47
CA LEU C 389 -10.56 -39.77 13.40
C LEU C 389 -9.82 -39.02 14.49
N GLY C 390 -10.28 -37.81 14.79
CA GLY C 390 -9.54 -36.95 15.72
C GLY C 390 -9.73 -37.36 17.17
N TRP C 391 -10.97 -37.66 17.56
CA TRP C 391 -11.25 -38.17 18.90
C TRP C 391 -10.56 -39.49 19.15
N GLN C 392 -10.47 -40.31 18.11
CA GLN C 392 -9.65 -41.51 18.14
C GLN C 392 -8.18 -41.20 18.37
N TYR C 393 -7.67 -40.12 17.79
CA TYR C 393 -6.24 -39.84 17.89
C TYR C 393 -5.86 -39.15 19.20
N ILE C 394 -6.62 -38.15 19.63
CA ILE C 394 -6.19 -37.37 20.78
C ILE C 394 -6.40 -38.14 22.09
N THR C 395 -7.42 -38.97 22.16
CA THR C 395 -7.75 -39.73 23.35
C THR C 395 -7.19 -41.13 23.20
N GLY C 396 -6.67 -41.42 22.02
CA GLY C 396 -5.39 -42.12 21.96
C GLY C 396 -5.10 -43.36 21.14
N SER C 397 -5.94 -43.73 20.19
CA SER C 397 -6.03 -45.14 19.81
C SER C 397 -5.33 -45.49 18.50
N LEU C 398 -5.16 -44.54 17.61
CA LEU C 398 -4.32 -44.88 16.49
C LEU C 398 -2.91 -45.10 16.98
N PRO C 399 -2.15 -46.06 16.44
CA PRO C 399 -0.69 -46.07 16.61
C PRO C 399 0.00 -44.91 15.89
N ASP C 400 -0.42 -43.69 16.21
CA ASP C 400 0.00 -42.43 15.60
C ASP C 400 0.54 -41.50 16.70
N GLY C 401 -0.18 -41.40 17.81
CA GLY C 401 0.31 -40.65 18.94
C GLY C 401 -0.77 -40.40 19.98
N ARG C 402 -0.39 -39.61 20.99
CA ARG C 402 -1.25 -39.06 22.04
C ARG C 402 -1.93 -40.16 22.86
N GLU C 403 -1.09 -41.00 23.45
CA GLU C 403 -1.51 -42.17 24.22
C GLU C 403 -2.19 -41.76 25.52
N LEU C 404 -2.73 -42.77 26.22
CA LEU C 404 -3.28 -42.57 27.56
C LEU C 404 -2.17 -42.62 28.61
N ASP C 405 -2.63 -42.78 29.88
CA ASP C 405 -1.84 -42.64 31.12
C ASP C 405 -0.94 -41.40 31.09
N ARG C 406 -1.46 -40.31 30.54
CA ARG C 406 -0.69 -39.09 30.31
C ARG C 406 -1.64 -37.91 30.29
N ILE C 407 -1.68 -37.14 31.39
CA ILE C 407 -2.52 -35.95 31.44
C ILE C 407 -1.86 -34.81 30.68
N ASP C 408 -2.62 -33.72 30.49
CA ASP C 408 -2.15 -32.62 29.66
C ASP C 408 -1.00 -31.85 30.32
N ASN C 409 -1.13 -31.53 31.62
CA ASN C 409 -0.18 -30.74 32.42
C ASN C 409 0.15 -29.40 31.76
N PRO C 410 -0.72 -28.39 31.88
CA PRO C 410 -0.58 -27.17 31.06
C PRO C 410 0.59 -26.26 31.40
N GLN C 411 1.49 -26.70 32.29
CA GLN C 411 2.71 -25.95 32.56
C GLN C 411 3.62 -25.93 31.32
N PHE C 412 3.73 -27.06 30.63
CA PHE C 412 4.49 -27.12 29.38
C PHE C 412 3.65 -27.57 28.19
N GLU C 413 2.35 -27.78 28.38
CA GLU C 413 1.40 -27.90 27.28
C GLU C 413 0.95 -26.54 26.76
N GLY C 414 1.46 -25.45 27.33
CA GLY C 414 1.09 -24.12 26.92
C GLY C 414 2.23 -23.36 26.28
N TYR C 415 3.47 -23.69 26.67
CA TYR C 415 4.65 -23.01 26.15
C TYR C 415 5.05 -23.48 24.77
N LYS C 416 4.28 -24.37 24.15
CA LYS C 416 4.43 -24.74 22.75
C LYS C 416 3.31 -24.19 21.88
N PHE C 417 2.12 -24.00 22.46
CA PHE C 417 0.96 -23.57 21.71
C PHE C 417 0.59 -22.12 21.95
N ASP C 418 1.19 -21.48 22.95
CA ASP C 418 0.84 -20.13 23.37
C ASP C 418 1.97 -19.55 24.20
N PRO C 419 3.04 -19.04 23.58
CA PRO C 419 4.24 -18.71 24.35
C PRO C 419 4.10 -17.45 25.20
N HIS C 420 3.45 -16.42 24.69
CA HIS C 420 3.35 -15.15 25.40
C HIS C 420 2.04 -15.00 26.17
N GLY C 421 1.07 -15.88 25.96
CA GLY C 421 -0.20 -15.72 26.63
C GLY C 421 -1.14 -14.78 25.94
N GLU C 422 -0.99 -14.60 24.63
CA GLU C 422 -1.91 -13.73 23.90
C GLU C 422 -3.24 -14.40 23.62
N TYR C 423 -3.32 -15.72 23.86
CA TYR C 423 -4.56 -16.44 23.62
C TYR C 423 -5.41 -16.54 24.88
N VAL C 424 -4.77 -16.59 26.05
CA VAL C 424 -5.51 -16.61 27.30
C VAL C 424 -6.07 -15.23 27.63
N ARG C 425 -5.23 -14.20 27.50
CA ARG C 425 -5.68 -12.84 27.80
C ARG C 425 -6.68 -12.30 26.80
N ARG C 426 -6.79 -12.92 25.63
CA ARG C 426 -7.80 -12.50 24.66
C ARG C 426 -9.18 -12.97 25.08
N TRP C 427 -9.28 -14.16 25.67
CA TRP C 427 -10.59 -14.79 25.90
C TRP C 427 -11.03 -14.82 27.35
N ILE C 428 -10.12 -14.75 28.30
CA ILE C 428 -10.54 -14.49 29.68
C ILE C 428 -9.84 -13.22 30.16
N PRO C 429 -10.42 -12.04 29.89
CA PRO C 429 -9.76 -10.77 30.26
C PRO C 429 -9.80 -10.45 31.74
N GLU C 430 -10.45 -11.29 32.56
CA GLU C 430 -10.34 -11.17 34.00
C GLU C 430 -9.01 -11.69 34.54
N LEU C 431 -8.14 -12.17 33.67
CA LEU C 431 -6.83 -12.70 34.01
C LEU C 431 -5.71 -11.96 33.29
N ALA C 432 -5.99 -10.77 32.78
CA ALA C 432 -5.16 -9.99 31.86
C ALA C 432 -3.96 -9.34 32.49
N ARG C 433 -3.57 -9.58 33.74
CA ARG C 433 -2.41 -8.91 34.30
C ARG C 433 -1.45 -9.90 34.94
N LEU C 434 -1.62 -11.19 34.64
CA LEU C 434 -0.67 -12.12 35.23
C LEU C 434 0.59 -12.22 34.37
N PRO C 435 1.78 -12.14 34.96
CA PRO C 435 2.98 -11.89 34.18
C PRO C 435 3.57 -13.11 33.47
N THR C 436 2.73 -13.82 32.71
CA THR C 436 3.01 -14.84 31.69
C THR C 436 3.75 -16.08 32.20
N GLU C 437 4.08 -16.13 33.48
CA GLU C 437 4.56 -17.35 34.11
C GLU C 437 3.45 -18.12 34.78
N TRP C 438 2.46 -17.42 35.33
CA TRP C 438 1.33 -18.04 35.99
C TRP C 438 0.03 -17.76 35.24
N ILE C 439 0.13 -17.41 33.96
CA ILE C 439 -1.06 -17.27 33.14
C ILE C 439 -1.61 -18.63 32.74
N HIS C 440 -0.79 -19.67 32.76
CA HIS C 440 -1.25 -21.02 32.45
C HIS C 440 -1.55 -21.84 33.70
N HIS C 441 -1.11 -21.38 34.88
CA HIS C 441 -1.48 -22.04 36.12
C HIS C 441 -1.60 -21.02 37.25
N PRO C 442 -2.77 -20.40 37.43
CA PRO C 442 -2.91 -19.43 38.52
C PRO C 442 -2.97 -20.05 39.91
N TRP C 443 -3.34 -21.32 40.02
CA TRP C 443 -3.42 -21.93 41.35
C TRP C 443 -2.04 -22.32 41.88
N ASP C 444 -1.04 -22.38 41.00
CA ASP C 444 0.34 -22.60 41.41
C ASP C 444 1.08 -21.31 41.74
N ALA C 445 0.36 -20.19 41.80
CA ALA C 445 1.01 -18.90 42.02
C ALA C 445 1.02 -18.55 43.50
N PRO C 446 2.02 -17.81 43.95
CA PRO C 446 1.99 -17.27 45.31
C PRO C 446 0.90 -16.20 45.46
N VAL C 447 0.59 -15.89 46.71
CA VAL C 447 -0.54 -15.01 46.99
C VAL C 447 -0.21 -13.56 46.67
N SER C 448 1.08 -13.19 46.74
CA SER C 448 1.47 -11.80 46.53
C SER C 448 1.34 -11.39 45.06
N VAL C 449 1.78 -12.23 44.13
CA VAL C 449 1.66 -11.93 42.71
C VAL C 449 0.24 -12.15 42.18
N LEU C 450 -0.65 -12.73 42.99
CA LEU C 450 -2.05 -12.86 42.60
C LEU C 450 -2.87 -11.68 43.08
N GLN C 451 -2.59 -11.17 44.29
CA GLN C 451 -3.32 -10.01 44.78
C GLN C 451 -2.84 -8.73 44.10
N ALA C 452 -1.61 -8.73 43.59
CA ALA C 452 -1.14 -7.59 42.82
C ALA C 452 -1.76 -7.55 41.43
N ALA C 453 -2.08 -8.71 40.86
CA ALA C 453 -2.73 -8.78 39.56
C ALA C 453 -4.24 -8.65 39.64
N GLY C 454 -4.80 -8.56 40.85
CA GLY C 454 -6.22 -8.37 41.00
C GLY C 454 -7.06 -9.61 40.91
N ILE C 455 -6.46 -10.80 40.94
CA ILE C 455 -7.19 -12.06 40.86
C ILE C 455 -7.25 -12.64 42.26
N GLU C 456 -8.45 -12.74 42.80
CA GLU C 456 -8.71 -13.46 44.05
C GLU C 456 -9.44 -14.74 43.68
N LEU C 457 -8.77 -15.88 43.89
CA LEU C 457 -9.27 -17.17 43.43
C LEU C 457 -10.48 -17.59 44.25
N GLY C 458 -11.63 -17.65 43.61
CA GLY C 458 -12.85 -18.05 44.29
C GLY C 458 -13.99 -17.11 43.99
N SER C 459 -13.66 -15.84 43.78
CA SER C 459 -14.65 -14.82 43.47
C SER C 459 -14.46 -14.26 42.07
N ASN C 460 -13.26 -13.85 41.71
CA ASN C 460 -13.01 -13.35 40.36
C ASN C 460 -12.78 -14.49 39.38
N TYR C 461 -11.93 -15.44 39.73
CA TYR C 461 -11.63 -16.58 38.88
C TYR C 461 -11.77 -17.85 39.71
N PRO C 462 -12.56 -18.83 39.24
CA PRO C 462 -12.86 -19.98 40.10
C PRO C 462 -11.68 -20.92 40.30
N LEU C 463 -11.77 -21.73 41.34
CA LEU C 463 -10.74 -22.70 41.65
C LEU C 463 -10.80 -23.86 40.66
N PRO C 464 -9.72 -24.62 40.50
CA PRO C 464 -9.81 -25.87 39.75
C PRO C 464 -10.72 -26.88 40.43
N ILE C 465 -11.69 -27.40 39.67
CA ILE C 465 -12.68 -28.32 40.21
C ILE C 465 -12.03 -29.66 40.54
N VAL C 466 -11.01 -30.03 39.78
CA VAL C 466 -10.26 -31.27 39.98
C VAL C 466 -8.79 -30.91 39.96
N GLU C 467 -8.07 -31.30 41.00
CA GLU C 467 -6.66 -30.97 41.07
C GLU C 467 -5.86 -31.80 40.08
N LEU C 468 -4.66 -31.30 39.75
CA LEU C 468 -3.85 -31.96 38.73
C LEU C 468 -3.18 -33.21 39.28
N ASP C 469 -2.69 -33.17 40.52
CA ASP C 469 -2.08 -34.33 41.14
C ASP C 469 -3.13 -35.36 41.57
N ALA C 470 -4.39 -34.96 41.70
CA ALA C 470 -5.46 -35.90 41.99
C ALA C 470 -5.73 -36.79 40.79
N ALA C 471 -6.09 -36.20 39.66
CA ALA C 471 -6.41 -36.96 38.45
C ALA C 471 -5.18 -37.55 37.76
N LYS C 472 -3.97 -37.20 38.22
CA LYS C 472 -2.78 -37.89 37.73
C LYS C 472 -2.70 -39.30 38.31
N GLY C 473 -3.35 -39.54 39.44
CA GLY C 473 -3.41 -40.85 40.04
C GLY C 473 -4.81 -41.43 40.02
N ARG C 474 -5.83 -40.57 40.05
CA ARG C 474 -7.21 -41.03 39.97
C ARG C 474 -7.56 -41.60 38.60
N LEU C 475 -6.86 -41.17 37.55
CA LEU C 475 -6.96 -41.86 36.27
C LEU C 475 -6.40 -43.26 36.35
N GLN C 476 -5.24 -43.43 36.98
CA GLN C 476 -4.60 -44.74 37.04
C GLN C 476 -5.30 -45.69 38.00
N ALA C 477 -6.19 -45.17 38.86
CA ALA C 477 -7.12 -46.04 39.56
C ALA C 477 -8.26 -46.50 38.65
N ALA C 478 -8.57 -45.72 37.61
CA ALA C 478 -9.62 -46.08 36.66
C ALA C 478 -9.09 -46.73 35.40
N LEU C 479 -7.86 -46.45 35.01
CA LEU C 479 -7.27 -47.02 33.80
C LEU C 479 -6.75 -48.43 34.02
N SER C 480 -6.54 -48.82 35.28
CA SER C 480 -6.22 -50.20 35.59
C SER C 480 -7.42 -51.13 35.44
N GLU C 481 -8.63 -50.60 35.34
CA GLU C 481 -9.81 -51.40 35.02
C GLU C 481 -9.85 -51.82 33.56
N MET C 482 -9.07 -51.16 32.69
CA MET C 482 -8.91 -51.62 31.31
C MET C 482 -7.97 -52.81 31.24
N TRP C 483 -6.90 -52.75 32.02
CA TRP C 483 -5.73 -53.59 31.89
C TRP C 483 -5.85 -54.88 32.70
N GLN C 484 -7.01 -55.08 33.35
CA GLN C 484 -7.38 -56.38 33.89
C GLN C 484 -8.32 -57.13 32.96
N LEU C 485 -9.01 -56.43 32.05
CA LEU C 485 -10.00 -57.05 31.18
C LEU C 485 -9.50 -57.27 29.76
N GLU C 486 -8.74 -56.33 29.21
CA GLU C 486 -8.23 -56.45 27.85
C GLU C 486 -6.96 -57.29 27.81
N MET D 1 19.78 -40.67 -19.37
CA MET D 1 20.53 -41.65 -20.16
C MET D 1 19.65 -42.73 -20.76
N ARG D 2 18.34 -42.56 -20.66
CA ARG D 2 17.41 -43.47 -21.31
C ARG D 2 16.65 -42.77 -22.43
N ILE D 3 15.99 -41.64 -22.16
CA ILE D 3 15.26 -40.90 -23.16
C ILE D 3 15.80 -39.47 -23.20
N VAL D 4 15.57 -38.79 -24.31
CA VAL D 4 15.96 -37.40 -24.44
C VAL D 4 14.74 -36.53 -24.75
N VAL D 5 14.69 -35.37 -24.13
CA VAL D 5 13.83 -34.30 -24.62
C VAL D 5 14.73 -33.22 -25.23
N TRP D 6 14.38 -32.75 -26.42
CA TRP D 6 15.11 -31.62 -27.00
C TRP D 6 14.12 -30.49 -27.20
N PHE D 7 14.40 -29.36 -26.54
CA PHE D 7 13.55 -28.20 -26.65
C PHE D 7 13.78 -27.53 -28.00
N ARG D 8 12.69 -27.03 -28.59
CA ARG D 8 12.82 -26.22 -29.80
C ARG D 8 12.29 -24.81 -29.58
N ARG D 9 11.01 -24.67 -29.23
CA ARG D 9 10.43 -23.37 -28.89
C ARG D 9 9.45 -23.50 -27.74
N ASP D 10 9.84 -24.24 -26.71
CA ASP D 10 9.06 -24.45 -25.50
C ASP D 10 9.92 -24.27 -24.26
N LEU D 11 10.62 -23.15 -24.19
CA LEU D 11 11.66 -22.93 -23.18
C LEU D 11 11.01 -22.65 -21.82
N ARG D 12 10.48 -23.72 -21.23
CA ARG D 12 9.82 -23.66 -19.93
C ARG D 12 9.79 -25.05 -19.34
N VAL D 13 9.54 -25.12 -18.03
CA VAL D 13 9.37 -26.40 -17.35
C VAL D 13 7.98 -26.59 -16.78
N GLU D 14 7.24 -25.51 -16.50
CA GLU D 14 5.85 -25.64 -16.09
C GLU D 14 5.02 -26.08 -17.28
N ASP D 15 4.08 -27.00 -17.05
CA ASP D 15 3.14 -27.69 -17.95
C ASP D 15 3.67 -27.95 -19.37
N ASN D 16 4.93 -28.38 -19.46
CA ASN D 16 5.53 -28.75 -20.71
C ASN D 16 5.27 -30.24 -20.93
N PRO D 17 4.40 -30.64 -21.86
CA PRO D 17 4.02 -32.06 -21.96
C PRO D 17 4.99 -32.91 -22.76
N ALA D 18 6.29 -32.69 -22.58
CA ALA D 18 7.32 -33.61 -23.00
C ALA D 18 8.31 -33.87 -21.88
N LEU D 19 8.48 -32.90 -20.98
CA LEU D 19 9.31 -33.08 -19.80
C LEU D 19 8.54 -33.78 -18.69
N ALA D 20 7.26 -33.46 -18.53
CA ALA D 20 6.46 -34.12 -17.50
C ALA D 20 6.12 -35.54 -17.90
N ALA D 21 6.02 -35.82 -19.19
CA ALA D 21 5.90 -37.17 -19.69
C ALA D 21 7.24 -37.90 -19.72
N ALA D 22 8.32 -37.21 -19.40
CA ALA D 22 9.63 -37.83 -19.22
C ALA D 22 9.93 -38.15 -17.77
N ALA D 23 9.32 -37.44 -16.83
CA ALA D 23 9.55 -37.71 -15.41
C ALA D 23 8.87 -39.00 -14.98
N ARG D 24 7.62 -39.21 -15.40
CA ARG D 24 6.88 -40.40 -15.04
C ARG D 24 7.18 -41.59 -15.93
N ALA D 25 8.10 -41.44 -16.89
CA ALA D 25 8.52 -42.55 -17.72
C ALA D 25 9.45 -43.52 -16.99
N GLY D 26 9.92 -43.18 -15.80
CA GLY D 26 10.75 -44.08 -15.00
C GLY D 26 12.24 -43.94 -15.15
N GLY D 27 12.73 -43.94 -16.39
CA GLY D 27 14.15 -43.85 -16.65
C GLY D 27 14.70 -42.45 -16.45
N GLU D 28 15.98 -42.31 -16.79
CA GLU D 28 16.66 -41.03 -16.67
C GLU D 28 16.47 -40.19 -17.93
N VAL D 29 16.31 -38.89 -17.75
CA VAL D 29 16.06 -37.95 -18.85
C VAL D 29 17.21 -36.95 -18.88
N VAL D 30 17.74 -36.69 -20.07
CA VAL D 30 18.70 -35.62 -20.30
C VAL D 30 18.08 -34.64 -21.31
N PRO D 31 18.13 -33.34 -21.05
CA PRO D 31 17.57 -32.39 -22.00
C PRO D 31 18.61 -31.87 -22.99
N ALA D 32 18.12 -31.16 -24.00
CA ALA D 32 18.98 -30.75 -25.10
C ALA D 32 18.38 -29.56 -25.84
N TYR D 33 19.25 -28.86 -26.57
CA TYR D 33 18.84 -27.78 -27.48
C TYR D 33 19.83 -27.79 -28.66
N VAL D 34 19.39 -28.37 -29.78
CA VAL D 34 20.23 -28.35 -30.98
C VAL D 34 19.93 -27.09 -31.78
N TRP D 35 20.97 -26.32 -32.06
CA TRP D 35 20.86 -25.02 -32.71
C TRP D 35 21.40 -25.13 -34.14
N SER D 36 20.50 -25.13 -35.11
CA SER D 36 20.87 -25.19 -36.52
C SER D 36 20.07 -24.11 -37.26
N PRO D 37 20.64 -22.93 -37.42
CA PRO D 37 19.91 -21.87 -38.13
C PRO D 37 20.12 -21.91 -39.63
N GLU D 38 21.12 -22.69 -40.08
CA GLU D 38 21.37 -22.83 -41.51
C GLU D 38 20.30 -23.68 -42.18
N GLU D 39 19.61 -24.53 -41.40
CA GLU D 39 18.51 -25.33 -41.92
C GLU D 39 17.29 -24.47 -42.25
N GLU D 40 17.05 -23.40 -41.50
CA GLU D 40 15.84 -22.59 -41.61
C GLU D 40 15.82 -21.70 -42.87
N GLY D 41 16.86 -21.72 -43.69
CA GLY D 41 16.85 -21.06 -44.97
C GLY D 41 16.96 -19.56 -44.89
N PRO D 42 16.00 -18.85 -45.50
CA PRO D 42 15.98 -17.39 -45.38
C PRO D 42 15.54 -16.91 -44.01
N TYR D 43 14.93 -17.79 -43.21
CA TYR D 43 14.47 -17.47 -41.86
C TYR D 43 15.52 -17.83 -40.82
N TYR D 44 16.73 -17.36 -41.05
CA TYR D 44 17.76 -17.27 -40.04
C TYR D 44 17.17 -16.38 -38.96
N PRO D 45 16.91 -16.91 -37.76
CA PRO D 45 16.00 -16.21 -36.83
C PRO D 45 16.57 -14.95 -36.22
N GLY D 46 16.15 -13.81 -36.77
CA GLY D 46 16.33 -12.50 -36.19
C GLY D 46 17.74 -12.03 -35.91
N ARG D 47 17.83 -10.86 -35.28
CA ARG D 47 19.07 -10.37 -34.70
C ARG D 47 18.92 -9.93 -33.26
N VAL D 48 17.75 -9.41 -32.87
CA VAL D 48 17.40 -9.32 -31.46
C VAL D 48 16.56 -10.50 -31.01
N SER D 49 15.93 -11.23 -31.95
CA SER D 49 15.30 -12.50 -31.60
C SER D 49 16.34 -13.55 -31.27
N ARG D 50 17.55 -13.39 -31.78
CA ARG D 50 18.67 -14.22 -31.40
C ARG D 50 19.27 -13.80 -30.07
N TRP D 51 19.02 -12.56 -29.64
CA TRP D 51 19.47 -12.13 -28.32
C TRP D 51 18.60 -12.72 -27.22
N TRP D 52 17.31 -12.87 -27.50
CA TRP D 52 16.37 -13.38 -26.51
C TRP D 52 16.63 -14.84 -26.17
N ILE D 53 17.13 -15.62 -27.13
CA ILE D 53 17.35 -17.04 -26.90
C ILE D 53 18.55 -17.26 -25.98
N SER D 54 19.61 -16.48 -26.17
CA SER D 54 20.84 -16.66 -25.40
C SER D 54 20.66 -16.30 -23.94
N GLN D 55 19.69 -15.44 -23.63
CA GLN D 55 19.40 -15.04 -22.26
C GLN D 55 18.28 -15.87 -21.64
N SER D 56 17.49 -16.55 -22.46
CA SER D 56 16.46 -17.47 -21.98
C SER D 56 16.94 -18.90 -21.81
N LEU D 57 17.95 -19.30 -22.58
CA LEU D 57 18.58 -20.61 -22.35
C LEU D 57 19.33 -20.63 -21.02
N ASN D 58 20.11 -19.57 -20.77
CA ASN D 58 20.85 -19.49 -19.51
C ASN D 58 19.92 -19.27 -18.33
N HIS D 59 18.73 -18.76 -18.56
CA HIS D 59 17.70 -18.73 -17.54
C HIS D 59 17.08 -20.11 -17.35
N LEU D 60 17.06 -20.93 -18.39
CA LEU D 60 16.46 -22.26 -18.29
C LEU D 60 17.40 -23.23 -17.59
N ASP D 61 18.71 -23.02 -17.69
CA ASP D 61 19.67 -23.92 -17.06
C ASP D 61 19.59 -23.84 -15.54
N ALA D 62 19.60 -22.64 -14.99
CA ALA D 62 19.52 -22.45 -13.54
C ALA D 62 18.13 -22.72 -12.99
N SER D 63 17.13 -22.89 -13.85
CA SER D 63 15.78 -23.25 -13.45
C SER D 63 15.50 -24.73 -13.58
N LEU D 64 16.36 -25.45 -14.31
CA LEU D 64 16.22 -26.88 -14.50
C LEU D 64 17.31 -27.67 -13.80
N ARG D 65 18.39 -27.02 -13.36
CA ARG D 65 19.33 -27.68 -12.47
C ARG D 65 18.75 -27.93 -11.09
N ARG D 66 17.83 -27.08 -10.65
CA ARG D 66 17.24 -27.22 -9.32
C ARG D 66 16.15 -28.29 -9.26
N LEU D 67 15.74 -28.83 -10.42
CA LEU D 67 14.93 -30.03 -10.46
C LEU D 67 15.79 -31.29 -10.57
N GLY D 68 17.11 -31.13 -10.64
CA GLY D 68 18.02 -32.24 -10.88
C GLY D 68 18.72 -32.05 -12.21
N ALA D 69 18.84 -33.14 -12.98
CA ALA D 69 19.06 -33.11 -14.43
C ALA D 69 20.42 -32.57 -14.88
N GLY D 70 21.28 -32.14 -13.97
CA GLY D 70 22.66 -31.84 -14.30
C GLY D 70 22.88 -30.59 -15.13
N LYS D 71 22.46 -30.63 -16.40
CA LYS D 71 22.75 -29.56 -17.33
C LYS D 71 21.65 -29.42 -18.40
N LEU D 72 21.88 -28.52 -19.35
CA LEU D 72 21.12 -28.47 -20.60
C LEU D 72 22.14 -28.39 -21.74
N VAL D 73 22.38 -29.52 -22.39
CA VAL D 73 23.42 -29.59 -23.42
C VAL D 73 22.96 -28.88 -24.68
N THR D 74 23.90 -28.24 -25.37
CA THR D 74 23.60 -27.42 -26.55
C THR D 74 24.64 -27.76 -27.61
N ARG D 75 24.19 -28.40 -28.69
CA ARG D 75 25.08 -28.71 -29.79
C ARG D 75 24.69 -27.94 -31.03
N ARG D 76 25.62 -27.85 -31.98
CA ARG D 76 25.44 -27.01 -33.15
C ARG D 76 25.91 -27.78 -34.38
N SER D 77 25.09 -27.80 -35.42
CA SER D 77 25.46 -28.41 -36.69
C SER D 77 24.65 -27.72 -37.78
N ALA D 78 24.82 -28.18 -39.03
CA ALA D 78 24.11 -27.57 -40.14
C ALA D 78 22.64 -27.94 -40.11
N ASP D 79 22.34 -29.23 -39.99
CA ASP D 79 20.98 -29.74 -39.91
C ASP D 79 20.75 -30.38 -38.55
N ALA D 80 19.46 -30.49 -38.19
CA ALA D 80 19.12 -31.05 -36.89
C ALA D 80 19.35 -32.55 -36.85
N ALA D 81 19.11 -33.24 -37.96
CA ALA D 81 19.09 -34.70 -38.00
C ALA D 81 20.45 -35.35 -37.83
N VAL D 82 21.54 -34.67 -38.19
CA VAL D 82 22.86 -35.24 -38.01
C VAL D 82 23.26 -35.04 -36.56
N ALA D 83 22.96 -33.86 -36.02
CA ALA D 83 23.27 -33.50 -34.64
C ALA D 83 22.44 -34.27 -33.63
N LEU D 84 21.17 -34.56 -33.95
CA LEU D 84 20.34 -35.29 -33.02
C LEU D 84 20.67 -36.78 -33.02
N LEU D 85 21.07 -37.32 -34.18
CA LEU D 85 21.49 -38.70 -34.24
C LEU D 85 22.84 -38.89 -33.55
N GLN D 86 23.71 -37.87 -33.62
CA GLN D 86 24.97 -37.91 -32.90
C GLN D 86 24.77 -37.70 -31.40
N LEU D 87 23.58 -37.27 -30.98
CA LEU D 87 23.32 -37.06 -29.56
C LEU D 87 22.83 -38.34 -28.90
N VAL D 88 21.99 -39.10 -29.60
CA VAL D 88 21.55 -40.39 -29.08
C VAL D 88 22.66 -41.43 -29.21
N ARG D 89 23.63 -41.17 -30.09
CA ARG D 89 24.80 -42.04 -30.17
C ARG D 89 25.76 -41.77 -29.03
N ASP D 90 25.96 -40.51 -28.67
CA ASP D 90 26.92 -40.09 -27.64
C ASP D 90 26.41 -40.43 -26.24
N THR D 91 25.09 -40.47 -26.06
CA THR D 91 24.52 -40.69 -24.74
C THR D 91 23.88 -42.05 -24.58
N GLY D 92 23.62 -42.77 -25.67
CA GLY D 92 22.99 -44.08 -25.59
C GLY D 92 21.54 -44.00 -25.14
N ALA D 93 20.77 -43.13 -25.77
CA ALA D 93 19.37 -42.96 -25.42
C ALA D 93 18.48 -43.86 -26.28
N THR D 94 17.27 -44.10 -25.79
CA THR D 94 16.32 -44.99 -26.46
C THR D 94 15.18 -44.23 -27.10
N HIS D 95 14.68 -43.17 -26.46
CA HIS D 95 13.57 -42.42 -27.01
C HIS D 95 13.98 -40.98 -27.31
N VAL D 96 13.14 -40.31 -28.09
CA VAL D 96 13.21 -38.88 -28.31
C VAL D 96 11.82 -38.32 -28.06
N TYR D 97 11.71 -37.43 -27.07
CA TYR D 97 10.41 -36.87 -26.69
C TYR D 97 10.42 -35.37 -27.01
N PHE D 98 10.00 -35.05 -28.22
CA PHE D 98 9.80 -33.67 -28.63
C PHE D 98 8.31 -33.41 -28.82
N ASN D 99 8.01 -32.21 -29.32
CA ASN D 99 6.66 -31.79 -29.59
C ASN D 99 6.62 -30.98 -30.88
N HIS D 100 5.63 -31.26 -31.73
CA HIS D 100 5.67 -30.77 -33.10
C HIS D 100 5.30 -29.29 -33.16
N LEU D 101 6.06 -28.55 -33.96
CA LEU D 101 5.78 -27.16 -34.26
C LEU D 101 4.90 -27.07 -35.50
N TYR D 102 4.63 -25.84 -35.93
CA TYR D 102 3.72 -25.66 -37.05
C TYR D 102 4.25 -24.71 -38.11
N ASP D 103 5.55 -24.45 -38.15
CA ASP D 103 6.11 -23.76 -39.29
C ASP D 103 6.06 -24.69 -40.51
N PRO D 104 5.82 -24.13 -41.70
CA PRO D 104 5.93 -24.95 -42.91
C PRO D 104 7.36 -25.40 -43.21
N ILE D 105 8.37 -24.79 -42.58
CA ILE D 105 9.75 -25.22 -42.75
C ILE D 105 10.17 -26.24 -41.70
N SER D 106 9.47 -26.32 -40.56
CA SER D 106 9.78 -27.35 -39.57
C SER D 106 8.89 -28.57 -39.69
N LEU D 107 7.68 -28.40 -40.22
CA LEU D 107 6.78 -29.52 -40.46
C LEU D 107 7.34 -30.48 -41.50
N VAL D 108 7.96 -29.96 -42.56
CA VAL D 108 8.69 -30.81 -43.50
C VAL D 108 9.96 -31.37 -42.85
N ARG D 109 10.56 -30.64 -41.92
CA ARG D 109 11.74 -31.10 -41.18
C ARG D 109 11.41 -32.12 -40.11
N ASP D 110 10.22 -32.03 -39.51
CA ASP D 110 9.87 -32.94 -38.41
C ASP D 110 9.59 -34.34 -38.92
N ARG D 111 8.82 -34.46 -40.00
CA ARG D 111 8.61 -35.78 -40.59
C ARG D 111 9.87 -36.30 -41.25
N ARG D 112 10.77 -35.42 -41.68
CA ARG D 112 12.10 -35.83 -42.12
C ARG D 112 12.97 -36.24 -40.94
N LEU D 113 12.72 -35.65 -39.76
CA LEU D 113 13.42 -36.06 -38.55
C LEU D 113 12.90 -37.39 -38.04
N LYS D 114 11.58 -37.59 -38.11
CA LYS D 114 10.98 -38.85 -37.67
C LYS D 114 11.31 -39.97 -38.65
N GLU D 115 11.66 -39.62 -39.90
CA GLU D 115 12.08 -40.59 -40.90
C GLU D 115 13.52 -41.05 -40.69
N MET D 116 14.39 -40.21 -40.12
CA MET D 116 15.77 -40.64 -39.92
C MET D 116 15.91 -41.47 -38.65
N LEU D 117 15.27 -41.03 -37.56
CA LEU D 117 15.48 -41.66 -36.27
C LEU D 117 14.79 -43.02 -36.15
N ALA D 118 13.60 -43.16 -36.73
CA ALA D 118 12.86 -44.41 -36.58
C ALA D 118 13.47 -45.51 -37.45
N ALA D 119 14.05 -45.14 -38.59
CA ALA D 119 14.75 -46.11 -39.41
C ALA D 119 16.07 -46.55 -38.80
N GLU D 120 16.60 -45.79 -37.85
CA GLU D 120 17.82 -46.22 -37.17
C GLU D 120 17.51 -47.32 -36.17
N GLY D 121 16.47 -47.14 -35.37
CA GLY D 121 16.13 -48.12 -34.35
C GLY D 121 15.56 -47.52 -33.09
N ILE D 122 15.74 -46.21 -32.91
CA ILE D 122 15.16 -45.53 -31.77
C ILE D 122 13.73 -45.07 -32.11
N VAL D 123 12.95 -44.85 -31.07
CA VAL D 123 11.52 -44.55 -31.21
C VAL D 123 11.25 -43.13 -30.72
N VAL D 124 10.40 -42.42 -31.44
CA VAL D 124 10.07 -41.03 -31.13
C VAL D 124 8.60 -40.94 -30.81
N GLN D 125 8.20 -39.81 -30.21
CA GLN D 125 6.80 -39.51 -29.93
C GLN D 125 6.62 -38.02 -29.81
N SER D 126 5.73 -37.45 -30.62
CA SER D 126 5.50 -36.01 -30.57
C SER D 126 4.33 -35.69 -29.66
N PHE D 127 4.29 -34.45 -29.20
CA PHE D 127 3.23 -33.98 -28.30
C PHE D 127 2.75 -32.63 -28.79
N ASN D 128 1.77 -32.07 -28.08
CA ASN D 128 1.13 -30.81 -28.46
C ASN D 128 1.31 -29.82 -27.32
N SER D 129 2.18 -28.83 -27.51
CA SER D 129 2.48 -27.86 -26.47
C SER D 129 1.90 -26.48 -26.73
N ASP D 130 2.35 -25.81 -27.79
CA ASP D 130 2.00 -24.40 -27.98
C ASP D 130 0.78 -24.25 -28.87
N LEU D 131 -0.31 -24.93 -28.49
CA LEU D 131 -1.58 -24.80 -29.19
C LEU D 131 -2.70 -25.30 -28.28
N LEU D 132 -3.88 -24.71 -28.45
CA LEU D 132 -5.03 -25.11 -27.64
C LEU D 132 -5.56 -26.46 -28.08
N TYR D 133 -6.06 -26.54 -29.30
CA TYR D 133 -6.43 -27.80 -29.91
C TYR D 133 -5.35 -28.17 -30.93
N GLU D 134 -5.58 -29.24 -31.66
CA GLU D 134 -4.64 -29.50 -32.75
C GLU D 134 -5.29 -29.10 -34.08
N PRO D 135 -4.54 -28.63 -35.08
CA PRO D 135 -5.17 -28.01 -36.24
C PRO D 135 -5.82 -28.98 -37.22
N TRP D 136 -5.72 -30.29 -37.00
CA TRP D 136 -6.41 -31.23 -37.86
C TRP D 136 -7.72 -31.73 -37.26
N GLU D 137 -7.92 -31.58 -35.95
CA GLU D 137 -9.15 -32.00 -35.31
C GLU D 137 -10.20 -30.90 -35.25
N VAL D 138 -9.82 -29.64 -35.48
CA VAL D 138 -10.80 -28.59 -35.68
C VAL D 138 -11.22 -28.57 -37.13
N VAL D 139 -12.49 -28.85 -37.38
CA VAL D 139 -12.98 -28.94 -38.76
C VAL D 139 -14.21 -28.06 -38.91
N ASP D 140 -14.63 -27.83 -40.15
CA ASP D 140 -15.92 -27.22 -40.41
C ASP D 140 -16.97 -28.31 -40.54
N ASP D 141 -18.09 -27.97 -41.18
CA ASP D 141 -19.25 -28.84 -41.31
C ASP D 141 -18.91 -30.23 -41.87
N GLU D 142 -18.42 -30.29 -43.11
CA GLU D 142 -18.24 -31.62 -43.72
C GLU D 142 -16.89 -32.26 -43.40
N GLY D 143 -15.78 -31.75 -43.95
CA GLY D 143 -14.47 -32.26 -43.62
C GLY D 143 -13.34 -31.28 -43.85
N GLN D 144 -13.68 -30.05 -44.20
CA GLN D 144 -12.73 -29.14 -44.81
C GLN D 144 -12.05 -28.25 -43.77
N PRO D 145 -10.98 -27.56 -44.14
CA PRO D 145 -10.50 -26.45 -43.31
C PRO D 145 -11.32 -25.19 -43.54
N PHE D 146 -11.26 -24.30 -42.56
CA PHE D 146 -11.87 -22.99 -42.65
C PHE D 146 -11.02 -22.10 -43.54
N THR D 147 -11.59 -20.98 -43.99
CA THR D 147 -10.86 -20.00 -44.78
C THR D 147 -10.93 -18.59 -44.18
N MET D 148 -11.61 -18.43 -43.06
CA MET D 148 -11.73 -17.14 -42.41
C MET D 148 -11.41 -17.33 -40.93
N PHE D 149 -11.59 -16.27 -40.14
CA PHE D 149 -11.34 -16.34 -38.71
C PHE D 149 -12.60 -16.42 -37.87
N ASP D 150 -13.59 -15.58 -38.16
CA ASP D 150 -14.81 -15.55 -37.37
C ASP D 150 -15.68 -16.80 -37.52
N PRO D 151 -15.74 -17.49 -38.68
CA PRO D 151 -16.26 -18.86 -38.67
C PRO D 151 -15.37 -19.85 -37.94
N PHE D 152 -14.05 -19.62 -37.88
CA PHE D 152 -13.16 -20.59 -37.28
C PHE D 152 -13.27 -20.58 -35.76
N TRP D 153 -13.15 -19.41 -35.15
CA TRP D 153 -13.08 -19.30 -33.70
C TRP D 153 -14.42 -19.55 -33.03
N ASN D 154 -15.53 -19.47 -33.77
CA ASN D 154 -16.83 -19.85 -33.24
C ASN D 154 -16.96 -21.35 -33.05
N ARG D 155 -16.18 -22.14 -33.78
CA ARG D 155 -16.03 -23.57 -33.53
C ARG D 155 -15.08 -23.83 -32.38
N CYS D 156 -14.10 -22.94 -32.20
CA CYS D 156 -13.05 -23.14 -31.21
C CYS D 156 -13.50 -22.87 -29.77
N LEU D 157 -14.57 -22.12 -29.54
CA LEU D 157 -15.10 -21.98 -28.20
C LEU D 157 -16.26 -22.93 -27.92
N SER D 158 -16.87 -23.49 -28.96
CA SER D 158 -18.02 -24.38 -28.82
C SER D 158 -17.65 -25.79 -29.22
N MET D 159 -16.49 -26.24 -28.78
CA MET D 159 -16.04 -27.60 -29.02
C MET D 159 -16.89 -28.58 -28.21
N PRO D 160 -16.98 -29.83 -28.67
CA PRO D 160 -17.53 -30.89 -27.80
C PRO D 160 -16.78 -31.05 -26.49
N TYR D 161 -15.46 -31.12 -26.53
CA TYR D 161 -14.66 -31.31 -25.33
C TYR D 161 -13.75 -30.12 -25.12
N ASP D 162 -13.54 -29.78 -23.85
CA ASP D 162 -12.72 -28.63 -23.48
C ASP D 162 -11.24 -28.93 -23.73
N PRO D 163 -10.41 -27.90 -23.87
CA PRO D 163 -8.97 -28.14 -24.03
C PRO D 163 -8.37 -28.72 -22.77
N PRO D 164 -7.31 -29.51 -22.89
CA PRO D 164 -6.73 -30.14 -21.70
C PRO D 164 -6.05 -29.12 -20.80
N ALA D 165 -6.27 -29.29 -19.49
CA ALA D 165 -5.83 -28.36 -18.47
C ALA D 165 -4.32 -28.41 -18.33
N PRO D 166 -3.69 -27.37 -17.71
CA PRO D 166 -2.26 -27.44 -17.45
C PRO D 166 -1.88 -28.56 -16.50
N LEU D 167 -1.21 -29.57 -17.06
CA LEU D 167 -0.74 -30.71 -16.29
C LEU D 167 0.45 -30.28 -15.44
N LEU D 168 0.61 -30.91 -14.28
CA LEU D 168 1.52 -30.52 -13.22
C LEU D 168 2.98 -30.54 -13.68
N PRO D 169 3.81 -29.62 -13.21
CA PRO D 169 5.24 -29.71 -13.47
C PRO D 169 5.84 -30.89 -12.73
N PRO D 170 6.99 -31.40 -13.18
CA PRO D 170 7.58 -32.58 -12.54
C PRO D 170 8.08 -32.29 -11.13
N LYS D 171 8.10 -33.34 -10.31
CA LYS D 171 8.61 -33.20 -8.95
C LYS D 171 10.14 -33.07 -8.95
N ARG D 172 10.81 -34.09 -9.48
CA ARG D 172 12.26 -34.06 -9.65
C ARG D 172 12.64 -35.09 -10.72
N ILE D 173 13.68 -34.77 -11.48
CA ILE D 173 14.20 -35.63 -12.52
C ILE D 173 15.69 -35.86 -12.27
N ASN D 174 16.31 -36.67 -13.13
CA ASN D 174 17.69 -37.07 -12.90
C ASN D 174 18.37 -37.35 -14.24
N SER D 175 19.57 -36.81 -14.41
CA SER D 175 20.36 -37.07 -15.61
C SER D 175 21.33 -38.23 -15.42
N GLY D 176 21.64 -38.57 -14.17
CA GLY D 176 22.64 -39.58 -13.88
C GLY D 176 24.05 -39.02 -13.88
N ASP D 177 24.59 -38.77 -15.06
CA ASP D 177 25.95 -38.26 -15.21
C ASP D 177 25.90 -37.02 -16.10
N LEU D 178 26.54 -35.94 -15.65
CA LEU D 178 26.53 -34.67 -16.34
C LEU D 178 27.80 -34.43 -17.16
N SER D 179 28.59 -35.48 -17.40
CA SER D 179 29.87 -35.29 -18.07
C SER D 179 30.14 -36.31 -19.18
N MET D 180 29.26 -37.28 -19.40
CA MET D 180 29.41 -38.20 -20.52
C MET D 180 29.23 -37.48 -21.85
N CYS D 181 28.33 -36.51 -21.91
CA CYS D 181 28.06 -35.78 -23.13
C CYS D 181 28.87 -34.49 -23.16
N PRO D 182 29.82 -34.33 -24.08
CA PRO D 182 30.66 -33.13 -24.11
C PRO D 182 29.96 -31.92 -24.68
N SER D 183 29.20 -31.21 -23.85
CA SER D 183 28.48 -30.03 -24.30
C SER D 183 29.45 -28.89 -24.61
N GLU D 184 28.94 -27.89 -25.33
CA GLU D 184 29.78 -26.78 -25.76
C GLU D 184 28.96 -25.50 -25.74
N ASP D 185 29.59 -24.42 -25.33
CA ASP D 185 28.98 -23.11 -25.48
C ASP D 185 29.00 -22.70 -26.95
N LEU D 186 28.11 -21.77 -27.29
CA LEU D 186 27.90 -21.42 -28.68
C LEU D 186 27.47 -19.96 -28.75
N ILE D 187 27.82 -19.32 -29.86
CA ILE D 187 27.52 -17.90 -30.04
C ILE D 187 26.11 -17.77 -30.61
N PHE D 188 25.39 -16.74 -30.16
CA PHE D 188 24.10 -16.38 -30.72
C PHE D 188 24.18 -15.01 -31.36
N GLU D 189 24.64 -14.03 -30.60
CA GLU D 189 24.78 -12.67 -31.08
C GLU D 189 26.18 -12.43 -31.62
N ASP D 190 26.31 -11.40 -32.46
CA ASP D 190 27.60 -11.03 -33.01
C ASP D 190 28.46 -10.37 -31.95
N GLU D 191 29.76 -10.27 -32.25
CA GLU D 191 30.69 -9.62 -31.34
C GLU D 191 30.67 -8.10 -31.49
N SER D 192 30.28 -7.59 -32.65
CA SER D 192 30.14 -6.15 -32.82
C SER D 192 28.94 -5.61 -32.06
N GLU D 193 27.88 -6.42 -31.94
CA GLU D 193 26.70 -6.03 -31.18
C GLU D 193 26.61 -6.81 -29.88
N ARG D 194 27.74 -7.02 -29.19
CA ARG D 194 27.71 -7.67 -27.90
C ARG D 194 27.26 -6.71 -26.80
N GLY D 195 27.43 -5.42 -27.03
CA GLY D 195 27.08 -4.42 -26.04
C GLY D 195 25.85 -3.61 -26.41
N SER D 196 25.57 -3.50 -27.70
CA SER D 196 24.37 -2.77 -28.13
C SER D 196 23.11 -3.59 -27.97
N ASN D 197 23.24 -4.91 -27.82
CA ASN D 197 22.07 -5.75 -27.60
C ASN D 197 21.69 -5.80 -26.14
N ALA D 198 22.62 -5.51 -25.23
CA ALA D 198 22.31 -5.51 -23.81
C ALA D 198 21.46 -4.31 -23.38
N LEU D 199 21.20 -3.37 -24.27
CA LEU D 199 20.34 -2.23 -24.00
C LEU D 199 18.88 -2.51 -24.32
N LEU D 200 18.54 -3.73 -24.70
CA LEU D 200 17.13 -4.10 -24.77
C LEU D 200 16.62 -4.55 -23.41
N ALA D 201 17.50 -4.69 -22.42
CA ALA D 201 17.12 -5.10 -21.08
C ALA D 201 16.54 -3.95 -20.25
N ARG D 202 16.43 -2.75 -20.82
CA ARG D 202 15.78 -1.65 -20.12
C ARG D 202 14.27 -1.83 -20.08
N ALA D 203 13.74 -2.64 -21.00
CA ALA D 203 12.30 -2.90 -21.05
C ALA D 203 11.93 -4.37 -21.01
N TRP D 204 12.85 -5.28 -21.38
CA TRP D 204 12.53 -6.68 -21.54
C TRP D 204 13.52 -7.53 -20.76
N THR D 205 13.01 -8.39 -19.90
CA THR D 205 13.81 -9.44 -19.31
C THR D 205 13.23 -10.79 -19.70
N PRO D 206 13.99 -11.65 -20.35
CA PRO D 206 13.42 -12.93 -20.79
C PRO D 206 13.43 -13.99 -19.70
N GLY D 207 12.95 -15.17 -20.01
CA GLY D 207 12.89 -16.25 -19.04
C GLY D 207 11.46 -16.65 -18.74
N TRP D 208 11.28 -17.90 -18.31
CA TRP D 208 9.94 -18.37 -18.04
C TRP D 208 9.43 -17.91 -16.68
N GLN D 209 10.34 -17.61 -15.75
CA GLN D 209 9.91 -17.13 -14.44
C GLN D 209 9.31 -15.74 -14.53
N ASN D 210 9.82 -14.92 -15.45
CA ASN D 210 9.28 -13.59 -15.67
C ASN D 210 8.04 -13.62 -16.55
N ALA D 211 7.68 -14.77 -17.11
CA ALA D 211 6.49 -14.86 -17.94
C ALA D 211 5.23 -14.89 -17.08
N ASP D 212 5.26 -15.64 -15.98
CA ASP D 212 4.09 -15.68 -15.12
C ASP D 212 4.03 -14.50 -14.17
N LYS D 213 5.16 -13.84 -13.91
CA LYS D 213 5.12 -12.56 -13.21
C LYS D 213 4.50 -11.49 -14.10
N ALA D 214 4.74 -11.57 -15.41
CA ALA D 214 4.13 -10.62 -16.33
C ALA D 214 2.68 -10.97 -16.58
N LEU D 215 2.30 -12.24 -16.46
CA LEU D 215 0.93 -12.63 -16.69
C LEU D 215 0.04 -12.22 -15.52
N THR D 216 0.48 -12.51 -14.29
CA THR D 216 -0.32 -12.20 -13.12
C THR D 216 -0.40 -10.70 -12.85
N ALA D 217 0.59 -9.94 -13.29
CA ALA D 217 0.51 -8.49 -13.17
C ALA D 217 -0.46 -7.89 -14.17
N PHE D 218 -0.84 -8.64 -15.19
CA PHE D 218 -1.82 -8.17 -16.16
C PHE D 218 -3.23 -8.56 -15.75
N LEU D 219 -3.39 -9.73 -15.13
CA LEU D 219 -4.72 -10.19 -14.71
C LEU D 219 -5.28 -9.31 -13.61
N ASN D 220 -4.45 -8.92 -12.64
CA ASN D 220 -4.88 -8.00 -11.61
C ASN D 220 -4.98 -6.56 -12.11
N GLY D 221 -4.25 -6.22 -13.18
CA GLY D 221 -4.15 -4.85 -13.63
C GLY D 221 -5.02 -4.52 -14.82
N PRO D 222 -4.40 -4.47 -16.01
CA PRO D 222 -5.10 -3.90 -17.18
C PRO D 222 -6.13 -4.80 -17.83
N LEU D 223 -6.38 -6.01 -17.32
CA LEU D 223 -7.38 -6.87 -17.95
C LEU D 223 -8.79 -6.39 -17.65
N ALA D 224 -8.97 -5.61 -16.58
CA ALA D 224 -10.30 -5.12 -16.22
C ALA D 224 -10.79 -4.05 -17.19
N ASP D 225 -9.88 -3.42 -17.93
CA ASP D 225 -10.23 -2.42 -18.93
C ASP D 225 -9.51 -2.66 -20.24
N TYR D 226 -9.37 -3.91 -20.63
CA TYR D 226 -8.79 -4.24 -21.93
C TYR D 226 -9.74 -3.93 -23.07
N SER D 227 -11.05 -3.88 -22.81
CA SER D 227 -12.02 -3.68 -23.88
C SER D 227 -12.03 -2.25 -24.40
N VAL D 228 -11.52 -1.29 -23.61
CA VAL D 228 -11.48 0.11 -24.03
C VAL D 228 -10.07 0.61 -24.26
N ASN D 229 -9.06 0.07 -23.58
CA ASN D 229 -7.68 0.45 -23.77
C ASN D 229 -6.96 -0.48 -24.73
N ARG D 230 -7.69 -1.08 -25.67
CA ARG D 230 -7.09 -2.01 -26.62
C ARG D 230 -6.37 -1.26 -27.73
N LYS D 231 -6.94 -0.14 -28.17
CA LYS D 231 -6.41 0.56 -29.33
C LYS D 231 -5.40 1.64 -28.95
N LYS D 232 -5.49 2.15 -27.72
CA LYS D 232 -4.66 3.28 -27.31
C LYS D 232 -3.22 2.82 -27.08
N ALA D 233 -2.28 3.47 -27.76
CA ALA D 233 -0.88 3.06 -27.76
C ALA D 233 -0.03 3.83 -26.78
N ASP D 234 -0.56 4.91 -26.19
CA ASP D 234 0.24 5.75 -25.31
C ASP D 234 0.46 5.11 -23.95
N SER D 235 -0.56 4.44 -23.42
CA SER D 235 -0.41 3.72 -22.17
C SER D 235 -0.05 2.26 -22.43
N ALA D 236 0.78 1.70 -21.57
CA ALA D 236 1.26 0.33 -21.76
C ALA D 236 0.34 -0.69 -21.09
N SER D 237 -0.95 -0.57 -21.36
CA SER D 237 -1.96 -1.51 -20.88
C SER D 237 -2.40 -2.48 -21.98
N THR D 238 -1.49 -3.31 -22.49
CA THR D 238 -1.86 -4.23 -23.56
C THR D 238 -1.17 -5.58 -23.40
N SER D 239 -0.70 -5.90 -22.19
CA SER D 239 -0.21 -7.23 -21.78
C SER D 239 0.99 -7.66 -22.60
N LEU D 240 2.11 -6.98 -22.38
CA LEU D 240 3.31 -7.20 -23.18
C LEU D 240 3.94 -8.55 -22.90
N LEU D 241 3.32 -9.62 -23.39
CA LEU D 241 3.84 -10.96 -23.16
C LEU D 241 3.92 -11.80 -24.42
N SER D 242 3.82 -11.20 -25.59
CA SER D 242 4.01 -11.96 -26.82
C SER D 242 5.43 -12.47 -27.07
N PRO D 243 6.53 -11.85 -26.62
CA PRO D 243 7.81 -12.56 -26.70
C PRO D 243 7.92 -13.74 -25.76
N HIS D 244 7.21 -13.73 -24.64
CA HIS D 244 7.12 -14.91 -23.80
C HIS D 244 6.28 -15.99 -24.48
N LEU D 245 5.22 -15.57 -25.17
CA LEU D 245 4.27 -16.51 -25.74
C LEU D 245 4.74 -17.05 -27.08
N HIS D 246 5.78 -16.46 -27.67
CA HIS D 246 6.30 -16.97 -28.93
C HIS D 246 7.35 -18.04 -28.70
N PHE D 247 8.22 -17.84 -27.73
CA PHE D 247 9.29 -18.78 -27.44
C PHE D 247 8.87 -19.86 -26.47
N GLY D 248 7.58 -19.98 -26.18
CA GLY D 248 7.10 -21.03 -25.32
C GLY D 248 7.50 -20.91 -23.87
N GLU D 249 7.74 -19.70 -23.38
CA GLU D 249 7.98 -19.49 -21.97
C GLU D 249 6.68 -19.36 -21.18
N LEU D 250 5.55 -19.32 -21.87
CA LEU D 250 4.24 -19.21 -21.23
C LEU D 250 3.29 -20.03 -22.07
N SER D 251 2.62 -21.00 -21.46
CA SER D 251 1.75 -21.88 -22.22
C SER D 251 0.43 -21.21 -22.53
N VAL D 252 -0.08 -21.46 -23.74
CA VAL D 252 -1.37 -20.92 -24.14
C VAL D 252 -2.49 -21.59 -23.37
N ARG D 253 -2.29 -22.83 -22.94
CA ARG D 253 -3.33 -23.55 -22.20
C ARG D 253 -3.45 -23.07 -20.77
N LYS D 254 -2.44 -22.35 -20.26
CA LYS D 254 -2.55 -21.74 -18.94
C LYS D 254 -3.23 -20.38 -18.99
N VAL D 255 -2.94 -19.59 -20.03
CA VAL D 255 -3.59 -18.31 -20.19
C VAL D 255 -5.06 -18.49 -20.53
N PHE D 256 -5.41 -19.57 -21.22
CA PHE D 256 -6.82 -19.85 -21.46
C PHE D 256 -7.53 -20.28 -20.19
N HIS D 257 -6.82 -20.91 -19.26
CA HIS D 257 -7.44 -21.35 -18.03
C HIS D 257 -7.66 -20.19 -17.07
N LEU D 258 -6.60 -19.43 -16.77
CA LEU D 258 -6.63 -18.38 -15.77
C LEU D 258 -7.52 -17.21 -16.16
N VAL D 259 -7.67 -16.93 -17.45
CA VAL D 259 -8.60 -15.90 -17.87
C VAL D 259 -10.04 -16.39 -17.73
N ARG D 260 -10.28 -17.64 -18.12
CA ARG D 260 -11.61 -18.22 -17.99
C ARG D 260 -11.98 -18.49 -16.54
N MET D 261 -10.99 -18.80 -15.70
CA MET D 261 -11.26 -19.06 -14.28
C MET D 261 -11.68 -17.79 -13.55
N LYS D 262 -11.12 -16.65 -13.92
CA LYS D 262 -11.49 -15.38 -13.29
C LYS D 262 -12.46 -14.58 -14.13
N GLN D 263 -12.88 -15.09 -15.30
CA GLN D 263 -14.06 -14.54 -15.95
C GLN D 263 -15.30 -14.88 -15.13
N LEU D 264 -15.31 -16.05 -14.50
CA LEU D 264 -16.42 -16.45 -13.63
C LEU D 264 -16.49 -15.58 -12.38
N VAL D 265 -15.33 -15.16 -11.86
CA VAL D 265 -15.29 -14.33 -10.65
C VAL D 265 -15.91 -12.97 -10.93
N TRP D 266 -15.59 -12.36 -12.07
CA TRP D 266 -16.19 -11.09 -12.43
C TRP D 266 -17.60 -11.23 -12.97
N SER D 267 -18.02 -12.44 -13.35
CA SER D 267 -19.35 -12.60 -13.94
C SER D 267 -20.44 -12.49 -12.90
N ASN D 268 -20.18 -12.95 -11.69
CA ASN D 268 -21.13 -12.84 -10.60
C ASN D 268 -20.74 -11.75 -9.60
N GLU D 269 -20.18 -10.64 -10.09
CA GLU D 269 -19.95 -9.45 -9.30
C GLU D 269 -20.52 -8.20 -9.97
N GLY D 270 -21.22 -8.36 -11.10
CA GLY D 270 -21.83 -7.24 -11.79
C GLY D 270 -20.91 -6.45 -12.67
N ASN D 271 -19.66 -6.88 -12.85
CA ASN D 271 -18.70 -6.15 -13.67
C ASN D 271 -18.89 -6.53 -15.13
N HIS D 272 -19.73 -5.75 -15.82
CA HIS D 272 -20.03 -6.06 -17.22
C HIS D 272 -18.91 -5.63 -18.15
N ALA D 273 -18.06 -4.71 -17.72
CA ALA D 273 -16.92 -4.33 -18.54
C ALA D 273 -15.79 -5.35 -18.44
N ALA D 274 -15.51 -5.82 -17.22
CA ALA D 274 -14.40 -6.74 -17.01
C ALA D 274 -14.72 -8.15 -17.50
N GLU D 275 -15.99 -8.48 -17.70
CA GLU D 275 -16.31 -9.77 -18.31
C GLU D 275 -16.35 -9.68 -19.83
N GLU D 276 -16.55 -8.49 -20.39
CA GLU D 276 -16.47 -8.32 -21.84
C GLU D 276 -15.02 -8.32 -22.30
N SER D 277 -14.12 -7.77 -21.50
CA SER D 277 -12.70 -7.72 -21.83
C SER D 277 -11.99 -9.04 -21.64
N CYS D 278 -12.69 -10.09 -21.24
CA CYS D 278 -12.13 -11.43 -21.19
C CYS D 278 -12.49 -12.27 -22.41
N THR D 279 -13.63 -12.00 -23.02
CA THR D 279 -13.96 -12.60 -24.30
C THR D 279 -13.23 -11.96 -25.46
N LEU D 280 -12.69 -10.76 -25.24
CA LEU D 280 -11.95 -10.04 -26.26
C LEU D 280 -10.45 -10.22 -26.12
N PHE D 281 -9.98 -10.67 -24.96
CA PHE D 281 -8.60 -11.09 -24.78
C PHE D 281 -8.36 -12.51 -25.28
N LEU D 282 -9.34 -13.39 -25.12
CA LEU D 282 -9.21 -14.74 -25.65
C LEU D 282 -9.38 -14.76 -27.17
N ARG D 283 -10.05 -13.75 -27.73
CA ARG D 283 -10.13 -13.64 -29.19
C ARG D 283 -8.75 -13.35 -29.77
N SER D 284 -7.98 -12.47 -29.12
CA SER D 284 -6.64 -12.18 -29.59
C SER D 284 -5.70 -13.36 -29.40
N ILE D 285 -5.91 -14.15 -28.35
CA ILE D 285 -5.18 -15.40 -28.19
C ILE D 285 -5.55 -16.37 -29.31
N GLY D 286 -6.81 -16.35 -29.74
CA GLY D 286 -7.24 -17.16 -30.86
C GLY D 286 -6.67 -16.72 -32.20
N LEU D 287 -6.26 -15.46 -32.32
CA LEU D 287 -5.56 -15.02 -33.53
C LEU D 287 -4.18 -15.64 -33.63
N ARG D 288 -3.55 -15.92 -32.50
CA ARG D 288 -2.30 -16.67 -32.52
C ARG D 288 -2.53 -18.11 -32.93
N GLU D 289 -3.62 -18.70 -32.46
CA GLU D 289 -3.94 -20.09 -32.79
C GLU D 289 -4.38 -20.24 -34.23
N TYR D 290 -4.99 -19.19 -34.81
CA TYR D 290 -5.47 -19.27 -36.18
C TYR D 290 -4.33 -19.18 -37.18
N SER D 291 -3.28 -18.42 -36.85
CA SER D 291 -2.15 -18.30 -37.75
C SER D 291 -1.35 -19.59 -37.83
N ARG D 292 -1.26 -20.34 -36.72
CA ARG D 292 -0.60 -21.64 -36.75
C ARG D 292 -1.43 -22.65 -37.53
N TYR D 293 -2.75 -22.53 -37.44
CA TYR D 293 -3.65 -23.42 -38.17
C TYR D 293 -3.70 -23.09 -39.65
N LEU D 294 -3.34 -21.86 -40.02
CA LEU D 294 -3.43 -21.44 -41.41
C LEU D 294 -2.22 -21.93 -42.23
N SER D 295 -1.03 -21.89 -41.63
CA SER D 295 0.17 -22.30 -42.36
C SER D 295 0.30 -23.82 -42.42
N PHE D 296 -0.43 -24.54 -41.57
CA PHE D 296 -0.39 -25.99 -41.62
C PHE D 296 -1.41 -26.53 -42.63
N ASN D 297 -2.58 -25.91 -42.68
CA ASN D 297 -3.69 -26.40 -43.48
C ASN D 297 -3.66 -25.73 -44.86
N HIS D 298 -4.79 -25.80 -45.60
CA HIS D 298 -5.01 -25.56 -47.03
C HIS D 298 -4.22 -24.45 -47.72
N PRO D 299 -4.12 -23.19 -47.19
CA PRO D 299 -3.31 -22.20 -47.93
C PRO D 299 -1.83 -22.51 -47.81
N SER D 300 -1.41 -22.79 -46.57
CA SER D 300 -0.09 -23.30 -46.15
C SER D 300 1.07 -22.35 -46.40
N SER D 301 0.87 -21.23 -47.09
CA SER D 301 1.93 -20.37 -47.62
C SER D 301 3.01 -21.19 -48.32
N HIS D 302 2.56 -21.82 -49.42
CA HIS D 302 3.02 -23.11 -49.92
C HIS D 302 4.52 -23.37 -50.00
N GLU D 303 5.33 -22.40 -50.46
CA GLU D 303 6.78 -22.56 -50.45
C GLU D 303 7.54 -21.53 -49.63
N ARG D 304 7.00 -20.33 -49.44
CA ARG D 304 7.59 -19.19 -48.74
C ARG D 304 6.48 -18.36 -48.11
N PRO D 305 6.71 -17.70 -46.97
CA PRO D 305 5.75 -16.70 -46.47
C PRO D 305 5.99 -15.29 -47.04
N LEU D 306 5.19 -14.34 -46.51
CA LEU D 306 4.79 -13.10 -47.18
C LEU D 306 4.13 -13.35 -48.53
N LEU D 307 3.09 -14.18 -48.57
CA LEU D 307 2.41 -14.46 -49.82
C LEU D 307 0.87 -14.54 -49.74
N ALA D 308 0.08 -13.48 -50.14
CA ALA D 308 -1.35 -13.59 -50.54
C ALA D 308 -1.84 -12.50 -51.56
N HIS D 309 -1.89 -12.80 -52.90
CA HIS D 309 -2.44 -12.04 -54.08
C HIS D 309 -1.58 -10.89 -54.76
N LEU D 310 -0.28 -10.67 -54.52
CA LEU D 310 0.53 -9.60 -55.26
C LEU D 310 1.87 -10.12 -55.81
N ARG D 311 2.83 -9.16 -55.91
CA ARG D 311 4.26 -9.14 -56.29
C ARG D 311 4.49 -8.91 -57.79
N PHE D 312 3.70 -8.01 -58.38
CA PHE D 312 4.08 -7.26 -59.58
C PHE D 312 4.35 -5.77 -59.38
N PHE D 313 3.69 -5.08 -58.42
CA PHE D 313 3.41 -3.64 -58.43
C PHE D 313 4.67 -2.78 -58.57
N PRO D 314 4.63 -1.72 -59.38
CA PRO D 314 5.87 -1.01 -59.75
C PRO D 314 6.48 -0.19 -58.60
N TRP D 315 7.22 -0.89 -57.75
CA TRP D 315 7.84 -0.27 -56.60
C TRP D 315 9.03 0.58 -57.01
N VAL D 316 9.36 1.57 -56.20
CA VAL D 316 10.60 2.31 -56.37
C VAL D 316 11.73 1.48 -55.77
N VAL D 317 12.88 1.45 -56.46
CA VAL D 317 13.96 0.54 -56.08
C VAL D 317 14.98 1.39 -55.32
N ASP D 318 14.53 2.53 -54.79
CA ASP D 318 15.39 3.49 -54.12
C ASP D 318 15.82 2.94 -52.75
N GLU D 319 17.12 2.70 -52.60
CA GLU D 319 17.65 2.27 -51.31
C GLU D 319 17.67 3.39 -50.28
N SER D 320 17.83 4.64 -50.72
CA SER D 320 17.91 5.74 -49.76
C SER D 320 16.56 6.02 -49.12
N TYR D 321 15.46 5.70 -49.80
CA TYR D 321 14.15 5.73 -49.15
C TYR D 321 14.05 4.65 -48.08
N PHE D 322 14.72 3.51 -48.29
CA PHE D 322 14.80 2.51 -47.23
C PHE D 322 15.78 2.92 -46.15
N LYS D 323 16.67 3.88 -46.44
CA LYS D 323 17.51 4.43 -45.38
C LYS D 323 16.79 5.52 -44.60
N ILE D 324 15.78 6.14 -45.19
CA ILE D 324 15.02 7.18 -44.49
C ILE D 324 13.99 6.56 -43.57
N TRP D 325 13.22 5.59 -44.08
CA TRP D 325 12.16 4.98 -43.29
C TRP D 325 12.71 4.12 -42.16
N ARG D 326 13.87 3.50 -42.35
CA ARG D 326 14.51 2.77 -41.27
C ARG D 326 15.00 3.72 -40.18
N GLN D 327 15.57 4.86 -40.57
CA GLN D 327 16.06 5.84 -39.61
C GLN D 327 14.93 6.67 -39.01
N GLY D 328 14.02 7.15 -39.85
CA GLY D 328 12.91 7.96 -39.38
C GLY D 328 13.05 9.43 -39.73
N ARG D 329 13.61 9.72 -40.91
CA ARG D 329 13.61 11.10 -41.37
C ARG D 329 12.42 11.33 -42.28
N THR D 330 11.22 10.97 -41.84
CA THR D 330 10.09 10.83 -42.75
C THR D 330 9.07 11.95 -42.66
N GLY D 331 9.08 12.75 -41.60
CA GLY D 331 8.15 13.87 -41.52
C GLY D 331 6.77 13.54 -40.99
N TYR D 332 6.21 12.40 -41.41
CA TYR D 332 4.95 11.94 -40.85
C TYR D 332 5.20 11.48 -39.42
N PRO D 333 4.66 12.15 -38.42
CA PRO D 333 5.15 11.95 -37.05
C PRO D 333 4.66 10.67 -36.38
N LEU D 334 3.48 10.18 -36.76
CA LEU D 334 2.99 8.96 -36.14
C LEU D 334 3.74 7.73 -36.62
N VAL D 335 4.15 7.70 -37.89
CA VAL D 335 4.97 6.60 -38.38
C VAL D 335 6.43 6.80 -38.04
N ASP D 336 6.79 7.95 -37.47
CA ASP D 336 8.14 8.27 -37.05
C ASP D 336 8.38 7.92 -35.59
N ALA D 337 7.39 8.14 -34.73
CA ALA D 337 7.49 7.67 -33.36
C ALA D 337 7.42 6.16 -33.28
N GLY D 338 6.67 5.54 -34.19
CA GLY D 338 6.63 4.09 -34.23
C GLY D 338 7.93 3.50 -34.75
N MET D 339 8.60 4.22 -35.64
CA MET D 339 9.87 3.72 -36.16
C MET D 339 11.02 3.94 -35.19
N ARG D 340 10.83 4.80 -34.18
CA ARG D 340 11.84 4.97 -33.14
C ARG D 340 11.63 4.02 -31.97
N GLU D 341 10.39 3.60 -31.70
CA GLU D 341 10.14 2.64 -30.64
C GLU D 341 10.61 1.25 -31.03
N LEU D 342 10.50 0.92 -32.32
CA LEU D 342 10.93 -0.39 -32.80
C LEU D 342 12.43 -0.55 -32.69
N TRP D 343 13.17 0.54 -32.89
CA TRP D 343 14.62 0.46 -32.76
C TRP D 343 15.06 0.53 -31.30
N ALA D 344 14.31 1.22 -30.45
CA ALA D 344 14.75 1.42 -29.08
C ALA D 344 14.36 0.25 -28.18
N THR D 345 13.23 -0.37 -28.46
CA THR D 345 12.71 -1.44 -27.61
C THR D 345 12.69 -2.80 -28.28
N GLY D 346 12.66 -2.86 -29.59
CA GLY D 346 12.40 -4.13 -30.25
C GLY D 346 10.96 -4.54 -30.09
N TRP D 347 10.05 -3.57 -30.06
CA TRP D 347 8.66 -3.81 -29.75
C TRP D 347 7.80 -2.71 -30.34
N LEU D 348 6.64 -3.09 -30.87
CA LEU D 348 5.64 -2.12 -31.28
C LEU D 348 4.25 -2.58 -30.84
N HIS D 349 3.37 -1.61 -30.63
CA HIS D 349 1.96 -1.91 -30.42
C HIS D 349 1.35 -2.42 -31.72
N ASP D 350 0.24 -3.16 -31.60
CA ASP D 350 -0.33 -3.81 -32.77
C ASP D 350 -0.95 -2.80 -33.73
N ARG D 351 -1.58 -1.75 -33.21
CA ARG D 351 -2.08 -0.68 -34.06
C ARG D 351 -0.99 0.24 -34.58
N ILE D 352 0.23 0.15 -34.05
CA ILE D 352 1.32 0.95 -34.58
C ILE D 352 2.10 0.15 -35.62
N ARG D 353 2.06 -1.18 -35.54
CA ARG D 353 2.47 -2.00 -36.68
C ARG D 353 1.50 -1.85 -37.86
N VAL D 354 0.27 -1.43 -37.58
CA VAL D 354 -0.72 -1.12 -38.61
C VAL D 354 -0.29 0.07 -39.45
N VAL D 355 0.11 1.17 -38.81
CA VAL D 355 0.35 2.42 -39.54
C VAL D 355 1.79 2.56 -40.01
N VAL D 356 2.76 1.87 -39.39
CA VAL D 356 4.13 1.94 -39.85
C VAL D 356 4.29 1.11 -41.13
N ALA D 357 3.67 -0.06 -41.17
CA ALA D 357 3.87 -0.95 -42.31
C ALA D 357 2.97 -0.59 -43.48
N SER D 358 1.78 -0.05 -43.23
CA SER D 358 0.92 0.31 -44.35
C SER D 358 1.39 1.60 -45.01
N PHE D 359 2.12 2.44 -44.28
CA PHE D 359 2.77 3.59 -44.90
C PHE D 359 3.93 3.15 -45.78
N PHE D 360 4.52 1.99 -45.49
CA PHE D 360 5.70 1.53 -46.20
C PHE D 360 5.36 1.08 -47.63
N VAL D 361 4.15 0.61 -47.85
CA VAL D 361 3.76 0.06 -49.14
C VAL D 361 2.83 1.01 -49.90
N LYS D 362 1.86 1.60 -49.22
CA LYS D 362 0.83 2.38 -49.91
C LYS D 362 1.24 3.82 -50.15
N VAL D 363 2.28 4.31 -49.49
CA VAL D 363 2.71 5.68 -49.65
C VAL D 363 4.14 5.70 -50.19
N LEU D 364 5.04 5.02 -49.48
CA LEU D 364 6.43 4.97 -49.93
C LEU D 364 6.62 4.08 -51.15
N GLN D 365 5.71 3.12 -51.37
CA GLN D 365 5.69 2.23 -52.54
C GLN D 365 6.98 1.43 -52.68
N LEU D 366 7.39 0.77 -51.61
CA LEU D 366 8.57 -0.06 -51.64
C LEU D 366 8.15 -1.53 -51.68
N PRO D 367 9.03 -2.43 -52.13
CA PRO D 367 8.66 -3.85 -52.14
C PRO D 367 8.50 -4.39 -50.73
N ALA D 368 7.47 -5.21 -50.54
CA ALA D 368 7.11 -5.68 -49.20
C ALA D 368 8.11 -6.66 -48.61
N ARG D 369 8.97 -7.26 -49.45
CA ARG D 369 10.00 -8.14 -48.91
C ARG D 369 11.12 -7.37 -48.24
N TRP D 370 11.22 -6.06 -48.50
CA TRP D 370 12.15 -5.23 -47.76
C TRP D 370 11.59 -4.89 -46.38
N GLY D 371 10.25 -4.85 -46.30
CA GLY D 371 9.59 -4.62 -45.02
C GLY D 371 9.60 -5.83 -44.09
N MET D 372 9.47 -7.04 -44.64
CA MET D 372 9.58 -8.22 -43.79
C MET D 372 11.01 -8.42 -43.30
N LYS D 373 11.98 -8.29 -44.20
CA LYS D 373 13.37 -8.58 -43.85
C LYS D 373 13.93 -7.57 -42.88
N TYR D 374 13.32 -6.38 -42.81
CA TYR D 374 13.67 -5.45 -41.76
C TYR D 374 12.93 -5.76 -40.47
N PHE D 375 11.63 -6.13 -40.56
CA PHE D 375 10.88 -6.51 -39.38
C PHE D 375 11.39 -7.81 -38.78
N TRP D 376 11.87 -8.71 -39.63
CA TRP D 376 12.39 -9.99 -39.15
C TRP D 376 13.67 -9.80 -38.34
N ASP D 377 14.47 -8.80 -38.69
CA ASP D 377 15.79 -8.68 -38.09
C ASP D 377 15.73 -8.00 -36.74
N THR D 378 14.90 -6.95 -36.61
CA THR D 378 14.76 -6.20 -35.35
C THR D 378 13.30 -6.23 -34.91
N LEU D 379 12.95 -7.29 -34.18
CA LEU D 379 11.68 -7.49 -33.50
C LEU D 379 11.83 -8.72 -32.62
N LEU D 380 11.04 -8.80 -31.56
CA LEU D 380 11.16 -9.93 -30.66
C LEU D 380 10.15 -11.02 -30.99
N ASP D 381 8.92 -10.62 -31.32
CA ASP D 381 7.84 -11.55 -31.63
C ASP D 381 7.70 -11.83 -33.13
N ALA D 382 8.86 -12.24 -33.67
CA ALA D 382 9.07 -12.47 -35.09
C ALA D 382 9.01 -13.96 -35.39
N ASP D 383 7.81 -14.47 -35.57
CA ASP D 383 7.61 -15.86 -35.94
C ASP D 383 7.38 -15.98 -37.44
N LEU D 384 7.02 -17.17 -37.86
CA LEU D 384 6.86 -17.42 -39.28
C LEU D 384 5.41 -17.33 -39.71
N GLU D 385 4.47 -17.49 -38.78
CA GLU D 385 3.05 -17.44 -39.11
C GLU D 385 2.47 -16.03 -38.93
N SER D 386 2.62 -15.46 -37.73
CA SER D 386 1.94 -14.21 -37.44
C SER D 386 2.57 -13.03 -38.14
N ASP D 387 3.87 -13.09 -38.41
CA ASP D 387 4.49 -12.09 -39.28
C ASP D 387 4.00 -12.25 -40.70
N ALA D 388 3.70 -13.47 -41.11
CA ALA D 388 3.08 -13.71 -42.40
C ALA D 388 1.58 -13.47 -42.38
N LEU D 389 0.90 -13.73 -41.26
CA LEU D 389 -0.53 -13.46 -41.18
C LEU D 389 -0.80 -11.96 -41.10
N GLY D 390 0.06 -11.23 -40.38
CA GLY D 390 -0.21 -9.82 -40.14
C GLY D 390 0.08 -8.95 -41.35
N TRP D 391 1.21 -9.20 -42.02
CA TRP D 391 1.53 -8.49 -43.25
C TRP D 391 0.51 -8.77 -44.33
N GLN D 392 -0.01 -9.98 -44.36
CA GLN D 392 -1.15 -10.33 -45.19
C GLN D 392 -2.39 -9.52 -44.85
N TYR D 393 -2.62 -9.25 -43.55
CA TYR D 393 -3.85 -8.57 -43.15
C TYR D 393 -3.77 -7.06 -43.33
N ILE D 394 -2.68 -6.43 -42.92
CA ILE D 394 -2.64 -4.97 -42.92
C ILE D 394 -2.47 -4.41 -44.32
N THR D 395 -1.77 -5.12 -45.19
CA THR D 395 -1.50 -4.67 -46.55
C THR D 395 -2.49 -5.34 -47.48
N GLY D 396 -3.27 -6.28 -46.92
CA GLY D 396 -4.69 -6.27 -47.24
C GLY D 396 -5.49 -7.49 -47.68
N SER D 397 -4.98 -8.70 -47.55
CA SER D 397 -5.41 -9.77 -48.45
C SER D 397 -6.39 -10.76 -47.84
N LEU D 398 -6.39 -10.91 -46.54
CA LEU D 398 -7.47 -11.72 -46.01
C LEU D 398 -8.77 -10.99 -46.25
N PRO D 399 -9.86 -11.68 -46.56
CA PRO D 399 -11.21 -11.08 -46.43
C PRO D 399 -11.61 -10.83 -44.97
N ASP D 400 -10.78 -10.07 -44.27
CA ASP D 400 -10.87 -9.76 -42.84
C ASP D 400 -10.90 -8.24 -42.66
N GLY D 401 -10.01 -7.53 -43.36
CA GLY D 401 -10.05 -6.09 -43.35
C GLY D 401 -8.79 -5.48 -43.95
N ARG D 402 -8.73 -4.14 -43.84
CA ARG D 402 -7.58 -3.30 -44.18
C ARG D 402 -7.15 -3.44 -45.65
N GLU D 403 -8.11 -3.15 -46.52
CA GLU D 403 -7.95 -3.29 -47.95
C GLU D 403 -6.98 -2.27 -48.53
N LEU D 404 -6.68 -2.41 -49.82
CA LEU D 404 -5.89 -1.42 -50.53
C LEU D 404 -6.75 -0.26 -51.02
N ASP D 405 -6.17 0.51 -51.97
CA ASP D 405 -6.66 1.82 -52.46
C ASP D 405 -7.11 2.73 -51.32
N ARG D 406 -6.36 2.70 -50.22
CA ARG D 406 -6.74 3.40 -48.99
C ARG D 406 -5.47 3.70 -48.20
N ILE D 407 -5.02 4.96 -48.25
CA ILE D 407 -3.85 5.37 -47.47
C ILE D 407 -4.24 5.57 -46.01
N ASP D 408 -3.21 5.75 -45.17
CA ASP D 408 -3.44 5.81 -43.72
C ASP D 408 -4.15 7.10 -43.31
N ASN D 409 -3.71 8.26 -43.85
CA ASN D 409 -4.23 9.60 -43.55
C ASN D 409 -4.23 9.88 -42.05
N PRO D 410 -3.07 10.24 -41.45
CA PRO D 410 -2.94 10.27 -39.99
C PRO D 410 -3.70 11.39 -39.28
N GLN D 411 -4.53 12.15 -40.00
CA GLN D 411 -5.40 13.13 -39.37
C GLN D 411 -6.43 12.46 -38.48
N PHE D 412 -7.00 11.35 -38.93
CA PHE D 412 -7.95 10.58 -38.13
C PHE D 412 -7.49 9.14 -37.92
N GLU D 413 -6.31 8.77 -38.41
CA GLU D 413 -5.65 7.54 -38.01
C GLU D 413 -4.88 7.69 -36.70
N GLY D 414 -4.93 8.88 -36.09
CA GLY D 414 -4.23 9.12 -34.86
C GLY D 414 -5.16 9.38 -33.69
N TYR D 415 -6.35 9.92 -33.98
CA TYR D 415 -7.33 10.23 -32.95
C TYR D 415 -8.09 9.01 -32.44
N LYS D 416 -7.74 7.82 -32.91
CA LYS D 416 -8.23 6.56 -32.35
C LYS D 416 -7.16 5.82 -31.58
N PHE D 417 -5.88 5.99 -31.97
CA PHE D 417 -4.79 5.25 -31.38
C PHE D 417 -3.94 6.09 -30.42
N ASP D 418 -4.13 7.40 -30.42
CA ASP D 418 -3.32 8.33 -29.65
C ASP D 418 -4.05 9.66 -29.50
N PRO D 419 -4.99 9.76 -28.56
CA PRO D 419 -5.88 10.93 -28.55
C PRO D 419 -5.22 12.22 -28.08
N HIS D 420 -4.36 12.15 -27.06
CA HIS D 420 -3.74 13.35 -26.50
C HIS D 420 -2.35 13.62 -27.04
N GLY D 421 -1.76 12.68 -27.78
CA GLY D 421 -0.42 12.89 -28.26
C GLY D 421 0.65 12.54 -27.26
N GLU D 422 0.36 11.64 -26.32
CA GLU D 422 1.37 11.24 -25.35
C GLU D 422 2.34 10.23 -25.93
N TYR D 423 2.05 9.70 -27.13
CA TYR D 423 2.94 8.75 -27.77
C TYR D 423 3.91 9.43 -28.73
N VAL D 424 3.49 10.52 -29.35
CA VAL D 424 4.38 11.27 -30.23
C VAL D 424 5.39 12.07 -29.43
N ARG D 425 4.92 12.77 -28.39
CA ARG D 425 5.81 13.59 -27.57
C ARG D 425 6.75 12.76 -26.71
N ARG D 426 6.48 11.47 -26.53
CA ARG D 426 7.38 10.61 -25.80
C ARG D 426 8.61 10.26 -26.64
N TRP D 427 8.41 10.06 -27.94
CA TRP D 427 9.47 9.50 -28.79
C TRP D 427 10.11 10.49 -29.74
N ILE D 428 9.44 11.58 -30.11
CA ILE D 428 10.14 12.66 -30.77
C ILE D 428 9.98 13.94 -29.94
N PRO D 429 10.84 14.16 -28.94
CA PRO D 429 10.69 15.31 -28.05
C PRO D 429 11.07 16.64 -28.67
N GLU D 430 11.54 16.65 -29.92
CA GLU D 430 11.72 17.89 -30.67
C GLU D 430 10.40 18.46 -31.18
N LEU D 431 9.29 17.80 -30.89
CA LEU D 431 7.96 18.20 -31.31
C LEU D 431 7.03 18.38 -30.11
N ALA D 432 7.59 18.51 -28.91
CA ALA D 432 6.91 18.44 -27.63
C ALA D 432 6.10 19.66 -27.29
N ARG D 433 5.87 20.66 -28.15
CA ARG D 433 5.08 21.82 -27.76
C ARG D 433 3.97 22.10 -28.77
N LEU D 434 3.67 21.15 -29.63
CA LEU D 434 2.59 21.44 -30.57
C LEU D 434 1.25 21.09 -29.93
N PRO D 435 0.25 21.98 -30.02
CA PRO D 435 -0.92 21.87 -29.15
C PRO D 435 -1.97 20.87 -29.61
N THR D 436 -1.54 19.63 -29.86
CA THR D 436 -2.29 18.37 -30.02
C THR D 436 -3.30 18.35 -31.18
N GLU D 437 -3.40 19.45 -31.92
CA GLU D 437 -4.14 19.46 -33.19
C GLU D 437 -3.22 19.23 -34.37
N TRP D 438 -2.00 19.72 -34.30
CA TRP D 438 -1.02 19.55 -35.37
C TRP D 438 0.16 18.70 -34.91
N ILE D 439 -0.04 17.91 -33.86
CA ILE D 439 0.98 16.95 -33.46
C ILE D 439 1.00 15.74 -34.39
N HIS D 440 -0.10 15.48 -35.10
CA HIS D 440 -0.14 14.38 -36.05
C HIS D 440 0.08 14.85 -37.49
N HIS D 441 0.01 16.15 -37.75
CA HIS D 441 0.35 16.68 -39.06
C HIS D 441 0.97 18.06 -38.94
N PRO D 442 2.29 18.15 -38.75
CA PRO D 442 2.92 19.48 -38.65
C PRO D 442 3.00 20.23 -39.96
N TRP D 443 2.97 19.55 -41.10
CA TRP D 443 3.06 20.25 -42.37
C TRP D 443 1.74 20.90 -42.77
N ASP D 444 0.64 20.49 -42.14
CA ASP D 444 -0.65 21.14 -42.33
C ASP D 444 -0.87 22.30 -41.38
N ALA D 445 0.16 22.72 -40.65
CA ALA D 445 0.00 23.77 -39.65
C ALA D 445 0.34 25.13 -40.24
N PRO D 446 -0.28 26.20 -39.76
CA PRO D 446 0.16 27.54 -40.14
C PRO D 446 1.52 27.87 -39.56
N VAL D 447 2.13 28.92 -40.11
CA VAL D 447 3.50 29.25 -39.76
C VAL D 447 3.60 29.86 -38.37
N SER D 448 2.53 30.52 -37.91
CA SER D 448 2.56 31.20 -36.61
C SER D 448 2.57 30.22 -35.45
N VAL D 449 1.73 29.18 -35.50
CA VAL D 449 1.72 28.17 -34.44
C VAL D 449 2.88 27.20 -34.53
N LEU D 450 3.66 27.24 -35.61
CA LEU D 450 4.87 26.42 -35.71
C LEU D 450 6.09 27.16 -35.20
N GLN D 451 6.19 28.47 -35.46
CA GLN D 451 7.31 29.23 -34.96
C GLN D 451 7.16 29.52 -33.47
N ALA D 452 5.93 29.50 -32.96
CA ALA D 452 5.71 29.64 -31.53
C ALA D 452 6.08 28.37 -30.78
N ALA D 453 5.91 27.21 -31.42
CA ALA D 453 6.29 25.94 -30.81
C ALA D 453 7.75 25.60 -30.99
N GLY D 454 8.50 26.41 -31.73
CA GLY D 454 9.92 26.20 -31.90
C GLY D 454 10.30 25.19 -32.98
N ILE D 455 9.36 24.79 -33.82
CA ILE D 455 9.63 23.83 -34.89
C ILE D 455 9.73 24.62 -36.19
N GLU D 456 10.91 24.61 -36.79
CA GLU D 456 11.13 25.15 -38.13
C GLU D 456 11.35 23.95 -39.05
N LEU D 457 10.39 23.73 -39.96
CA LEU D 457 10.37 22.53 -40.79
C LEU D 457 11.51 22.58 -41.81
N GLY D 458 12.46 21.67 -41.67
CA GLY D 458 13.59 21.61 -42.59
C GLY D 458 14.90 21.51 -41.85
N SER D 459 14.96 22.11 -40.66
CA SER D 459 16.16 22.09 -39.84
C SER D 459 15.93 21.33 -38.54
N ASN D 460 14.86 21.65 -37.80
CA ASN D 460 14.57 20.93 -36.58
C ASN D 460 13.84 19.62 -36.86
N TYR D 461 12.80 19.68 -37.68
CA TYR D 461 12.03 18.50 -38.03
C TYR D 461 11.89 18.43 -39.54
N PRO D 462 12.22 17.30 -40.18
CA PRO D 462 12.29 17.28 -41.64
C PRO D 462 10.93 17.33 -42.30
N LEU D 463 10.94 17.69 -43.58
CA LEU D 463 9.71 17.76 -44.36
C LEU D 463 9.24 16.35 -44.70
N PRO D 464 7.96 16.17 -45.04
CA PRO D 464 7.52 14.89 -45.59
C PRO D 464 8.17 14.62 -46.94
N ILE D 465 8.77 13.43 -47.06
CA ILE D 465 9.50 13.06 -48.28
C ILE D 465 8.53 12.82 -49.43
N VAL D 466 7.33 12.36 -49.10
CA VAL D 466 6.29 12.11 -50.08
C VAL D 466 5.01 12.74 -49.54
N GLU D 467 4.38 13.59 -50.34
CA GLU D 467 3.17 14.26 -49.89
C GLU D 467 2.01 13.30 -49.83
N LEU D 468 0.99 13.67 -49.05
CA LEU D 468 -0.15 12.79 -48.83
C LEU D 468 -1.07 12.77 -50.04
N ASP D 469 -1.31 13.93 -50.65
CA ASP D 469 -2.14 14.01 -51.85
C ASP D 469 -1.42 13.48 -53.08
N ALA D 470 -0.09 13.40 -53.04
CA ALA D 470 0.66 12.79 -54.14
C ALA D 470 0.43 11.28 -54.19
N ALA D 471 0.76 10.59 -53.10
CA ALA D 471 0.62 9.13 -53.04
C ALA D 471 -0.83 8.68 -52.89
N LYS D 472 -1.77 9.60 -52.69
CA LYS D 472 -3.18 9.23 -52.77
C LYS D 472 -3.61 8.98 -54.20
N GLY D 473 -2.89 9.55 -55.17
CA GLY D 473 -3.14 9.30 -56.57
C GLY D 473 -2.03 8.54 -57.24
N ARG D 474 -0.80 8.68 -56.74
CA ARG D 474 0.33 7.95 -57.30
C ARG D 474 0.25 6.46 -56.98
N LEU D 475 -0.44 6.08 -55.92
CA LEU D 475 -0.78 4.67 -55.72
C LEU D 475 -1.73 4.18 -56.78
N GLN D 476 -2.77 4.96 -57.09
CA GLN D 476 -3.77 4.52 -58.06
C GLN D 476 -3.25 4.55 -59.50
N ALA D 477 -2.12 5.22 -59.74
CA ALA D 477 -1.41 5.03 -60.99
C ALA D 477 -0.64 3.71 -61.00
N ALA D 478 -0.28 3.19 -59.83
CA ALA D 478 0.44 1.93 -59.72
C ALA D 478 -0.47 0.75 -59.40
N LEU D 479 -1.61 0.99 -58.75
CA LEU D 479 -2.53 -0.08 -58.39
C LEU D 479 -3.42 -0.48 -59.55
N SER D 480 -3.53 0.37 -60.57
CA SER D 480 -4.22 0.00 -61.80
C SER D 480 -3.43 -0.99 -62.64
N GLU D 481 -2.13 -1.18 -62.35
CA GLU D 481 -1.33 -2.22 -62.99
C GLU D 481 -1.67 -3.61 -62.47
N MET D 482 -2.34 -3.70 -61.30
CA MET D 482 -2.87 -4.98 -60.83
C MET D 482 -4.13 -5.36 -61.58
N TRP D 483 -4.98 -4.38 -61.82
CA TRP D 483 -6.36 -4.55 -62.22
C TRP D 483 -6.52 -4.62 -63.73
N GLN D 484 -5.40 -4.58 -64.46
CA GLN D 484 -5.37 -4.95 -65.86
C GLN D 484 -4.89 -6.39 -66.07
N LEU D 485 -4.18 -6.95 -65.09
CA LEU D 485 -3.59 -8.28 -65.23
C LEU D 485 -4.36 -9.35 -64.47
N GLU D 486 -4.87 -9.05 -63.29
CA GLU D 486 -5.60 -10.03 -62.50
C GLU D 486 -7.07 -10.09 -62.93
PA FAD E . 16.80 22.04 -4.83
O1A FAD E . 17.90 21.05 -4.78
O2A FAD E . 15.41 21.57 -4.48
O5B FAD E . 17.06 23.22 -3.86
C5B FAD E . 15.99 23.82 -3.12
C4B FAD E . 16.05 25.30 -3.35
O4B FAD E . 17.43 25.71 -3.28
C3B FAD E . 15.58 25.75 -4.72
O3B FAD E . 14.22 26.16 -4.59
C2B FAD E . 16.45 26.96 -5.06
O2B FAD E . 15.76 28.18 -4.87
C1B FAD E . 17.63 26.85 -4.08
N9A FAD E . 18.94 26.69 -4.72
C8A FAD E . 19.68 25.54 -4.79
N7A FAD E . 20.82 25.68 -5.42
C5A FAD E . 20.84 27.01 -5.77
C6A FAD E . 21.78 27.80 -6.46
N6A FAD E . 22.93 27.32 -6.93
N1A FAD E . 21.49 29.11 -6.65
C2A FAD E . 20.33 29.59 -6.18
N3A FAD E . 19.36 28.94 -5.52
C4A FAD E . 19.69 27.66 -5.35
N1 FAD E . 17.35 29.54 -9.92
C2 FAD E . 16.16 30.19 -10.10
O2 FAD E . 15.31 30.19 -9.22
N3 FAD E . 15.91 30.86 -11.30
C4 FAD E . 16.80 30.97 -12.35
O4 FAD E . 16.53 31.57 -13.37
C4X FAD E . 18.06 30.26 -12.14
N5 FAD E . 18.91 30.32 -13.09
C5X FAD E . 20.11 29.67 -12.92
C6 FAD E . 21.04 29.72 -13.95
C7 FAD E . 22.27 29.08 -13.85
C7M FAD E . 23.24 29.15 -14.98
C8 FAD E . 22.57 28.37 -12.67
C8M FAD E . 23.89 27.67 -12.51
C9 FAD E . 21.65 28.33 -11.63
C9A FAD E . 20.41 28.96 -11.75
N10 FAD E . 19.44 28.92 -10.73
C10 FAD E . 18.24 29.59 -10.89
C1' FAD E . 19.68 28.20 -9.47
C2' FAD E . 19.40 26.70 -9.53
O2' FAD E . 19.38 26.22 -10.87
C3' FAD E . 18.06 26.38 -8.85
O3' FAD E . 18.36 25.94 -7.55
C4' FAD E . 17.25 25.29 -9.53
O4' FAD E . 15.88 25.70 -9.56
C5' FAD E . 17.35 23.95 -8.83
O5' FAD E . 16.03 23.50 -8.49
P FAD E . 15.79 22.36 -7.43
O1P FAD E . 14.34 22.52 -6.95
O2P FAD E . 16.13 21.05 -7.96
O3P FAD E . 16.76 22.74 -6.25
PA FAD F . -9.63 13.15 23.26
O1A FAD F . -10.96 13.03 22.65
O2A FAD F . -8.43 12.74 22.42
O5B FAD F . -9.33 14.61 23.67
C5B FAD F . -8.01 15.18 23.51
C4B FAD F . -7.62 15.78 24.84
O4B FAD F . -8.76 16.48 25.36
C3B FAD F . -7.24 14.77 25.90
O3B FAD F . -5.83 14.65 25.90
C2B FAD F . -7.71 15.40 27.21
O2B FAD F . -6.63 15.96 27.94
C1B FAD F . -8.71 16.49 26.77
N9A FAD F . -10.06 16.30 27.26
C8A FAD F . -11.14 15.89 26.52
N7A FAD F . -12.25 15.82 27.20
C5A FAD F . -11.88 16.23 28.48
C6A FAD F . -12.62 16.39 29.67
N6A FAD F . -13.92 16.14 29.78
N1A FAD F . -11.94 16.82 30.76
C2A FAD F . -10.64 17.07 30.66
N3A FAD F . -9.85 16.96 29.58
C4A FAD F . -10.54 16.55 28.52
N1 FAD F . -8.45 13.13 32.26
C2 FAD F . -7.17 12.95 32.66
O2 FAD F . -6.23 13.38 31.98
N3 FAD F . -6.89 12.26 33.84
C4 FAD F . -7.85 11.76 34.70
O4 FAD F . -7.55 11.18 35.74
C4X FAD F . -9.21 11.96 34.27
N5 FAD F . -10.14 11.49 35.01
C5X FAD F . -11.44 11.67 34.61
C6 FAD F . -12.46 11.17 35.43
C7 FAD F . -13.80 11.32 35.08
C7M FAD F . -14.86 10.76 35.98
C8 FAD F . -14.14 11.98 33.89
C8M FAD F . -15.57 12.16 33.49
C9 FAD F . -13.12 12.50 33.08
C9A FAD F . -11.78 12.35 33.43
N10 FAD F . -10.72 12.82 32.62
C10 FAD F . -9.42 12.66 33.02
C1' FAD F . -11.00 13.54 31.36
C2' FAD F . -11.24 12.63 30.15
O2' FAD F . -11.59 11.30 30.55
C3' FAD F . -9.99 12.58 29.27
O3' FAD F . -10.21 13.49 28.20
C4' FAD F . -9.69 11.22 28.65
O4' FAD F . -8.29 10.98 28.74
C5' FAD F . -10.13 11.13 27.20
O5' FAD F . -8.99 10.74 26.41
P FAD F . -8.97 10.92 24.84
O1P FAD F . -7.50 10.93 24.43
O2P FAD F . -9.80 9.93 24.17
O3P FAD F . -9.57 12.36 24.63
PA FAD G . -5.29 -26.41 8.41
O1A FAD G . -3.99 -26.31 9.12
O2A FAD G . -5.69 -25.27 7.51
O5B FAD G . -5.35 -27.66 7.51
C5B FAD G . -6.00 -27.62 6.23
C4B FAD G . -6.97 -28.76 6.18
O4B FAD G . -6.33 -29.92 6.73
C3B FAD G . -8.23 -28.56 7.00
O3B FAD G . -9.24 -28.09 6.13
C2B FAD G . -8.58 -29.97 7.51
O2B FAD G . -9.66 -30.53 6.76
C1B FAD G . -7.29 -30.77 7.31
N9A FAD G . -6.72 -31.32 8.53
C8A FAD G . -5.60 -30.86 9.17
N7A FAD G . -5.30 -31.53 10.26
C5A FAD G . -6.27 -32.51 10.31
C6A FAD G . -6.51 -33.57 11.22
N6A FAD G . -5.75 -33.81 12.28
N1A FAD G . -7.58 -34.37 10.98
C2A FAD G . -8.34 -34.13 9.92
N3A FAD G . -8.22 -33.17 9.00
C4A FAD G . -7.15 -32.40 9.25
N1 FAD G . -12.04 -31.60 11.57
C2 FAD G . -13.26 -31.35 10.99
O2 FAD G . -13.34 -30.99 9.82
N3 FAD G . -14.42 -31.49 11.75
C4 FAD G . -14.47 -31.91 13.06
O4 FAD G . -15.52 -32.03 13.67
C4X FAD G . -13.17 -32.17 13.65
N5 FAD G . -13.15 -32.54 14.89
C5X FAD G . -11.93 -32.80 15.47
C6 FAD G . -11.91 -33.20 16.79
C7 FAD G . -10.71 -33.46 17.44
C7M FAD G . -10.73 -33.91 18.88
C8 FAD G . -9.50 -33.32 16.75
C8M FAD G . -8.19 -33.60 17.40
C9 FAD G . -9.53 -32.93 15.41
C9A FAD G . -10.73 -32.65 14.77
N10 FAD G . -10.79 -32.21 13.42
C10 FAD G . -12.01 -31.99 12.83
C1' FAD G . -9.57 -32.05 12.61
C2' FAD G . -8.86 -30.70 12.81
O2' FAD G . -9.26 -30.06 14.02
C3' FAD G . -9.16 -29.79 11.63
O3' FAD G . -8.05 -29.86 10.75
C4' FAD G . -9.34 -28.31 11.99
O4' FAD G . -10.46 -27.80 11.24
C5' FAD G . -8.13 -27.48 11.70
O5' FAD G . -8.50 -26.38 10.83
P FAD G . -7.43 -25.55 10.04
O1P FAD G . -8.17 -24.90 8.87
O2P FAD G . -6.69 -24.64 10.90
O3P FAD G . -6.46 -26.66 9.46
PA FAD H . -2.05 -8.72 -26.80
O1A FAD H . -3.11 -7.70 -26.92
O2A FAD H . -1.46 -8.96 -25.43
O5B FAD H . -2.54 -10.11 -27.26
C5B FAD H . -2.13 -11.31 -26.57
C4B FAD H . -1.60 -12.27 -27.62
O4B FAD H . -2.46 -12.23 -28.76
C3B FAD H . -0.22 -11.90 -28.15
O3B FAD H . 0.74 -12.67 -27.43
C2B FAD H . -0.26 -12.35 -29.61
O2B FAD H . 0.44 -13.58 -29.79
C1B FAD H . -1.74 -12.53 -29.92
N9A FAD H . -2.24 -11.66 -30.98
C8A FAD H . -3.04 -10.55 -30.81
N7A FAD H . -3.36 -9.96 -31.94
C5A FAD H . -2.75 -10.74 -32.91
C6A FAD H . -2.71 -10.65 -34.32
N6A FAD H . -3.33 -9.69 -35.01
N1A FAD H . -2.01 -11.58 -34.98
C2A FAD H . -1.39 -12.55 -34.28
N3A FAD H . -1.36 -12.74 -32.96
C4A FAD H . -2.07 -11.80 -32.33
N1 FAD H . 3.14 -11.09 -33.87
C2 FAD H . 4.26 -11.80 -33.53
O2 FAD H . 4.25 -12.57 -32.57
N3 FAD H . 5.43 -11.65 -34.29
C4 FAD H . 5.55 -10.85 -35.39
O4 FAD H . 6.60 -10.76 -36.02
C4X FAD H . 4.36 -10.10 -35.73
N5 FAD H . 4.42 -9.32 -36.75
C5X FAD H . 3.29 -8.61 -37.09
C6 FAD H . 3.37 -7.76 -38.20
C7 FAD H . 2.27 -7.01 -38.58
C7M FAD H . 2.39 -6.11 -39.79
C8 FAD H . 1.07 -7.10 -37.87
C8M FAD H . -0.14 -6.31 -38.27
C9 FAD H . 1.00 -7.96 -36.76
C9A FAD H . 2.10 -8.70 -36.37
N10 FAD H . 2.08 -9.56 -35.25
C10 FAD H . 3.19 -10.29 -34.91
C1' FAD H . 0.86 -9.72 -34.43
C2' FAD H . 0.65 -8.63 -33.37
O2' FAD H . 1.44 -7.47 -33.65
C3' FAD H . 1.03 -9.18 -32.00
O3' FAD H . -0.18 -9.56 -31.35
C4' FAD H . 1.73 -8.18 -31.07
O4' FAD H . 2.80 -8.85 -30.42
C5' FAD H . 0.80 -7.58 -30.05
O5' FAD H . 1.35 -7.81 -28.74
P FAD H . 0.49 -7.67 -27.43
O1P FAD H . 1.19 -8.49 -26.35
O2P FAD H . 0.23 -6.28 -27.10
O3P FAD H . -0.87 -8.40 -27.80
#